data_3IEC
#
_entry.id   3IEC
#
_cell.length_a   93.466
_cell.length_b   93.256
_cell.length_c   113.955
_cell.angle_alpha   90.000
_cell.angle_beta   100.940
_cell.angle_gamma   90.000
#
_symmetry.space_group_name_H-M   'P 1 21 1'
#
loop_
_entity.id
_entity.type
_entity.pdbx_description
1 polymer 'Serine/threonine-protein kinase MARK2'
2 polymer 'Cytotoxicity-associated immunodominant antigen'
3 water water
#
loop_
_entity_poly.entity_id
_entity_poly.type
_entity_poly.pdbx_seq_one_letter_code
_entity_poly.pdbx_strand_id
1 'polypeptide(L)'
;MADLHIGNYRLLKTIGKGNFAKVKLARHILTGKEVAVKIIDKTQLNSSSLQKLFREVRIMKVLNHPNIVKLFEVIETEKT
LYLVMEYASGGEVFDYLVAHGWMKEKEARAKFRQIVSAVQYCHQKFIVHRDLKAENLLLDADMNIKIADFGFSNEFTFGN
KLDTFCGSPPYAAPELFQGKKYDGPEVDVWSLGVILYTLVSGSLPFDGQNLKELRERVLRGKYRIPFYMSTDCENLLKKF
LILNPSKRGTLEQIMKDRWMNVGHEDDELKPYVEPLPDYKDPRRTELMVSMGYTREEIQDSLVGQRYNEVMATYLLLGY
;
A,B,C,D
2 'polypeptide(L)'
;GPVDNNNNNGLKNSTEPIYAKVNKKKTGQVASPEEPIYTQVAKKVNAKIDRLNQIASGLGGVGQAAGFPLKRHDKVDDLS
KVGLSASPEPIYATIDDLGGPFPLKRHDKVDDLSKVGRSRNQELA
;
E,F,G,H
#
# COMPACT_ATOMS: atom_id res chain seq x y z
N HIS A 5 33.24 18.96 -39.77
CA HIS A 5 32.10 18.41 -40.56
C HIS A 5 31.92 16.87 -40.48
N ILE A 6 30.70 16.41 -40.16
CA ILE A 6 30.38 14.96 -40.11
C ILE A 6 28.94 14.66 -40.54
N GLY A 7 28.78 13.73 -41.47
CA GLY A 7 27.47 13.44 -42.09
C GLY A 7 26.78 14.75 -42.46
N ASN A 8 25.52 14.88 -42.05
CA ASN A 8 24.76 16.09 -42.31
C ASN A 8 24.96 17.21 -41.28
N TYR A 9 26.06 17.17 -40.53
CA TYR A 9 26.33 18.15 -39.46
C TYR A 9 27.58 18.98 -39.73
N ARG A 10 27.47 20.30 -39.58
CA ARG A 10 28.65 21.17 -39.50
C ARG A 10 29.00 21.30 -38.05
N LEU A 11 30.21 20.88 -37.70
CA LEU A 11 30.67 20.92 -36.31
C LEU A 11 31.17 22.32 -36.02
N LEU A 12 30.79 22.82 -34.86
CA LEU A 12 31.12 24.15 -34.42
C LEU A 12 31.93 24.00 -33.13
N LYS A 13 31.72 24.90 -32.16
CA LYS A 13 32.58 24.99 -30.97
C LYS A 13 32.44 23.79 -30.03
N THR A 14 33.52 23.46 -29.32
CA THR A 14 33.48 22.46 -28.26
C THR A 14 32.64 22.99 -27.11
N ILE A 15 31.78 22.14 -26.54
CA ILE A 15 31.00 22.49 -25.34
C ILE A 15 31.15 21.46 -24.19
N GLY A 16 32.10 20.53 -24.31
CA GLY A 16 32.28 19.49 -23.26
C GLY A 16 33.28 18.42 -23.64
N ALA A 21 35.60 11.70 -24.32
CA ALA A 21 34.79 12.16 -25.46
C ALA A 21 34.47 13.67 -25.43
N LYS A 22 34.80 14.32 -26.54
CA LYS A 22 34.45 15.73 -26.79
C LYS A 22 32.96 15.83 -27.19
N VAL A 23 32.28 16.86 -26.70
CA VAL A 23 30.95 17.22 -27.17
C VAL A 23 31.07 18.53 -27.94
N LYS A 24 30.59 18.54 -29.17
CA LYS A 24 30.62 19.74 -29.97
C LYS A 24 29.21 20.17 -30.38
N LEU A 25 28.93 21.46 -30.19
CA LEU A 25 27.78 22.09 -30.79
C LEU A 25 27.88 21.96 -32.32
N ALA A 26 26.76 21.66 -32.97
CA ALA A 26 26.75 21.51 -34.43
C ALA A 26 25.46 22.00 -35.00
N ARG A 27 25.47 22.24 -36.31
CA ARG A 27 24.25 22.54 -37.02
C ARG A 27 23.95 21.50 -38.07
N HIS A 28 22.71 21.01 -38.04
CA HIS A 28 22.22 20.09 -39.06
C HIS A 28 22.01 20.90 -40.31
N ILE A 29 22.68 20.48 -41.37
CA ILE A 29 22.78 21.26 -42.58
C ILE A 29 21.43 21.36 -43.30
N LEU A 30 20.68 20.28 -43.31
CA LEU A 30 19.42 20.27 -44.05
C LEU A 30 18.32 21.04 -43.34
N THR A 31 18.29 21.02 -42.02
CA THR A 31 17.19 21.64 -41.28
C THR A 31 17.59 22.93 -40.62
N GLY A 32 18.89 23.22 -40.59
CA GLY A 32 19.44 24.33 -39.83
C GLY A 32 19.32 24.22 -38.32
N LYS A 33 18.94 23.06 -37.78
CA LYS A 33 18.78 22.93 -36.33
C LYS A 33 20.09 22.70 -35.56
N GLU A 34 20.15 23.28 -34.36
CA GLU A 34 21.31 23.19 -33.49
C GLU A 34 21.21 21.89 -32.70
N VAL A 35 22.33 21.17 -32.57
CA VAL A 35 22.36 19.93 -31.81
C VAL A 35 23.69 19.82 -31.08
N ALA A 36 23.80 18.88 -30.15
CA ALA A 36 25.06 18.59 -29.45
C ALA A 36 25.53 17.23 -29.89
N VAL A 37 26.75 17.15 -30.40
CA VAL A 37 27.28 15.91 -30.91
C VAL A 37 28.36 15.36 -30.02
N LYS A 38 28.14 14.17 -29.52
CA LYS A 38 29.14 13.47 -28.72
C LYS A 38 30.06 12.69 -29.66
N ILE A 39 31.37 12.93 -29.57
CA ILE A 39 32.36 12.27 -30.38
C ILE A 39 33.16 11.32 -29.49
N ILE A 40 33.08 10.02 -29.77
CA ILE A 40 33.61 8.98 -28.89
C ILE A 40 34.61 8.12 -29.63
N ASP A 41 35.88 8.14 -29.19
CA ASP A 41 36.93 7.32 -29.80
C ASP A 41 36.70 5.87 -29.41
N LYS A 42 36.39 5.00 -30.37
CA LYS A 42 36.21 3.57 -30.04
C LYS A 42 37.59 2.88 -29.85
N THR A 43 38.54 3.15 -30.73
CA THR A 43 39.84 2.46 -30.69
C THR A 43 40.30 2.18 -29.26
N GLN A 44 40.34 3.22 -28.45
CA GLN A 44 40.93 3.11 -27.13
C GLN A 44 39.95 2.67 -26.01
N LEU A 45 38.84 2.03 -26.38
CA LEU A 45 37.97 1.38 -25.37
C LEU A 45 38.29 -0.11 -25.22
N ASN A 46 38.04 -0.67 -24.04
CA ASN A 46 38.20 -2.11 -23.84
C ASN A 46 36.85 -2.77 -24.00
N SER A 47 36.84 -4.10 -24.00
CA SER A 47 35.65 -4.86 -24.35
C SER A 47 34.48 -4.48 -23.47
N SER A 48 34.74 -4.45 -22.17
CA SER A 48 33.78 -4.04 -21.16
C SER A 48 33.20 -2.69 -21.45
N SER A 49 34.05 -1.71 -21.70
CA SER A 49 33.61 -0.35 -22.08
C SER A 49 32.74 -0.33 -23.34
N LEU A 50 33.21 -1.03 -24.35
CA LEU A 50 32.51 -1.13 -25.63
C LEU A 50 31.11 -1.68 -25.41
N GLN A 51 31.04 -2.76 -24.65
CA GLN A 51 29.78 -3.38 -24.30
C GLN A 51 28.82 -2.39 -23.63
N LYS A 52 29.34 -1.62 -22.67
CA LYS A 52 28.48 -0.66 -21.93
C LYS A 52 28.06 0.48 -22.85
N LEU A 53 28.87 0.76 -23.86
CA LEU A 53 28.55 1.84 -24.77
C LEU A 53 27.39 1.44 -25.66
N PHE A 54 27.42 0.20 -26.19
CA PHE A 54 26.29 -0.29 -26.97
C PHE A 54 24.98 -0.30 -26.11
N ARG A 55 25.11 -0.71 -24.86
CA ARG A 55 23.99 -0.71 -23.93
C ARG A 55 23.45 0.69 -23.72
N GLU A 56 24.33 1.65 -23.46
CA GLU A 56 23.88 3.02 -23.29
C GLU A 56 23.10 3.53 -24.51
N VAL A 57 23.60 3.22 -25.71
CA VAL A 57 22.95 3.69 -26.92
C VAL A 57 21.56 3.03 -27.04
N ARG A 58 21.48 1.73 -26.77
CA ARG A 58 20.21 0.97 -26.87
C ARG A 58 19.17 1.61 -25.92
N ILE A 59 19.63 1.97 -24.72
CA ILE A 59 18.77 2.59 -23.72
C ILE A 59 18.29 3.94 -24.17
N MET A 60 19.18 4.79 -24.69
CA MET A 60 18.79 6.12 -25.14
C MET A 60 17.76 6.07 -26.24
N LYS A 61 17.86 5.06 -27.10
CA LYS A 61 16.94 4.95 -28.23
C LYS A 61 15.50 4.65 -27.76
N VAL A 62 15.40 3.90 -26.68
CA VAL A 62 14.07 3.53 -26.12
C VAL A 62 13.30 4.72 -25.45
N LEU A 63 14.02 5.70 -24.93
CA LEU A 63 13.42 6.78 -24.08
C LEU A 63 12.95 7.96 -24.91
N ASN A 64 11.68 8.30 -24.81
CA ASN A 64 11.11 9.43 -25.52
C ASN A 64 10.19 10.19 -24.56
N HIS A 65 10.77 11.20 -23.89
CA HIS A 65 10.11 11.99 -22.84
C HIS A 65 10.61 13.43 -22.95
N PRO A 66 9.69 14.42 -22.78
CA PRO A 66 10.06 15.81 -22.93
C PRO A 66 11.11 16.34 -21.95
N ASN A 67 11.35 15.65 -20.84
CA ASN A 67 12.38 16.05 -19.89
C ASN A 67 13.56 15.06 -19.82
N ILE A 68 13.79 14.38 -20.95
CA ILE A 68 14.97 13.51 -21.14
C ILE A 68 15.64 13.93 -22.44
N VAL A 69 16.92 14.20 -22.37
CA VAL A 69 17.69 14.51 -23.57
C VAL A 69 17.42 13.48 -24.71
N LYS A 70 16.97 13.99 -25.83
CA LYS A 70 16.60 13.17 -26.98
C LYS A 70 17.86 12.83 -27.77
N LEU A 71 18.00 11.55 -28.14
CA LEU A 71 18.95 11.10 -29.19
C LEU A 71 18.33 11.32 -30.61
N PHE A 72 19.02 12.03 -31.49
CA PHE A 72 18.53 12.17 -32.91
C PHE A 72 19.15 11.22 -33.92
N GLU A 73 20.43 10.92 -33.77
CA GLU A 73 21.15 10.16 -34.80
C GLU A 73 22.37 9.48 -34.22
N VAL A 74 22.64 8.29 -34.72
CA VAL A 74 23.86 7.56 -34.39
C VAL A 74 24.65 7.43 -35.68
N ILE A 75 25.89 7.93 -35.68
CA ILE A 75 26.80 7.78 -36.82
C ILE A 75 28.00 6.93 -36.40
N GLU A 76 28.29 5.88 -37.18
CA GLU A 76 29.44 5.00 -36.92
C GLU A 76 30.47 4.98 -38.04
N THR A 77 31.72 5.06 -37.62
CA THR A 77 32.85 4.79 -38.48
C THR A 77 33.72 3.80 -37.72
N GLU A 78 34.77 3.31 -38.38
CA GLU A 78 35.68 2.31 -37.80
C GLU A 78 36.14 2.77 -36.45
N LYS A 79 36.57 4.02 -36.37
CA LYS A 79 37.26 4.52 -35.19
C LYS A 79 36.44 5.39 -34.26
N THR A 80 35.28 5.86 -34.70
CA THR A 80 34.53 6.88 -33.97
C THR A 80 33.03 6.59 -33.99
N LEU A 81 32.41 6.77 -32.84
CA LEU A 81 30.96 6.75 -32.72
C LEU A 81 30.51 8.19 -32.45
N TYR A 82 29.59 8.69 -33.26
CA TYR A 82 28.99 10.00 -33.03
C TYR A 82 27.52 9.86 -32.58
N LEU A 83 27.20 10.39 -31.40
CA LEU A 83 25.80 10.46 -30.91
C LEU A 83 25.31 11.91 -31.01
N VAL A 84 24.35 12.14 -31.89
CA VAL A 84 23.74 13.46 -32.10
C VAL A 84 22.53 13.62 -31.11
N MET A 85 22.68 14.57 -30.19
CA MET A 85 21.78 14.75 -29.03
C MET A 85 21.12 16.10 -29.10
N GLU A 86 19.96 16.16 -28.48
CA GLU A 86 19.32 17.42 -28.19
C GLU A 86 20.29 18.33 -27.42
N TYR A 87 20.31 19.61 -27.74
CA TYR A 87 21.22 20.55 -27.06
C TYR A 87 20.48 21.31 -25.97
N ALA A 88 20.98 21.26 -24.74
CA ALA A 88 20.36 21.98 -23.63
C ALA A 88 21.20 23.21 -23.28
N SER A 89 20.77 24.36 -23.79
CA SER A 89 21.61 25.54 -23.70
C SER A 89 21.68 26.17 -22.33
N GLY A 90 20.76 25.84 -21.42
CA GLY A 90 20.83 26.37 -20.04
C GLY A 90 21.90 25.73 -19.14
N GLY A 91 22.61 24.71 -19.62
CA GLY A 91 23.65 24.08 -18.82
C GLY A 91 23.11 23.15 -17.72
N GLU A 92 23.95 22.84 -16.74
CA GLU A 92 23.59 21.89 -15.69
C GLU A 92 22.86 22.61 -14.53
N VAL A 93 21.94 21.89 -13.89
CA VAL A 93 21.30 22.38 -12.67
C VAL A 93 22.36 22.64 -11.60
N PHE A 94 23.39 21.80 -11.56
CA PHE A 94 24.52 22.04 -10.69
C PHE A 94 25.03 23.48 -10.78
N ASP A 95 25.35 23.94 -11.97
CA ASP A 95 25.95 25.29 -12.12
C ASP A 95 24.89 26.36 -11.93
N TYR A 96 23.64 26.02 -12.16
CA TYR A 96 22.55 26.94 -11.86
C TYR A 96 22.41 27.16 -10.36
N LEU A 97 22.50 26.09 -9.60
CA LEU A 97 22.45 26.17 -8.16
C LEU A 97 23.61 26.98 -7.59
N VAL A 98 24.83 26.79 -8.11
CA VAL A 98 25.99 27.53 -7.67
C VAL A 98 25.76 29.03 -7.98
N ALA A 99 25.26 29.35 -9.17
CA ALA A 99 24.97 30.74 -9.56
C ALA A 99 23.84 31.38 -8.74
N HIS A 100 22.77 30.63 -8.41
CA HIS A 100 21.61 31.23 -7.76
C HIS A 100 21.46 30.85 -6.29
N GLY A 101 22.34 29.98 -5.78
CA GLY A 101 22.27 29.52 -4.40
C GLY A 101 21.32 28.36 -4.20
N TRP A 102 20.03 28.62 -4.40
CA TRP A 102 19.00 27.61 -4.29
C TRP A 102 17.76 27.99 -5.10
N MET A 103 16.78 27.10 -5.08
CA MET A 103 15.46 27.39 -5.63
C MET A 103 14.43 27.54 -4.53
N LYS A 104 13.59 28.56 -4.64
CA LYS A 104 12.39 28.69 -3.80
C LYS A 104 11.54 27.48 -4.09
N GLU A 105 10.70 27.08 -3.15
CA GLU A 105 9.98 25.83 -3.25
C GLU A 105 9.12 25.74 -4.52
N LYS A 106 8.53 26.86 -4.92
CA LYS A 106 7.76 26.92 -6.16
C LYS A 106 8.59 26.60 -7.39
N GLU A 107 9.80 27.15 -7.51
CA GLU A 107 10.66 26.82 -8.62
C GLU A 107 11.14 25.39 -8.48
N ALA A 108 11.58 25.00 -7.28
CA ALA A 108 11.99 23.62 -7.07
C ALA A 108 10.92 22.64 -7.45
N ARG A 109 9.67 22.96 -7.17
CA ARG A 109 8.57 22.07 -7.51
C ARG A 109 8.42 22.00 -9.04
N ALA A 110 8.59 23.13 -9.74
CA ALA A 110 8.46 23.11 -11.22
C ALA A 110 9.48 22.15 -11.81
N LYS A 111 10.73 22.24 -11.36
CA LYS A 111 11.79 21.32 -11.82
C LYS A 111 11.50 19.91 -11.38
N PHE A 112 11.07 19.74 -10.13
CA PHE A 112 10.98 18.41 -9.56
C PHE A 112 9.82 17.57 -10.07
N ARG A 113 8.68 18.22 -10.42
CA ARG A 113 7.63 17.55 -11.16
C ARG A 113 8.14 16.98 -12.53
N GLN A 114 8.97 17.74 -13.24
CA GLN A 114 9.56 17.28 -14.53
C GLN A 114 10.58 16.20 -14.30
N ILE A 115 11.42 16.35 -13.28
CA ILE A 115 12.36 15.28 -12.92
C ILE A 115 11.66 13.96 -12.59
N VAL A 116 10.63 14.03 -11.77
CA VAL A 116 9.95 12.84 -11.28
C VAL A 116 9.17 12.18 -12.43
N SER A 117 8.58 12.98 -13.30
CA SER A 117 7.88 12.42 -14.42
C SER A 117 8.87 11.60 -15.27
N ALA A 118 10.01 12.19 -15.53
CA ALA A 118 11.02 11.62 -16.41
C ALA A 118 11.54 10.31 -15.84
N VAL A 119 11.85 10.30 -14.53
CA VAL A 119 12.41 9.11 -13.94
C VAL A 119 11.35 8.04 -13.78
N GLN A 120 10.13 8.42 -13.40
CA GLN A 120 9.07 7.42 -13.29
C GLN A 120 8.83 6.79 -14.69
N TYR A 121 8.91 7.62 -15.74
CA TYR A 121 8.81 7.09 -17.10
C TYR A 121 9.98 6.14 -17.44
N CYS A 122 11.22 6.46 -17.09
CA CYS A 122 12.29 5.47 -17.24
C CYS A 122 11.92 4.14 -16.64
N HIS A 123 11.39 4.22 -15.41
CA HIS A 123 10.99 2.99 -14.72
C HIS A 123 9.88 2.24 -15.40
N GLN A 124 8.93 2.96 -16.01
CA GLN A 124 7.87 2.34 -16.81
C GLN A 124 8.47 1.51 -17.98
N LYS A 125 9.55 2.04 -18.56
CA LYS A 125 10.26 1.42 -19.68
C LYS A 125 11.27 0.42 -19.16
N PHE A 126 11.25 0.14 -17.85
CA PHE A 126 12.10 -0.86 -17.20
C PHE A 126 13.61 -0.49 -17.27
N ILE A 127 13.87 0.81 -17.20
CA ILE A 127 15.22 1.34 -17.13
C ILE A 127 15.46 2.06 -15.77
N VAL A 128 16.49 1.66 -15.03
CA VAL A 128 17.03 2.44 -13.93
C VAL A 128 18.21 3.33 -14.38
N HIS A 129 18.24 4.56 -13.87
CA HIS A 129 19.22 5.54 -14.36
C HIS A 129 20.58 5.34 -13.71
N ARG A 130 20.55 5.30 -12.39
CA ARG A 130 21.69 5.04 -11.51
C ARG A 130 22.72 6.13 -11.37
N ASP A 131 22.59 7.26 -12.05
CA ASP A 131 23.48 8.41 -11.76
C ASP A 131 22.74 9.75 -11.73
N LEU A 132 21.58 9.73 -11.11
CA LEU A 132 20.78 10.92 -10.96
C LEU A 132 21.51 11.83 -10.01
N LYS A 133 21.79 13.04 -10.46
CA LYS A 133 22.53 14.00 -9.68
C LYS A 133 22.37 15.36 -10.32
N ALA A 134 22.70 16.43 -9.61
CA ALA A 134 22.50 17.80 -10.20
C ALA A 134 23.23 17.98 -11.55
N GLU A 135 24.45 17.47 -11.67
CA GLU A 135 25.24 17.61 -12.92
C GLU A 135 24.58 16.94 -14.09
N ASN A 136 23.76 15.92 -13.86
CA ASN A 136 23.04 15.22 -14.93
C ASN A 136 21.62 15.73 -15.21
N LEU A 137 21.24 16.82 -14.56
CA LEU A 137 19.97 17.43 -14.84
C LEU A 137 20.33 18.67 -15.62
N LEU A 138 20.02 18.68 -16.91
CA LEU A 138 20.29 19.84 -17.74
C LEU A 138 19.05 20.73 -17.87
N LEU A 139 19.27 21.94 -18.36
CA LEU A 139 18.22 22.92 -18.59
C LEU A 139 18.24 23.40 -20.04
N ASP A 140 17.11 23.35 -20.71
CA ASP A 140 17.04 23.84 -22.08
C ASP A 140 16.81 25.34 -22.10
N ALA A 141 16.57 25.93 -23.26
CA ALA A 141 16.48 27.38 -23.38
C ALA A 141 15.28 27.92 -22.67
N ASP A 142 14.22 27.12 -22.54
CA ASP A 142 13.00 27.53 -21.81
C ASP A 142 13.02 27.10 -20.32
N MET A 143 14.20 26.73 -19.81
CA MET A 143 14.41 26.39 -18.41
C MET A 143 13.68 25.12 -17.93
N ASN A 144 13.38 24.26 -18.90
CA ASN A 144 12.92 22.91 -18.65
C ASN A 144 14.03 21.92 -18.46
N ILE A 145 13.75 20.98 -17.56
CA ILE A 145 14.67 19.92 -17.24
C ILE A 145 14.85 18.94 -18.42
N LYS A 146 16.09 18.57 -18.68
CA LYS A 146 16.42 17.49 -19.58
C LYS A 146 17.42 16.57 -18.91
N ILE A 147 16.98 15.38 -18.51
CA ILE A 147 17.85 14.41 -17.88
C ILE A 147 18.84 13.82 -18.91
N ALA A 148 20.12 13.74 -18.51
CA ALA A 148 21.22 13.29 -19.35
C ALA A 148 21.98 12.18 -18.65
N ASP A 149 22.97 11.64 -19.40
CA ASP A 149 23.96 10.69 -18.92
C ASP A 149 23.39 9.36 -18.43
N PHE A 150 23.07 8.51 -19.40
CA PHE A 150 22.64 7.14 -19.13
C PHE A 150 23.78 6.12 -19.10
N GLY A 151 24.97 6.59 -18.80
CA GLY A 151 26.18 5.73 -18.75
C GLY A 151 26.23 4.65 -17.67
N PHE A 152 25.46 4.86 -16.59
CA PHE A 152 25.35 3.82 -15.58
C PHE A 152 24.01 3.10 -15.64
N SER A 153 23.16 3.46 -16.58
CA SER A 153 21.84 2.91 -16.61
C SER A 153 21.86 1.45 -17.01
N ASN A 154 20.83 0.73 -16.57
CA ASN A 154 20.53 -0.57 -17.10
C ASN A 154 19.06 -0.88 -17.13
N GLU A 155 18.73 -1.88 -17.96
CA GLU A 155 17.43 -2.49 -17.94
C GLU A 155 17.31 -3.28 -16.66
N PHE A 156 16.08 -3.44 -16.18
CA PHE A 156 15.82 -4.33 -15.05
C PHE A 156 14.55 -5.14 -15.23
N THR A 157 14.44 -6.21 -14.45
CA THR A 157 13.18 -6.95 -14.29
C THR A 157 12.88 -7.07 -12.79
N PHE A 158 11.60 -7.28 -12.44
CA PHE A 158 11.25 -7.36 -11.00
C PHE A 158 11.70 -8.69 -10.43
N GLY A 159 11.69 -9.73 -11.26
CA GLY A 159 12.31 -10.99 -10.89
C GLY A 159 13.85 -10.98 -10.80
N ASN A 160 14.47 -9.81 -10.63
CA ASN A 160 15.94 -9.73 -10.60
C ASN A 160 16.48 -8.54 -9.85
N LYS A 161 17.05 -8.81 -8.69
CA LYS A 161 17.90 -7.83 -8.03
C LYS A 161 19.16 -7.61 -8.88
N LEU A 162 19.73 -6.41 -8.76
CA LEU A 162 20.84 -5.98 -9.58
C LEU A 162 22.09 -6.11 -8.73
N ASP A 163 23.21 -6.06 -9.39
CA ASP A 163 24.43 -6.63 -8.88
C ASP A 163 25.59 -5.65 -8.76
N THR A 164 25.52 -4.55 -9.49
CA THR A 164 26.66 -3.67 -9.67
C THR A 164 26.40 -2.34 -8.95
N PHE A 165 27.38 -1.91 -8.16
CA PHE A 165 27.17 -0.92 -7.11
C PHE A 165 27.69 0.45 -7.54
N CYS A 166 27.24 0.89 -8.70
CA CYS A 166 27.73 2.11 -9.28
C CYS A 166 26.82 3.30 -8.89
N GLY A 167 27.44 4.47 -8.72
CA GLY A 167 26.73 5.72 -8.50
C GLY A 167 27.73 6.82 -8.22
N SER A 168 27.23 7.94 -7.69
CA SER A 168 28.05 9.01 -7.16
C SER A 168 27.75 9.12 -5.68
N PRO A 169 28.79 9.09 -4.82
CA PRO A 169 28.61 8.92 -3.40
C PRO A 169 27.52 9.76 -2.72
N PRO A 170 27.50 11.09 -2.93
CA PRO A 170 26.51 11.84 -2.14
C PRO A 170 25.04 11.52 -2.48
N TYR A 171 24.82 10.96 -3.67
CA TYR A 171 23.50 10.60 -4.16
C TYR A 171 23.17 9.09 -4.06
N ALA A 172 24.13 8.29 -3.60
CA ALA A 172 24.04 6.84 -3.71
C ALA A 172 23.27 6.24 -2.54
N ALA A 173 22.32 5.36 -2.83
CA ALA A 173 21.55 4.68 -1.81
C ALA A 173 22.48 3.81 -0.98
N PRO A 174 22.24 3.74 0.34
CA PRO A 174 23.13 3.03 1.29
C PRO A 174 23.30 1.55 0.97
N GLU A 175 22.30 0.93 0.36
CA GLU A 175 22.46 -0.46 -0.08
C GLU A 175 23.60 -0.57 -1.10
N LEU A 176 23.83 0.47 -1.88
CA LEU A 176 24.94 0.44 -2.85
C LEU A 176 26.31 0.50 -2.14
N PHE A 177 26.45 1.30 -1.09
CA PHE A 177 27.71 1.32 -0.33
C PHE A 177 27.93 -0.03 0.36
N GLN A 178 26.84 -0.73 0.66
CA GLN A 178 26.92 -2.03 1.26
C GLN A 178 27.11 -3.03 0.13
N GLY A 179 27.08 -4.31 0.43
CA GLY A 179 27.32 -5.24 -0.69
C GLY A 179 26.04 -5.66 -1.38
N LYS A 180 24.94 -4.90 -1.23
CA LYS A 180 23.65 -5.58 -1.23
C LYS A 180 22.92 -5.57 -2.53
N LYS A 181 22.76 -6.76 -3.11
CA LYS A 181 21.90 -6.95 -4.27
C LYS A 181 20.60 -6.17 -4.03
N TYR A 182 20.16 -5.46 -5.06
CA TYR A 182 19.15 -4.43 -4.83
C TYR A 182 18.11 -4.38 -5.92
N ASP A 183 16.96 -3.84 -5.52
CA ASP A 183 15.88 -3.56 -6.45
C ASP A 183 16.24 -2.20 -7.01
N GLY A 184 16.40 -2.17 -8.35
CA GLY A 184 16.91 -1.00 -9.07
C GLY A 184 16.16 0.31 -8.90
N PRO A 185 14.84 0.30 -9.12
CA PRO A 185 14.05 1.54 -9.03
C PRO A 185 14.25 2.28 -7.71
N GLU A 186 14.38 1.51 -6.64
CA GLU A 186 14.47 2.04 -5.31
C GLU A 186 15.73 2.86 -5.08
N VAL A 187 16.76 2.52 -5.83
CA VAL A 187 18.02 3.24 -5.82
C VAL A 187 17.87 4.64 -6.41
N ASP A 188 17.08 4.75 -7.46
CA ASP A 188 16.78 6.03 -8.10
C ASP A 188 15.87 6.89 -7.16
N VAL A 189 14.95 6.25 -6.43
CA VAL A 189 14.12 6.94 -5.44
C VAL A 189 14.97 7.62 -4.36
N TRP A 190 15.95 6.94 -3.80
CA TRP A 190 16.90 7.60 -2.88
C TRP A 190 17.61 8.82 -3.48
N SER A 191 18.17 8.66 -4.67
CA SER A 191 18.89 9.73 -5.35
C SER A 191 17.99 10.96 -5.59
N LEU A 192 16.73 10.70 -5.85
CA LEU A 192 15.74 11.76 -6.05
C LEU A 192 15.50 12.58 -4.79
N GLY A 193 15.49 11.92 -3.65
CA GLY A 193 15.44 12.60 -2.34
C GLY A 193 16.63 13.52 -2.14
N VAL A 194 17.82 13.05 -2.49
CA VAL A 194 18.98 13.88 -2.36
C VAL A 194 18.88 15.10 -3.29
N ILE A 195 18.48 14.90 -4.53
CA ILE A 195 18.19 15.99 -5.47
C ILE A 195 17.22 17.04 -4.89
N LEU A 196 16.10 16.58 -4.35
CA LEU A 196 15.07 17.44 -3.77
C LEU A 196 15.69 18.32 -2.70
N TYR A 197 16.41 17.69 -1.80
CA TYR A 197 17.16 18.42 -0.77
C TYR A 197 18.09 19.46 -1.36
N THR A 198 18.82 19.11 -2.41
CA THR A 198 19.76 20.06 -2.94
C THR A 198 19.09 21.18 -3.74
N LEU A 199 17.96 20.94 -4.37
CA LEU A 199 17.27 22.03 -5.05
C LEU A 199 16.72 23.12 -4.07
N VAL A 200 16.21 22.70 -2.91
CA VAL A 200 15.54 23.64 -2.00
C VAL A 200 16.50 24.31 -1.03
N SER A 201 17.62 23.65 -0.73
CA SER A 201 18.66 24.23 0.13
C SER A 201 19.90 24.73 -0.59
N GLY A 202 20.21 24.18 -1.75
CA GLY A 202 21.48 24.52 -2.43
C GLY A 202 22.71 23.82 -1.85
N SER A 203 22.46 22.83 -0.99
CA SER A 203 23.49 22.09 -0.26
C SER A 203 23.17 20.62 -0.32
N LEU A 204 24.16 19.77 -0.02
CA LEU A 204 24.00 18.32 -0.03
C LEU A 204 23.69 17.83 1.38
N PRO A 205 22.77 16.87 1.50
CA PRO A 205 22.41 16.35 2.83
C PRO A 205 23.46 15.45 3.46
N PHE A 206 24.22 14.74 2.63
CA PHE A 206 25.24 13.81 3.12
C PHE A 206 26.58 14.12 2.45
N ASP A 207 27.57 14.52 3.24
CA ASP A 207 28.94 14.68 2.80
C ASP A 207 29.90 14.67 4.01
N GLY A 208 31.14 15.10 3.82
CA GLY A 208 32.14 15.10 4.92
C GLY A 208 33.50 15.39 4.36
N GLN A 209 34.53 15.41 5.21
CA GLN A 209 35.89 15.75 4.76
C GLN A 209 36.37 14.80 3.69
N ASN A 210 35.98 13.54 3.84
CA ASN A 210 36.43 12.46 2.98
C ASN A 210 35.28 11.50 2.75
N LEU A 211 35.49 10.50 1.90
CA LEU A 211 34.43 9.56 1.57
C LEU A 211 34.09 8.61 2.73
N LYS A 212 35.01 8.41 3.67
CA LYS A 212 34.68 7.57 4.80
C LYS A 212 33.67 8.29 5.68
N GLU A 213 33.82 9.60 5.83
CA GLU A 213 32.80 10.41 6.51
C GLU A 213 31.46 10.37 5.76
N LEU A 214 31.50 10.68 4.46
CA LEU A 214 30.30 10.66 3.62
C LEU A 214 29.57 9.32 3.78
N ARG A 215 30.29 8.23 3.57
CA ARG A 215 29.73 6.89 3.77
C ARG A 215 29.02 6.71 5.10
N GLU A 216 29.72 7.02 6.18
CA GLU A 216 29.13 6.87 7.51
C GLU A 216 27.81 7.64 7.58
N ARG A 217 27.82 8.88 7.10
CA ARG A 217 26.63 9.70 7.17
C ARG A 217 25.48 9.12 6.34
N VAL A 218 25.78 8.66 5.11
CA VAL A 218 24.73 8.08 4.30
C VAL A 218 24.11 6.89 5.03
N LEU A 219 24.95 6.03 5.60
CA LEU A 219 24.49 4.81 6.28
C LEU A 219 23.71 5.10 7.56
N ARG A 220 24.10 6.10 8.33
CA ARG A 220 23.22 6.57 9.42
C ARG A 220 21.87 7.06 8.89
N GLY A 221 21.89 7.70 7.72
CA GLY A 221 20.66 8.19 7.08
C GLY A 221 20.04 9.40 7.77
N LYS A 222 20.83 10.09 8.57
CA LYS A 222 20.33 11.27 9.26
C LYS A 222 20.81 12.48 8.52
N TYR A 223 19.92 13.43 8.33
CA TYR A 223 20.24 14.66 7.62
C TYR A 223 19.53 15.80 8.29
N ARG A 224 20.07 17.00 8.16
CA ARG A 224 19.49 18.16 8.83
C ARG A 224 18.47 18.90 7.99
N ILE A 225 17.35 19.22 8.63
CA ILE A 225 16.23 19.95 8.05
C ILE A 225 16.34 21.39 8.44
N PRO A 226 16.68 22.27 7.48
CA PRO A 226 16.77 23.70 7.83
C PRO A 226 15.42 24.29 8.14
N PHE A 227 15.45 25.31 9.00
CA PHE A 227 14.26 25.87 9.58
C PHE A 227 13.35 26.50 8.55
N TYR A 228 13.86 26.96 7.42
CA TYR A 228 13.02 27.58 6.38
C TYR A 228 12.21 26.56 5.55
N MET A 229 12.57 25.31 5.64
CA MET A 229 11.97 24.32 4.80
C MET A 229 10.55 24.08 5.30
N SER A 230 9.59 24.02 4.37
CA SER A 230 8.18 23.79 4.73
C SER A 230 7.98 22.38 5.25
N THR A 231 6.90 22.22 5.99
CA THR A 231 6.55 20.97 6.59
C THR A 231 6.28 19.95 5.52
N ASP A 232 5.62 20.38 4.44
CA ASP A 232 5.34 19.51 3.30
C ASP A 232 6.63 19.00 2.62
N CYS A 233 7.62 19.88 2.46
CA CYS A 233 8.86 19.46 1.80
C CYS A 233 9.60 18.48 2.71
N GLU A 234 9.64 18.80 4.00
CA GLU A 234 10.21 17.86 4.96
C GLU A 234 9.55 16.46 4.91
N ASN A 235 8.22 16.42 4.96
CA ASN A 235 7.48 15.15 4.91
C ASN A 235 7.69 14.40 3.59
N LEU A 236 7.82 15.14 2.49
CA LEU A 236 8.12 14.46 1.22
C LEU A 236 9.51 13.81 1.26
N LEU A 237 10.51 14.55 1.77
CA LEU A 237 11.88 14.03 1.88
C LEU A 237 11.88 12.72 2.61
N LYS A 238 11.07 12.61 3.69
CA LYS A 238 10.95 11.38 4.46
C LYS A 238 10.48 10.17 3.63
N LYS A 239 9.76 10.36 2.54
CA LYS A 239 9.33 9.23 1.70
C LYS A 239 10.46 8.74 0.79
N PHE A 240 11.43 9.60 0.47
CA PHE A 240 12.57 9.19 -0.37
C PHE A 240 13.68 8.62 0.49
N LEU A 241 14.09 9.39 1.50
CA LEU A 241 15.33 9.12 2.19
C LEU A 241 15.12 8.16 3.37
N ILE A 242 14.75 6.92 3.06
CA ILE A 242 14.49 5.89 4.04
C ILE A 242 15.55 4.80 3.87
N LEU A 243 16.20 4.40 4.96
CA LEU A 243 17.28 3.43 4.85
C LEU A 243 16.81 2.12 4.27
N ASN A 244 15.69 1.61 4.76
CA ASN A 244 15.20 0.32 4.29
C ASN A 244 14.52 0.53 2.97
N PRO A 245 15.05 -0.09 1.89
CA PRO A 245 14.59 0.21 0.54
C PRO A 245 13.14 -0.17 0.27
N SER A 246 12.69 -1.25 0.86
CA SER A 246 11.33 -1.73 0.64
C SER A 246 10.23 -0.86 1.30
N LYS A 247 10.59 0.11 2.14
CA LYS A 247 9.61 1.06 2.63
C LYS A 247 9.82 2.50 2.16
N ARG A 248 10.67 2.69 1.15
CA ARG A 248 10.75 3.97 0.47
C ARG A 248 9.52 4.02 -0.38
N GLY A 249 8.93 5.21 -0.46
CA GLY A 249 7.75 5.37 -1.31
C GLY A 249 8.08 4.96 -2.73
N THR A 250 7.07 4.48 -3.45
CA THR A 250 7.11 4.32 -4.91
C THR A 250 6.94 5.68 -5.59
N LEU A 251 7.34 5.79 -6.86
CA LEU A 251 7.27 7.08 -7.51
C LEU A 251 5.81 7.43 -7.83
N GLU A 252 4.98 6.40 -7.99
CA GLU A 252 3.56 6.61 -8.21
C GLU A 252 2.88 7.11 -6.96
N GLN A 253 3.22 6.54 -5.80
CA GLN A 253 2.84 7.10 -4.49
C GLN A 253 3.30 8.52 -4.35
N ILE A 254 4.57 8.76 -4.68
CA ILE A 254 5.16 10.07 -4.46
C ILE A 254 4.52 11.16 -5.34
N MET A 255 4.04 10.81 -6.53
CA MET A 255 3.34 11.75 -7.40
C MET A 255 2.09 12.35 -6.79
N LYS A 256 1.45 11.62 -5.89
CA LYS A 256 0.22 12.10 -5.27
C LYS A 256 0.49 12.88 -3.99
N ASP A 257 1.74 13.03 -3.59
CA ASP A 257 2.10 13.75 -2.37
C ASP A 257 1.74 15.24 -2.45
N ARG A 258 1.38 15.82 -1.31
CA ARG A 258 0.94 17.22 -1.24
C ARG A 258 1.94 18.22 -1.78
N TRP A 259 3.21 18.09 -1.39
CA TRP A 259 4.21 19.05 -1.83
C TRP A 259 4.24 19.05 -3.35
N MET A 260 4.14 17.88 -3.96
CA MET A 260 4.30 17.78 -5.42
C MET A 260 3.22 18.57 -6.13
N ASN A 261 2.04 18.67 -5.49
CA ASN A 261 0.87 19.20 -6.14
C ASN A 261 0.36 20.55 -5.65
N VAL A 262 1.12 21.22 -4.78
CA VAL A 262 0.77 22.58 -4.38
C VAL A 262 0.72 23.49 -5.65
N GLY A 263 -0.37 24.24 -5.81
CA GLY A 263 -0.65 24.99 -7.02
C GLY A 263 -1.15 24.14 -8.19
N HIS A 264 -1.31 22.83 -8.01
CA HIS A 264 -1.82 21.96 -9.06
C HIS A 264 -3.07 21.21 -8.61
N GLU A 265 -4.02 21.97 -8.06
CA GLU A 265 -5.32 21.44 -7.62
C GLU A 265 -5.97 20.63 -8.73
N ASP A 266 -5.94 21.18 -9.95
CA ASP A 266 -6.68 20.61 -11.07
C ASP A 266 -5.83 19.72 -11.98
N ASP A 267 -4.57 19.53 -11.61
CA ASP A 267 -3.61 18.86 -12.49
C ASP A 267 -2.59 18.12 -11.63
N GLU A 268 -3.07 17.14 -10.86
CA GLU A 268 -2.16 16.23 -10.14
C GLU A 268 -1.13 15.59 -11.09
N LEU A 269 0.10 15.49 -10.61
CA LEU A 269 1.15 14.80 -11.34
C LEU A 269 0.76 13.34 -11.46
N LYS A 270 0.80 12.83 -12.69
CA LYS A 270 0.50 11.42 -12.95
C LYS A 270 1.53 10.86 -13.92
N PRO A 271 1.65 9.52 -14.01
CA PRO A 271 2.62 8.93 -14.91
C PRO A 271 2.43 9.42 -16.35
N TYR A 272 3.54 9.75 -17.00
CA TYR A 272 3.59 10.15 -18.41
C TYR A 272 3.05 9.06 -19.33
N VAL A 273 2.27 9.44 -20.34
CA VAL A 273 1.78 8.50 -21.33
C VAL A 273 2.53 8.79 -22.60
N GLU A 274 3.33 7.85 -23.06
CA GLU A 274 4.11 8.02 -24.30
C GLU A 274 3.16 8.22 -25.50
N PRO A 275 3.34 9.30 -26.29
CA PRO A 275 2.49 9.58 -27.46
C PRO A 275 2.59 8.47 -28.48
N LEU A 276 1.54 8.21 -29.23
CA LEU A 276 1.59 7.24 -30.31
C LEU A 276 2.59 7.71 -31.35
N PRO A 277 3.27 6.78 -32.00
CA PRO A 277 4.19 7.23 -33.06
C PRO A 277 3.42 7.92 -34.19
N ASP A 278 4.02 8.94 -34.83
CA ASP A 278 3.50 9.51 -36.10
C ASP A 278 4.61 9.53 -37.11
N TYR A 279 4.65 8.48 -37.91
CA TYR A 279 5.70 8.31 -38.88
C TYR A 279 5.29 8.81 -40.26
N LYS A 280 4.06 9.30 -40.40
CA LYS A 280 3.47 9.65 -41.69
C LYS A 280 2.87 11.06 -41.63
N ASP A 281 3.60 12.01 -41.07
CA ASP A 281 3.16 13.41 -40.98
C ASP A 281 3.31 14.00 -42.39
N PRO A 282 2.22 14.53 -42.97
CA PRO A 282 2.32 15.00 -44.36
C PRO A 282 3.29 16.18 -44.54
N ARG A 283 3.30 17.10 -43.60
CA ARG A 283 4.14 18.27 -43.70
C ARG A 283 5.63 17.88 -43.73
N ARG A 284 6.11 17.19 -42.70
CA ARG A 284 7.51 16.77 -42.67
C ARG A 284 7.89 15.91 -43.86
N THR A 285 6.98 15.04 -44.29
CA THR A 285 7.29 14.10 -45.35
C THR A 285 7.49 14.83 -46.67
N GLU A 286 6.65 15.85 -46.90
CA GLU A 286 6.71 16.65 -48.11
C GLU A 286 8.02 17.40 -48.20
N LEU A 287 8.36 18.10 -47.13
CA LEU A 287 9.60 18.82 -47.02
C LEU A 287 10.75 17.89 -47.36
N MET A 288 10.75 16.70 -46.76
CA MET A 288 11.86 15.78 -46.97
C MET A 288 11.89 15.30 -48.42
N VAL A 289 10.71 15.09 -49.01
CA VAL A 289 10.64 14.64 -50.39
C VAL A 289 11.29 15.67 -51.30
N SER A 290 11.07 16.96 -51.03
CA SER A 290 11.70 18.01 -51.83
C SER A 290 13.16 18.23 -51.45
N MET A 291 13.65 17.65 -50.36
CA MET A 291 15.08 17.58 -50.12
C MET A 291 15.69 16.40 -50.88
N GLY A 292 14.85 15.55 -51.46
CA GLY A 292 15.31 14.38 -52.21
C GLY A 292 15.14 13.03 -51.52
N TYR A 293 14.60 12.99 -50.31
CA TYR A 293 14.31 11.69 -49.73
C TYR A 293 13.06 11.13 -50.40
N THR A 294 12.84 9.82 -50.27
CA THR A 294 11.58 9.21 -50.67
C THR A 294 10.80 8.77 -49.43
N ARG A 295 9.50 8.64 -49.61
CA ARG A 295 8.60 8.15 -48.58
C ARG A 295 8.92 6.73 -48.11
N GLU A 296 9.42 5.92 -49.03
CA GLU A 296 9.72 4.52 -48.76
C GLU A 296 10.86 4.38 -47.69
N GLU A 297 11.89 5.19 -47.86
CA GLU A 297 13.02 5.14 -46.94
C GLU A 297 12.73 5.89 -45.64
N ILE A 298 11.84 6.88 -45.68
CA ILE A 298 11.41 7.50 -44.44
C ILE A 298 10.70 6.42 -43.64
N GLN A 299 9.82 5.65 -44.30
CA GLN A 299 9.03 4.64 -43.60
C GLN A 299 9.95 3.57 -43.00
N ASP A 300 10.84 3.04 -43.80
CA ASP A 300 11.76 1.99 -43.32
C ASP A 300 12.61 2.49 -42.15
N SER A 301 13.19 3.68 -42.28
CA SER A 301 13.99 4.28 -41.19
C SER A 301 13.21 4.49 -39.90
N LEU A 302 11.99 5.00 -40.02
CA LEU A 302 11.20 5.29 -38.84
C LEU A 302 10.65 4.02 -38.24
N VAL A 303 10.11 3.14 -39.07
CA VAL A 303 9.46 1.94 -38.53
C VAL A 303 10.58 1.05 -37.90
N GLY A 304 11.73 1.01 -38.56
CA GLY A 304 12.88 0.27 -38.06
C GLY A 304 13.64 0.97 -36.94
N GLN A 305 13.22 2.18 -36.56
CA GLN A 305 13.90 2.98 -35.54
C GLN A 305 15.41 2.90 -35.71
N ARG A 306 15.84 3.23 -36.90
CA ARG A 306 17.23 3.07 -37.27
C ARG A 306 18.13 4.17 -36.72
N TYR A 307 17.60 5.34 -36.39
CA TYR A 307 18.41 6.49 -36.00
C TYR A 307 19.57 6.74 -37.01
N ASN A 308 19.24 6.66 -38.29
CA ASN A 308 20.15 6.98 -39.38
C ASN A 308 19.85 8.42 -39.82
N GLU A 309 20.39 8.80 -40.99
CA GLU A 309 20.30 10.19 -41.41
C GLU A 309 18.86 10.62 -41.78
N VAL A 310 18.08 9.70 -42.30
CA VAL A 310 16.70 9.94 -42.68
C VAL A 310 15.84 10.18 -41.46
N MET A 311 15.98 9.30 -40.48
CA MET A 311 15.21 9.37 -39.29
C MET A 311 15.56 10.68 -38.59
N ALA A 312 16.83 11.00 -38.54
CA ALA A 312 17.27 12.20 -37.88
C ALA A 312 16.68 13.44 -38.52
N THR A 313 16.71 13.52 -39.84
CA THR A 313 16.07 14.66 -40.50
C THR A 313 14.56 14.79 -40.13
N TYR A 314 13.83 13.68 -40.12
CA TYR A 314 12.39 13.69 -39.82
C TYR A 314 12.14 14.23 -38.39
N LEU A 315 12.93 13.72 -37.44
CA LEU A 315 12.87 14.16 -36.06
C LEU A 315 13.24 15.62 -35.91
N LEU A 316 14.32 16.05 -36.56
CA LEU A 316 14.74 17.44 -36.44
C LEU A 316 13.74 18.42 -37.06
N LEU A 317 13.00 17.99 -38.05
CA LEU A 317 11.98 18.87 -38.61
C LEU A 317 10.82 19.10 -37.62
N GLY A 318 10.65 18.25 -36.61
CA GLY A 318 9.54 18.38 -35.64
C GLY A 318 9.91 18.95 -34.27
N TYR A 319 11.05 19.62 -34.21
CA TYR A 319 11.71 19.99 -32.97
C TYR A 319 11.90 21.48 -32.94
N HIS B 5 -30.45 23.47 49.17
CA HIS B 5 -31.19 24.79 49.23
C HIS B 5 -30.28 26.04 49.38
N ILE B 6 -30.36 26.99 48.44
CA ILE B 6 -29.65 28.26 48.61
C ILE B 6 -30.35 29.41 47.88
N GLY B 7 -30.55 30.52 48.59
CA GLY B 7 -31.37 31.64 48.10
C GLY B 7 -32.64 31.10 47.48
N ASN B 8 -32.90 31.41 46.22
CA ASN B 8 -34.09 30.92 45.53
C ASN B 8 -33.85 29.61 44.77
N TYR B 9 -32.83 28.83 45.14
CA TYR B 9 -32.48 27.64 44.36
C TYR B 9 -32.54 26.34 45.17
N ARG B 10 -33.18 25.34 44.58
CA ARG B 10 -33.25 23.99 45.14
C ARG B 10 -32.05 23.27 44.54
N LEU B 11 -31.10 22.93 45.39
CA LEU B 11 -29.89 22.27 44.92
C LEU B 11 -30.19 20.77 44.65
N LEU B 12 -29.65 20.26 43.54
CA LEU B 12 -29.90 18.90 43.09
C LEU B 12 -28.51 18.25 42.93
N LYS B 13 -28.34 17.36 41.95
CA LYS B 13 -27.11 16.56 41.85
C LYS B 13 -25.84 17.38 41.58
N THR B 14 -24.71 16.89 42.08
CA THR B 14 -23.38 17.44 41.73
C THR B 14 -23.06 17.07 40.28
N ILE B 15 -22.53 18.02 39.52
CA ILE B 15 -22.16 17.78 38.11
C ILE B 15 -20.74 18.27 37.76
N GLY B 16 -19.97 18.72 38.77
CA GLY B 16 -18.68 19.37 38.50
C GLY B 16 -17.83 19.72 39.73
N LYS B 17 -16.58 20.11 39.45
CA LYS B 17 -15.52 20.36 40.46
C LYS B 17 -14.64 21.63 40.19
N GLY B 18 -13.74 21.94 41.13
CA GLY B 18 -12.83 23.09 41.03
C GLY B 18 -11.94 23.30 42.25
N ALA B 21 -14.06 24.08 44.15
CA ALA B 21 -15.31 24.60 43.59
C ALA B 21 -16.23 23.50 42.98
N LYS B 22 -17.18 23.04 43.78
CA LYS B 22 -18.22 22.13 43.30
C LYS B 22 -19.19 22.90 42.41
N VAL B 23 -19.70 22.22 41.38
CA VAL B 23 -20.81 22.73 40.60
C VAL B 23 -22.01 21.78 40.81
N LYS B 24 -23.15 22.35 41.21
CA LYS B 24 -24.37 21.59 41.41
C LYS B 24 -25.48 22.01 40.47
N LEU B 25 -26.20 21.04 39.89
CA LEU B 25 -27.38 21.34 39.10
C LEU B 25 -28.42 21.81 40.12
N ALA B 26 -29.21 22.82 39.74
CA ALA B 26 -30.23 23.37 40.66
C ALA B 26 -31.48 23.79 39.89
N ARG B 27 -32.54 24.04 40.64
CA ARG B 27 -33.81 24.45 40.09
C ARG B 27 -34.18 25.78 40.69
N HIS B 28 -34.47 26.75 39.85
CA HIS B 28 -34.95 28.02 40.36
C HIS B 28 -36.38 27.83 40.87
N ILE B 29 -36.59 28.10 42.15
CA ILE B 29 -37.85 27.78 42.81
C ILE B 29 -39.06 28.55 42.24
N LEU B 30 -38.86 29.78 41.80
CA LEU B 30 -40.01 30.61 41.38
C LEU B 30 -40.36 30.38 39.92
N THR B 31 -39.37 29.99 39.12
CA THR B 31 -39.55 29.87 37.69
C THR B 31 -39.47 28.43 37.21
N GLY B 32 -39.01 27.51 38.06
CA GLY B 32 -38.78 26.14 37.65
C GLY B 32 -37.59 25.91 36.71
N LYS B 33 -36.81 26.94 36.40
CA LYS B 33 -35.74 26.80 35.42
C LYS B 33 -34.52 26.06 36.02
N GLU B 34 -33.93 25.16 35.24
CA GLU B 34 -32.69 24.49 35.61
C GLU B 34 -31.49 25.39 35.41
N VAL B 35 -30.58 25.41 36.37
CA VAL B 35 -29.34 26.16 36.28
C VAL B 35 -28.21 25.37 36.88
N ALA B 36 -26.98 25.82 36.65
CA ALA B 36 -25.79 25.24 37.24
C ALA B 36 -25.21 26.26 38.20
N VAL B 37 -25.09 25.90 39.47
CA VAL B 37 -24.58 26.78 40.50
C VAL B 37 -23.14 26.41 40.83
N LYS B 38 -22.22 27.33 40.57
CA LYS B 38 -20.82 27.12 40.95
C LYS B 38 -20.70 27.54 42.43
N ILE B 39 -20.25 26.61 43.27
CA ILE B 39 -20.12 26.82 44.72
C ILE B 39 -18.64 26.96 45.06
N ILE B 40 -18.26 28.11 45.58
CA ILE B 40 -16.87 28.50 45.71
C ILE B 40 -16.56 28.91 47.14
N ASP B 41 -15.62 28.20 47.75
CA ASP B 41 -15.22 28.48 49.13
C ASP B 41 -14.21 29.61 49.08
N LYS B 42 -14.56 30.73 49.70
CA LYS B 42 -13.69 31.89 49.77
C LYS B 42 -12.67 31.75 50.93
N THR B 43 -13.06 31.01 51.97
CA THR B 43 -12.25 30.92 53.20
C THR B 43 -10.85 30.42 52.90
N GLN B 44 -10.75 29.54 51.92
CA GLN B 44 -9.49 28.91 51.56
C GLN B 44 -8.65 29.74 50.58
N LEU B 45 -9.20 30.83 50.03
CA LEU B 45 -8.50 31.60 48.99
C LEU B 45 -7.47 32.59 49.55
N ASN B 46 -6.40 32.83 48.79
CA ASN B 46 -5.46 33.89 49.11
C ASN B 46 -5.86 35.15 48.37
N SER B 47 -5.20 36.25 48.72
CA SER B 47 -5.65 37.59 48.34
C SER B 47 -5.60 37.77 46.85
N SER B 48 -4.56 37.21 46.24
CA SER B 48 -4.45 37.18 44.78
C SER B 48 -5.63 36.50 44.13
N SER B 49 -5.98 35.33 44.63
CA SER B 49 -7.04 34.53 44.03
C SER B 49 -8.38 35.23 44.26
N LEU B 50 -8.50 35.91 45.40
CA LEU B 50 -9.69 36.68 45.71
C LEU B 50 -9.93 37.76 44.66
N GLN B 51 -8.89 38.54 44.38
CA GLN B 51 -8.91 39.57 43.35
C GLN B 51 -9.29 39.04 41.98
N LYS B 52 -8.67 37.93 41.57
CA LYS B 52 -9.01 37.33 40.26
C LYS B 52 -10.45 36.86 40.19
N LEU B 53 -10.97 36.43 41.33
CA LEU B 53 -12.34 35.97 41.37
C LEU B 53 -13.32 37.16 41.21
N PHE B 54 -13.00 38.31 41.82
CA PHE B 54 -13.86 39.48 41.65
C PHE B 54 -13.78 39.91 40.17
N ARG B 55 -12.59 39.82 39.61
CA ARG B 55 -12.41 40.17 38.21
C ARG B 55 -13.16 39.23 37.26
N GLU B 56 -13.07 37.94 37.52
CA GLU B 56 -13.84 37.01 36.76
C GLU B 56 -15.35 37.30 36.78
N VAL B 57 -15.92 37.54 37.96
CA VAL B 57 -17.34 37.82 38.07
C VAL B 57 -17.68 39.09 37.31
N ARG B 58 -16.82 40.09 37.44
CA ARG B 58 -16.98 41.39 36.74
C ARG B 58 -17.07 41.21 35.22
N ILE B 59 -16.19 40.35 34.70
CA ILE B 59 -16.16 40.05 33.27
C ILE B 59 -17.38 39.28 32.84
N MET B 60 -17.78 38.25 33.58
CA MET B 60 -19.00 37.52 33.21
C MET B 60 -20.27 38.38 33.16
N LYS B 61 -20.40 39.34 34.06
CA LYS B 61 -21.55 40.26 34.04
C LYS B 61 -21.60 41.12 32.80
N VAL B 62 -20.44 41.39 32.20
CA VAL B 62 -20.40 42.25 31.03
C VAL B 62 -20.85 41.55 29.73
N LEU B 63 -20.69 40.24 29.64
CA LEU B 63 -20.88 39.49 28.36
C LEU B 63 -22.31 38.97 28.20
N ASN B 64 -22.94 39.29 27.08
CA ASN B 64 -24.31 38.83 26.78
C ASN B 64 -24.35 38.35 25.34
N HIS B 65 -24.06 37.06 25.13
CA HIS B 65 -23.91 36.48 23.77
C HIS B 65 -24.48 35.08 23.80
N PRO B 66 -25.22 34.70 22.74
CA PRO B 66 -25.88 33.41 22.83
C PRO B 66 -24.96 32.18 22.80
N ASN B 67 -23.68 32.37 22.57
CA ASN B 67 -22.73 31.27 22.65
C ASN B 67 -21.70 31.49 23.73
N ILE B 68 -22.11 32.26 24.73
CA ILE B 68 -21.35 32.43 25.98
C ILE B 68 -22.28 32.08 27.13
N VAL B 69 -21.80 31.20 28.01
CA VAL B 69 -22.53 30.72 29.19
C VAL B 69 -22.95 32.01 29.95
N LYS B 70 -24.25 32.21 30.13
CA LYS B 70 -24.78 33.43 30.79
C LYS B 70 -24.69 33.27 32.28
N LEU B 71 -24.37 34.36 32.97
CA LEU B 71 -24.46 34.46 34.43
C LEU B 71 -25.89 34.96 34.79
N PHE B 72 -26.58 34.33 35.72
CA PHE B 72 -27.93 34.76 36.11
C PHE B 72 -27.97 35.51 37.45
N GLU B 73 -27.10 35.12 38.37
CA GLU B 73 -27.16 35.59 39.75
C GLU B 73 -25.85 35.34 40.47
N VAL B 74 -25.48 36.29 41.30
CA VAL B 74 -24.36 36.15 42.21
C VAL B 74 -24.91 36.20 43.62
N ILE B 75 -24.63 35.17 44.41
CA ILE B 75 -25.00 35.14 45.83
C ILE B 75 -23.72 35.10 46.66
N GLU B 76 -23.60 35.98 47.63
CA GLU B 76 -22.41 36.04 48.47
C GLU B 76 -22.73 35.84 49.95
N THR B 77 -22.03 34.93 50.62
CA THR B 77 -22.03 34.85 52.08
C THR B 77 -20.59 35.07 52.53
N GLU B 78 -20.38 35.13 53.84
CA GLU B 78 -19.04 35.26 54.41
C GLU B 78 -18.13 34.22 53.79
N LYS B 79 -18.51 32.95 53.92
CA LYS B 79 -17.64 31.86 53.52
C LYS B 79 -17.78 31.44 52.08
N THR B 80 -18.85 31.81 51.39
CA THR B 80 -19.10 31.24 50.06
C THR B 80 -19.59 32.22 49.02
N LEU B 81 -19.13 32.01 47.79
CA LEU B 81 -19.61 32.73 46.63
C LEU B 81 -20.37 31.70 45.80
N TYR B 82 -21.60 32.02 45.42
CA TYR B 82 -22.36 31.21 44.50
C TYR B 82 -22.57 31.94 43.20
N LEU B 83 -22.25 31.27 42.11
CA LEU B 83 -22.46 31.84 40.78
C LEU B 83 -23.46 30.95 40.04
N VAL B 84 -24.62 31.52 39.74
CA VAL B 84 -25.71 30.79 39.15
C VAL B 84 -25.59 31.02 37.66
N MET B 85 -25.44 29.96 36.89
CA MET B 85 -25.33 30.11 35.46
C MET B 85 -26.08 29.14 34.60
N GLU B 86 -26.09 29.49 33.33
CA GLU B 86 -26.70 28.73 32.31
C GLU B 86 -26.10 27.33 32.34
N TYR B 87 -26.95 26.32 32.26
CA TYR B 87 -26.54 24.93 32.25
C TYR B 87 -26.42 24.43 30.82
N ALA B 88 -25.30 23.80 30.48
CA ALA B 88 -25.04 23.30 29.10
C ALA B 88 -25.00 21.80 29.16
N SER B 89 -26.12 21.16 28.89
CA SER B 89 -26.30 19.77 29.22
C SER B 89 -25.63 18.85 28.19
N GLY B 90 -25.15 19.40 27.07
CA GLY B 90 -24.41 18.62 26.06
C GLY B 90 -22.97 18.33 26.48
N GLY B 91 -22.51 18.94 27.57
CA GLY B 91 -21.15 18.71 28.04
C GLY B 91 -20.08 19.44 27.21
N GLU B 92 -18.84 19.00 27.36
CA GLU B 92 -17.68 19.62 26.71
C GLU B 92 -17.46 19.17 25.26
N VAL B 93 -16.98 20.07 24.40
CA VAL B 93 -16.57 19.70 23.05
C VAL B 93 -15.43 18.68 23.13
N PHE B 94 -14.57 18.81 24.14
CA PHE B 94 -13.50 17.84 24.38
C PHE B 94 -14.09 16.43 24.39
N ASP B 95 -15.05 16.18 25.28
CA ASP B 95 -15.65 14.81 25.42
C ASP B 95 -16.47 14.40 24.17
N TYR B 96 -17.04 15.37 23.46
CA TYR B 96 -17.71 15.09 22.22
C TYR B 96 -16.70 14.63 21.15
N LEU B 97 -15.57 15.30 21.04
CA LEU B 97 -14.51 14.84 20.11
C LEU B 97 -14.00 13.46 20.49
N VAL B 98 -13.86 13.16 21.77
CA VAL B 98 -13.41 11.79 22.14
C VAL B 98 -14.45 10.70 21.77
N ALA B 99 -15.73 10.99 22.02
CA ALA B 99 -16.82 10.07 21.64
C ALA B 99 -16.96 9.90 20.11
N HIS B 100 -16.77 10.96 19.32
CA HIS B 100 -17.11 10.92 17.87
C HIS B 100 -15.90 11.02 16.94
N GLY B 101 -14.72 11.11 17.53
CA GLY B 101 -13.47 11.17 16.76
C GLY B 101 -13.14 12.56 16.28
N TRP B 102 -14.01 13.10 15.44
CA TRP B 102 -13.80 14.42 14.87
C TRP B 102 -15.09 14.88 14.25
N MET B 103 -15.10 16.10 13.73
CA MET B 103 -16.27 16.60 13.03
C MET B 103 -15.92 16.76 11.56
N LYS B 104 -16.84 16.38 10.71
CA LYS B 104 -16.71 16.70 9.31
C LYS B 104 -16.73 18.21 9.15
N GLU B 105 -16.19 18.69 8.04
CA GLU B 105 -16.00 20.13 7.89
C GLU B 105 -17.26 20.99 8.02
N LYS B 106 -18.36 20.47 7.53
CA LYS B 106 -19.66 21.13 7.68
C LYS B 106 -20.08 21.28 9.14
N GLU B 107 -19.90 20.24 9.95
CA GLU B 107 -20.24 20.33 11.35
C GLU B 107 -19.26 21.23 12.09
N ALA B 108 -17.96 21.07 11.83
CA ALA B 108 -16.93 21.91 12.41
C ALA B 108 -17.22 23.39 12.15
N ARG B 109 -17.70 23.68 10.94
CA ARG B 109 -18.01 25.06 10.55
C ARG B 109 -19.20 25.60 11.35
N ALA B 110 -20.22 24.77 11.55
CA ALA B 110 -21.38 25.18 12.35
C ALA B 110 -20.93 25.56 13.77
N LYS B 111 -20.05 24.75 14.37
CA LYS B 111 -19.50 25.06 15.69
C LYS B 111 -18.58 26.29 15.65
N PHE B 112 -17.76 26.38 14.61
CA PHE B 112 -16.71 27.38 14.61
C PHE B 112 -17.24 28.75 14.30
N ARG B 113 -18.24 28.87 13.43
CA ARG B 113 -18.98 30.15 13.28
C ARG B 113 -19.51 30.70 14.64
N GLN B 114 -20.09 29.84 15.47
CA GLN B 114 -20.56 30.25 16.81
C GLN B 114 -19.39 30.62 17.70
N ILE B 115 -18.33 29.79 17.69
CA ILE B 115 -17.17 30.05 18.52
C ILE B 115 -16.58 31.40 18.14
N VAL B 116 -16.41 31.61 16.85
CA VAL B 116 -15.76 32.82 16.39
C VAL B 116 -16.63 34.09 16.65
N SER B 117 -17.93 34.01 16.48
CA SER B 117 -18.81 35.11 16.86
C SER B 117 -18.64 35.46 18.35
N ALA B 118 -18.60 34.44 19.18
CA ALA B 118 -18.52 34.60 20.64
C ALA B 118 -17.20 35.30 21.04
N VAL B 119 -16.07 34.82 20.52
CA VAL B 119 -14.78 35.38 20.87
C VAL B 119 -14.59 36.77 20.27
N GLN B 120 -14.96 36.96 19.01
CA GLN B 120 -14.88 38.31 18.43
C GLN B 120 -15.78 39.33 19.20
N TYR B 121 -16.91 38.90 19.70
CA TYR B 121 -17.76 39.74 20.59
C TYR B 121 -17.01 40.04 21.89
N CYS B 122 -16.33 39.08 22.50
CA CYS B 122 -15.58 39.37 23.72
C CYS B 122 -14.61 40.48 23.43
N HIS B 123 -13.96 40.40 22.26
CA HIS B 123 -13.01 41.42 21.86
C HIS B 123 -13.68 42.77 21.60
N GLN B 124 -14.90 42.76 21.04
CA GLN B 124 -15.68 44.01 20.88
C GLN B 124 -15.80 44.69 22.24
N LYS B 125 -16.08 43.89 23.26
CA LYS B 125 -16.27 44.36 24.62
C LYS B 125 -14.93 44.37 25.42
N PHE B 126 -13.82 44.38 24.70
CA PHE B 126 -12.49 44.57 25.25
C PHE B 126 -12.05 43.54 26.30
N ILE B 127 -12.44 42.30 26.06
CA ILE B 127 -12.06 41.22 26.95
C ILE B 127 -11.32 40.13 26.13
N VAL B 128 -10.22 39.64 26.66
CA VAL B 128 -9.53 38.49 26.09
C VAL B 128 -9.78 37.31 27.00
N HIS B 129 -10.02 36.14 26.39
CA HIS B 129 -10.46 34.98 27.15
C HIS B 129 -9.28 34.28 27.79
N ARG B 130 -8.28 33.97 26.97
CA ARG B 130 -6.98 33.40 27.38
C ARG B 130 -6.98 31.98 27.88
N ASP B 131 -8.11 31.29 27.87
CA ASP B 131 -8.09 29.83 28.00
C ASP B 131 -9.03 29.06 27.05
N LEU B 132 -9.10 29.53 25.81
CA LEU B 132 -9.90 28.87 24.80
C LEU B 132 -9.27 27.50 24.53
N LYS B 133 -10.08 26.45 24.67
CA LYS B 133 -9.62 25.09 24.46
C LYS B 133 -10.86 24.27 24.39
N ALA B 134 -10.72 23.03 23.92
CA ALA B 134 -11.87 22.20 23.70
C ALA B 134 -12.69 22.01 25.01
N GLU B 135 -12.04 21.90 26.15
CA GLU B 135 -12.72 21.67 27.45
C GLU B 135 -13.59 22.84 27.87
N ASN B 136 -13.27 24.04 27.41
CA ASN B 136 -14.02 25.25 27.73
C ASN B 136 -15.03 25.63 26.68
N LEU B 137 -15.23 24.75 25.70
CA LEU B 137 -16.34 24.96 24.79
C LEU B 137 -17.37 23.95 25.17
N LEU B 138 -18.51 24.40 25.67
CA LEU B 138 -19.60 23.53 26.08
C LEU B 138 -20.66 23.48 25.00
N LEU B 139 -21.52 22.48 25.10
CA LEU B 139 -22.62 22.27 24.19
C LEU B 139 -23.94 22.26 25.00
N ASP B 140 -24.93 23.00 24.52
CA ASP B 140 -26.22 22.99 25.16
C ASP B 140 -27.07 21.85 24.60
N ALA B 141 -28.29 21.73 25.10
CA ALA B 141 -29.19 20.68 24.68
C ALA B 141 -29.41 20.65 23.16
N ASP B 142 -29.33 21.81 22.51
CA ASP B 142 -29.53 21.88 21.04
C ASP B 142 -28.22 21.80 20.26
N MET B 143 -27.14 21.48 20.95
CA MET B 143 -25.81 21.30 20.33
C MET B 143 -25.24 22.60 19.84
N ASN B 144 -25.63 23.71 20.49
CA ASN B 144 -25.04 25.01 20.26
C ASN B 144 -23.89 25.24 21.20
N ILE B 145 -22.91 25.96 20.74
CA ILE B 145 -21.71 26.20 21.51
C ILE B 145 -22.03 27.18 22.66
N LYS B 146 -21.47 26.93 23.83
CA LYS B 146 -21.41 27.89 24.94
C LYS B 146 -19.98 27.92 25.51
N ILE B 147 -19.29 29.05 25.34
CA ILE B 147 -17.95 29.24 25.91
C ILE B 147 -18.06 29.52 27.42
N ALA B 148 -17.18 28.94 28.26
CA ALA B 148 -17.49 28.79 29.71
C ALA B 148 -16.75 29.56 30.82
N ASP B 149 -15.43 29.42 30.81
CA ASP B 149 -14.56 29.59 31.97
C ASP B 149 -13.66 30.82 31.73
N PHE B 150 -14.03 31.93 32.36
CA PHE B 150 -13.33 33.20 32.19
C PHE B 150 -12.32 33.44 33.28
N GLY B 151 -11.81 32.36 33.88
CA GLY B 151 -10.84 32.40 34.96
C GLY B 151 -9.50 33.06 34.67
N PHE B 152 -9.04 33.00 33.41
CA PHE B 152 -7.84 33.68 32.99
C PHE B 152 -8.16 34.92 32.20
N SER B 153 -9.42 35.26 32.01
CA SER B 153 -9.76 36.42 31.20
C SER B 153 -9.32 37.72 31.84
N ASN B 154 -9.20 38.74 31.01
CA ASN B 154 -8.88 40.08 31.46
C ASN B 154 -9.35 41.13 30.46
N GLU B 155 -9.65 42.32 30.96
CA GLU B 155 -9.97 43.44 30.08
C GLU B 155 -8.67 43.90 29.49
N PHE B 156 -8.72 44.46 28.28
CA PHE B 156 -7.55 45.11 27.70
C PHE B 156 -7.91 46.47 27.12
N THR B 157 -6.90 47.28 26.89
CA THR B 157 -7.06 48.60 26.28
C THR B 157 -5.90 48.82 25.35
N PHE B 158 -6.04 48.42 24.08
CA PHE B 158 -4.96 48.37 23.04
C PHE B 158 -3.68 49.18 23.31
N GLY B 159 -3.81 50.38 23.88
CA GLY B 159 -2.65 51.20 24.29
C GLY B 159 -1.71 50.63 25.35
N ASN B 160 -1.93 49.36 25.74
CA ASN B 160 -1.26 48.75 26.88
C ASN B 160 -1.15 47.24 26.72
N LYS B 161 0.06 46.71 26.53
CA LYS B 161 0.23 45.27 26.40
C LYS B 161 0.06 44.57 27.75
N LEU B 162 -0.36 43.30 27.69
CA LEU B 162 -0.55 42.48 28.88
C LEU B 162 0.75 41.77 29.24
N ASP B 163 0.82 41.27 30.47
CA ASP B 163 2.07 40.87 31.13
C ASP B 163 2.07 39.50 31.77
N THR B 164 0.91 38.85 31.81
CA THR B 164 0.73 37.59 32.49
C THR B 164 0.67 36.50 31.43
N PHE B 165 1.46 35.45 31.62
CA PHE B 165 1.67 34.42 30.61
C PHE B 165 0.91 33.15 30.98
N CYS B 166 -0.40 33.32 31.13
CA CYS B 166 -1.28 32.20 31.45
C CYS B 166 -1.91 31.55 30.21
N GLY B 167 -2.02 30.25 30.26
CA GLY B 167 -2.75 29.55 29.22
C GLY B 167 -2.74 28.06 29.47
N SER B 168 -3.16 27.30 28.47
CA SER B 168 -3.05 25.84 28.47
C SER B 168 -2.10 25.51 27.33
N PRO B 169 -1.00 24.83 27.64
CA PRO B 169 0.12 24.80 26.70
C PRO B 169 -0.17 24.38 25.22
N PRO B 170 -1.04 23.40 24.98
CA PRO B 170 -1.22 23.07 23.56
C PRO B 170 -1.96 24.14 22.75
N TYR B 171 -2.67 25.04 23.41
CA TYR B 171 -3.36 26.12 22.74
C TYR B 171 -2.68 27.51 22.89
N ALA B 172 -1.62 27.58 23.68
CA ALA B 172 -1.02 28.87 24.08
C ALA B 172 -0.16 29.41 22.97
N ALA B 173 -0.30 30.71 22.71
CA ALA B 173 0.39 31.40 21.64
C ALA B 173 1.88 31.43 21.96
N PRO B 174 2.73 31.35 20.94
CA PRO B 174 4.17 31.23 21.22
C PRO B 174 4.71 32.32 22.13
N GLU B 175 4.21 33.54 21.95
CA GLU B 175 4.69 34.70 22.72
C GLU B 175 4.46 34.57 24.23
N LEU B 176 3.57 33.67 24.64
CA LEU B 176 3.30 33.45 26.06
C LEU B 176 4.39 32.57 26.67
N PHE B 177 4.76 31.51 25.95
CA PHE B 177 5.93 30.73 26.34
C PHE B 177 7.18 31.61 26.43
N GLN B 178 7.25 32.63 25.57
CA GLN B 178 8.45 33.44 25.46
C GLN B 178 8.52 34.47 26.56
N GLY B 179 7.40 34.73 27.21
CA GLY B 179 7.32 35.78 28.19
C GLY B 179 7.41 37.15 27.56
N LYS B 180 6.68 37.37 26.46
CA LYS B 180 6.75 38.66 25.75
C LYS B 180 5.45 39.46 25.93
N LYS B 181 5.58 40.72 26.36
CA LYS B 181 4.47 41.66 26.34
C LYS B 181 3.68 41.49 25.03
N TYR B 182 2.38 41.26 25.16
CA TYR B 182 1.53 40.93 24.01
C TYR B 182 0.29 41.81 23.96
N ASP B 183 -0.25 41.96 22.75
CA ASP B 183 -1.57 42.55 22.57
C ASP B 183 -2.54 41.37 22.69
N GLY B 184 -3.38 41.47 23.72
CA GLY B 184 -4.27 40.41 24.10
C GLY B 184 -5.06 39.65 23.05
N PRO B 185 -5.87 40.34 22.22
CA PRO B 185 -6.74 39.59 21.31
C PRO B 185 -6.01 38.56 20.44
N GLU B 186 -4.79 38.84 20.01
CA GLU B 186 -4.16 37.90 19.08
C GLU B 186 -3.73 36.58 19.74
N VAL B 187 -3.62 36.58 21.07
CA VAL B 187 -3.37 35.37 21.82
C VAL B 187 -4.59 34.44 21.71
N ASP B 188 -5.80 35.00 21.77
CA ASP B 188 -7.02 34.25 21.51
C ASP B 188 -7.09 33.79 20.04
N VAL B 189 -6.59 34.63 19.13
CA VAL B 189 -6.61 34.31 17.69
C VAL B 189 -5.81 33.01 17.43
N TRP B 190 -4.64 32.90 18.03
CA TRP B 190 -3.86 31.68 17.92
C TRP B 190 -4.58 30.42 18.47
N SER B 191 -5.07 30.50 19.71
CA SER B 191 -5.82 29.37 20.30
C SER B 191 -6.99 28.94 19.43
N LEU B 192 -7.62 29.87 18.75
CA LEU B 192 -8.71 29.53 17.84
C LEU B 192 -8.24 28.68 16.61
N GLY B 193 -7.04 28.94 16.09
CA GLY B 193 -6.48 28.06 15.05
C GLY B 193 -6.26 26.65 15.57
N VAL B 194 -5.75 26.52 16.79
CA VAL B 194 -5.59 25.22 17.40
C VAL B 194 -6.92 24.49 17.58
N ILE B 195 -7.94 25.24 18.02
CA ILE B 195 -9.30 24.71 18.11
C ILE B 195 -9.83 24.23 16.75
N LEU B 196 -9.66 25.05 15.71
CA LEU B 196 -10.08 24.67 14.36
C LEU B 196 -9.45 23.32 13.96
N TYR B 197 -8.15 23.22 14.17
CA TYR B 197 -7.40 22.05 13.76
C TYR B 197 -7.96 20.83 14.48
N THR B 198 -8.21 21.01 15.79
CA THR B 198 -8.75 19.98 16.66
C THR B 198 -10.15 19.54 16.27
N LEU B 199 -11.02 20.47 15.89
CA LEU B 199 -12.37 20.11 15.51
C LEU B 199 -12.38 19.22 14.22
N VAL B 200 -11.54 19.57 13.26
CA VAL B 200 -11.54 18.93 11.91
C VAL B 200 -10.78 17.58 11.92
N SER B 201 -9.75 17.46 12.75
CA SER B 201 -8.93 16.25 12.79
C SER B 201 -9.21 15.35 13.99
N GLY B 202 -9.66 15.96 15.07
CA GLY B 202 -9.80 15.24 16.34
C GLY B 202 -8.51 15.08 17.11
N SER B 203 -7.46 15.74 16.64
CA SER B 203 -6.12 15.70 17.24
C SER B 203 -5.57 17.09 17.43
N LEU B 204 -4.52 17.19 18.24
CA LEU B 204 -3.84 18.45 18.50
C LEU B 204 -2.67 18.68 17.52
N PRO B 205 -2.50 19.90 17.02
CA PRO B 205 -1.41 20.19 16.11
C PRO B 205 -0.05 20.25 16.80
N PHE B 206 0.00 20.72 18.05
CA PHE B 206 1.25 20.80 18.81
C PHE B 206 1.15 20.02 20.12
N ASP B 207 2.01 19.02 20.28
CA ASP B 207 2.14 18.30 21.55
C ASP B 207 3.45 17.54 21.56
N GLY B 208 3.68 16.73 22.59
CA GLY B 208 4.89 15.95 22.74
C GLY B 208 4.83 15.06 23.97
N GLN B 209 5.90 14.35 24.27
CA GLN B 209 5.89 13.45 25.44
C GLN B 209 5.97 14.25 26.73
N ASN B 210 6.50 15.45 26.64
CA ASN B 210 6.62 16.34 27.77
C ASN B 210 6.52 17.78 27.31
N LEU B 211 6.37 18.66 28.29
CA LEU B 211 6.22 20.07 28.01
C LEU B 211 7.42 20.64 27.25
N LYS B 212 8.60 20.08 27.47
CA LYS B 212 9.79 20.52 26.74
C LYS B 212 9.54 20.40 25.23
N GLU B 213 9.13 19.21 24.81
CA GLU B 213 8.84 18.95 23.41
C GLU B 213 7.69 19.81 22.87
N LEU B 214 6.62 19.92 23.67
CA LEU B 214 5.46 20.74 23.27
C LEU B 214 5.90 22.17 23.04
N ARG B 215 6.57 22.76 24.02
CA ARG B 215 7.14 24.11 23.89
C ARG B 215 7.91 24.29 22.59
N GLU B 216 8.81 23.38 22.30
CA GLU B 216 9.66 23.61 21.15
C GLU B 216 8.84 23.55 19.86
N ARG B 217 7.89 22.63 19.82
CA ARG B 217 7.04 22.52 18.63
C ARG B 217 6.18 23.77 18.44
N VAL B 218 5.68 24.34 19.55
CA VAL B 218 4.90 25.57 19.44
C VAL B 218 5.77 26.72 18.95
N LEU B 219 6.93 26.89 19.55
CA LEU B 219 7.86 27.96 19.16
C LEU B 219 8.35 27.81 17.71
N ARG B 220 8.55 26.58 17.26
CA ARG B 220 8.89 26.36 15.85
C ARG B 220 7.70 26.67 14.93
N GLY B 221 6.48 26.47 15.43
CA GLY B 221 5.28 26.89 14.72
C GLY B 221 4.88 25.98 13.57
N LYS B 222 5.44 24.78 13.50
CA LYS B 222 5.12 23.91 12.37
C LYS B 222 4.18 22.82 12.83
N TYR B 223 3.25 22.45 11.96
CA TYR B 223 2.24 21.42 12.21
C TYR B 223 1.91 20.76 10.87
N ARG B 224 1.32 19.57 10.90
CA ARG B 224 1.09 18.86 9.65
C ARG B 224 -0.36 18.93 9.22
N ILE B 225 -0.57 19.20 7.93
CA ILE B 225 -1.90 19.22 7.34
C ILE B 225 -2.22 17.84 6.80
N PRO B 226 -3.22 17.15 7.40
CA PRO B 226 -3.58 15.83 6.98
C PRO B 226 -4.11 15.87 5.57
N PHE B 227 -3.88 14.78 4.86
CA PHE B 227 -4.27 14.71 3.48
C PHE B 227 -5.76 15.01 3.21
N TYR B 228 -6.67 14.65 4.11
CA TYR B 228 -8.13 14.81 3.89
C TYR B 228 -8.62 16.24 4.07
N MET B 229 -7.81 17.09 4.69
CA MET B 229 -8.22 18.45 4.99
C MET B 229 -8.41 19.25 3.70
N SER B 230 -9.52 19.99 3.60
CA SER B 230 -9.80 20.79 2.39
C SER B 230 -8.75 21.89 2.30
N THR B 231 -8.44 22.34 1.08
CA THR B 231 -7.46 23.42 0.89
C THR B 231 -8.00 24.73 1.51
N ASP B 232 -9.32 24.90 1.47
CA ASP B 232 -9.94 26.05 2.11
C ASP B 232 -9.67 26.06 3.64
N CYS B 233 -9.87 24.92 4.28
CA CYS B 233 -9.58 24.77 5.71
C CYS B 233 -8.09 25.01 5.99
N GLU B 234 -7.22 24.43 5.17
CA GLU B 234 -5.77 24.72 5.27
C GLU B 234 -5.48 26.23 5.11
N ASN B 235 -6.09 26.88 4.14
CA ASN B 235 -5.88 28.33 4.00
C ASN B 235 -6.36 29.11 5.25
N LEU B 236 -7.52 28.76 5.76
CA LEU B 236 -8.03 29.36 7.00
C LEU B 236 -7.04 29.18 8.14
N LEU B 237 -6.55 27.97 8.36
CA LEU B 237 -5.63 27.71 9.46
C LEU B 237 -4.41 28.62 9.45
N LYS B 238 -3.88 28.90 8.25
CA LYS B 238 -2.70 29.72 8.12
C LYS B 238 -2.99 31.18 8.48
N LYS B 239 -4.27 31.57 8.57
CA LYS B 239 -4.60 32.93 9.01
C LYS B 239 -4.57 33.06 10.54
N PHE B 240 -4.62 31.92 11.24
CA PHE B 240 -4.58 31.89 12.70
C PHE B 240 -3.19 31.64 13.23
N LEU B 241 -2.56 30.56 12.73
CA LEU B 241 -1.36 30.00 13.32
C LEU B 241 -0.12 30.59 12.67
N ILE B 242 0.13 31.86 12.97
CA ILE B 242 1.27 32.60 12.46
C ILE B 242 2.11 32.96 13.67
N LEU B 243 3.44 32.76 13.65
CA LEU B 243 4.25 33.02 14.86
C LEU B 243 4.25 34.50 15.23
N ASN B 244 4.35 35.36 14.23
CA ASN B 244 4.42 36.80 14.47
C ASN B 244 3.01 37.33 14.73
N PRO B 245 2.70 37.75 15.98
CA PRO B 245 1.35 38.20 16.36
C PRO B 245 0.86 39.44 15.59
N SER B 246 1.79 40.33 15.30
CA SER B 246 1.53 41.44 14.40
C SER B 246 0.98 40.94 13.06
N LYS B 247 1.27 39.68 12.74
CA LYS B 247 0.97 39.14 11.43
C LYS B 247 -0.21 38.20 11.45
N ARG B 248 -1.00 38.19 12.54
CA ARG B 248 -2.25 37.40 12.60
C ARG B 248 -3.40 38.34 12.30
N GLY B 249 -4.31 37.89 11.44
CA GLY B 249 -5.46 38.72 11.06
C GLY B 249 -6.37 38.93 12.24
N THR B 250 -7.21 39.95 12.17
CA THR B 250 -8.16 40.19 13.25
C THR B 250 -9.33 39.23 13.06
N LEU B 251 -10.08 38.98 14.12
CA LEU B 251 -11.23 38.09 14.01
C LEU B 251 -12.26 38.64 13.03
N GLU B 252 -12.41 39.96 13.02
CA GLU B 252 -13.43 40.60 12.20
C GLU B 252 -13.15 40.38 10.71
N GLN B 253 -11.89 40.40 10.32
CA GLN B 253 -11.55 39.99 8.95
C GLN B 253 -11.53 38.47 8.71
N ILE B 254 -11.08 37.68 9.68
CA ILE B 254 -11.16 36.22 9.53
C ILE B 254 -12.62 35.77 9.31
N MET B 255 -13.58 36.57 9.79
CA MET B 255 -15.00 36.27 9.56
C MET B 255 -15.42 36.26 8.10
N LYS B 256 -14.69 36.98 7.26
CA LYS B 256 -14.99 37.05 5.81
C LYS B 256 -14.43 35.87 5.02
N ASP B 257 -13.71 34.97 5.69
CA ASP B 257 -12.98 33.90 5.03
C ASP B 257 -13.88 32.89 4.32
N ARG B 258 -13.36 32.40 3.19
CA ARG B 258 -14.08 31.45 2.33
C ARG B 258 -14.59 30.22 3.08
N TRP B 259 -13.72 29.53 3.77
CA TRP B 259 -14.14 28.35 4.52
C TRP B 259 -15.25 28.66 5.53
N MET B 260 -15.09 29.76 6.26
CA MET B 260 -16.08 30.20 7.25
C MET B 260 -17.49 30.31 6.65
N ASN B 261 -17.56 30.71 5.38
CA ASN B 261 -18.84 31.03 4.77
C ASN B 261 -19.38 30.05 3.71
N VAL B 262 -18.75 28.89 3.57
CA VAL B 262 -19.29 27.87 2.68
C VAL B 262 -20.67 27.44 3.19
N GLY B 263 -21.67 27.55 2.32
CA GLY B 263 -23.05 27.26 2.67
C GLY B 263 -23.79 28.47 3.23
N HIS B 264 -23.09 29.59 3.35
CA HIS B 264 -23.64 30.81 3.94
C HIS B 264 -23.56 32.01 2.98
N GLU B 265 -24.08 31.79 1.76
CA GLU B 265 -23.93 32.72 0.62
C GLU B 265 -24.55 34.10 0.85
N ASP B 266 -25.80 34.18 1.29
CA ASP B 266 -26.42 35.47 1.62
C ASP B 266 -26.48 35.68 3.14
N ASP B 267 -25.49 35.14 3.83
CA ASP B 267 -25.46 35.14 5.27
C ASP B 267 -24.00 34.97 5.76
N GLU B 268 -23.15 35.87 5.28
CA GLU B 268 -21.78 35.95 5.76
C GLU B 268 -21.73 36.21 7.27
N LEU B 269 -20.83 35.50 7.96
CA LEU B 269 -20.56 35.77 9.36
C LEU B 269 -20.06 37.20 9.53
N LYS B 270 -20.68 37.93 10.46
CA LYS B 270 -20.32 39.28 10.81
C LYS B 270 -20.28 39.42 12.33
N PRO B 271 -19.68 40.52 12.84
CA PRO B 271 -19.69 40.77 14.28
C PRO B 271 -21.11 40.85 14.84
N TYR B 272 -21.31 40.20 15.97
CA TYR B 272 -22.57 40.17 16.69
C TYR B 272 -22.94 41.58 17.17
N VAL B 273 -24.20 41.98 17.00
CA VAL B 273 -24.64 43.27 17.53
C VAL B 273 -25.36 42.92 18.81
N GLU B 274 -24.92 43.48 19.93
CA GLU B 274 -25.58 43.19 21.20
C GLU B 274 -26.99 43.77 21.19
N PRO B 275 -28.02 42.98 21.49
CA PRO B 275 -29.41 43.48 21.52
C PRO B 275 -29.61 44.62 22.51
N LEU B 276 -30.45 45.60 22.19
CA LEU B 276 -30.67 46.72 23.10
C LEU B 276 -31.34 46.20 24.39
N PRO B 277 -31.01 46.80 25.53
CA PRO B 277 -31.66 46.28 26.77
C PRO B 277 -33.20 46.40 26.76
N ASP B 278 -33.84 45.50 27.50
CA ASP B 278 -35.29 45.28 27.49
C ASP B 278 -35.70 45.08 28.94
N TYR B 279 -35.63 46.16 29.74
CA TYR B 279 -35.90 46.06 31.19
C TYR B 279 -37.36 46.30 31.61
N LYS B 280 -38.23 46.59 30.66
CA LYS B 280 -39.61 46.97 30.99
C LYS B 280 -40.58 46.09 30.22
N ASP B 281 -40.36 44.77 30.27
CA ASP B 281 -41.20 43.84 29.53
C ASP B 281 -42.46 43.62 30.34
N PRO B 282 -43.61 44.03 29.81
CA PRO B 282 -44.85 43.95 30.57
C PRO B 282 -45.16 42.53 31.11
N ARG B 283 -45.04 41.54 30.22
CA ARG B 283 -45.31 40.16 30.57
C ARG B 283 -44.46 39.68 31.76
N ARG B 284 -43.14 39.81 31.68
CA ARG B 284 -42.34 39.35 32.84
C ARG B 284 -42.59 40.21 34.08
N THR B 285 -42.87 41.50 33.88
CA THR B 285 -42.97 42.40 35.00
C THR B 285 -44.25 42.03 35.78
N GLU B 286 -45.30 41.64 35.06
CA GLU B 286 -46.56 41.35 35.71
C GLU B 286 -46.46 39.99 36.42
N LEU B 287 -45.89 38.98 35.77
CA LEU B 287 -45.60 37.71 36.46
C LEU B 287 -44.83 37.96 37.74
N MET B 288 -43.87 38.88 37.71
CA MET B 288 -43.09 39.17 38.93
C MET B 288 -43.87 39.94 39.98
N VAL B 289 -44.71 40.87 39.53
CA VAL B 289 -45.56 41.61 40.45
C VAL B 289 -46.46 40.63 41.21
N SER B 290 -47.01 39.65 40.48
CA SER B 290 -47.75 38.49 41.05
C SER B 290 -46.97 37.71 42.10
N MET B 291 -45.68 37.47 41.87
CA MET B 291 -44.86 36.79 42.86
C MET B 291 -44.63 37.71 44.08
N GLY B 292 -45.01 38.98 43.96
CA GLY B 292 -44.84 39.96 45.05
C GLY B 292 -43.59 40.84 44.93
N TYR B 293 -42.90 40.83 43.80
CA TYR B 293 -41.90 41.85 43.55
C TYR B 293 -42.61 43.16 43.15
N THR B 294 -41.89 44.29 43.26
CA THR B 294 -42.39 45.57 42.75
C THR B 294 -41.66 45.98 41.48
N ARG B 295 -42.34 46.78 40.69
CA ARG B 295 -41.78 47.37 39.48
C ARG B 295 -40.50 48.15 39.74
N GLU B 296 -40.47 48.85 40.88
CA GLU B 296 -39.40 49.74 41.30
C GLU B 296 -38.11 48.95 41.62
N GLU B 297 -38.24 47.83 42.33
CA GLU B 297 -37.06 46.98 42.62
C GLU B 297 -36.57 46.20 41.36
N ILE B 298 -37.51 45.81 40.51
CA ILE B 298 -37.14 45.27 39.23
C ILE B 298 -36.30 46.29 38.44
N GLN B 299 -36.75 47.54 38.41
CA GLN B 299 -36.06 48.57 37.63
C GLN B 299 -34.66 48.86 38.17
N ASP B 300 -34.56 49.07 39.47
CA ASP B 300 -33.26 49.27 40.11
C ASP B 300 -32.28 48.09 39.87
N SER B 301 -32.77 46.85 40.02
CA SER B 301 -31.95 45.65 39.80
C SER B 301 -31.42 45.51 38.36
N LEU B 302 -32.26 45.82 37.37
CA LEU B 302 -31.85 45.65 36.01
C LEU B 302 -31.00 46.82 35.56
N VAL B 303 -31.48 48.03 35.83
CA VAL B 303 -30.76 49.24 35.43
C VAL B 303 -29.37 49.27 36.13
N GLY B 304 -29.34 48.91 37.41
CA GLY B 304 -28.09 48.72 38.13
C GLY B 304 -27.31 47.44 37.81
N GLN B 305 -27.90 46.53 37.04
CA GLN B 305 -27.25 45.27 36.65
C GLN B 305 -26.66 44.62 37.89
N ARG B 306 -27.49 44.40 38.89
CA ARG B 306 -27.04 43.94 40.17
C ARG B 306 -26.81 42.43 40.23
N TYR B 307 -27.43 41.65 39.36
CA TYR B 307 -27.33 40.18 39.47
C TYR B 307 -27.72 39.67 40.86
N ASN B 308 -28.76 40.29 41.41
CA ASN B 308 -29.33 39.91 42.69
C ASN B 308 -30.51 38.99 42.41
N GLU B 309 -31.26 38.64 43.45
CA GLU B 309 -32.39 37.69 43.27
C GLU B 309 -33.47 38.21 42.29
N VAL B 310 -33.71 39.52 42.31
CA VAL B 310 -34.74 40.15 41.44
C VAL B 310 -34.38 40.04 39.96
N MET B 311 -33.15 40.39 39.66
CA MET B 311 -32.69 40.42 38.29
C MET B 311 -32.73 39.01 37.71
N ALA B 312 -32.30 38.04 38.52
CA ALA B 312 -32.20 36.64 38.14
C ALA B 312 -33.56 36.10 37.77
N THR B 313 -34.54 36.34 38.63
CA THR B 313 -35.91 35.93 38.28
C THR B 313 -36.34 36.51 36.95
N TYR B 314 -36.07 37.79 36.73
CA TYR B 314 -36.48 38.43 35.47
C TYR B 314 -35.79 37.76 34.26
N LEU B 315 -34.49 37.55 34.36
CA LEU B 315 -33.74 36.86 33.29
C LEU B 315 -34.26 35.44 33.07
N LEU B 316 -34.47 34.72 34.15
CA LEU B 316 -34.91 33.34 34.07
C LEU B 316 -36.34 33.20 33.51
N LEU B 317 -37.20 34.20 33.69
CA LEU B 317 -38.50 34.15 33.03
C LEU B 317 -38.36 34.34 31.51
N GLY B 318 -37.26 34.92 31.05
CA GLY B 318 -37.03 35.06 29.62
C GLY B 318 -36.54 33.76 29.01
N TYR B 319 -35.53 33.17 29.66
CA TYR B 319 -34.89 31.88 29.32
C TYR B 319 -35.84 30.75 28.89
N HIS C 5 2.98 -15.32 -0.52
CA HIS C 5 2.06 -14.18 -0.15
C HIS C 5 0.58 -14.36 -0.58
N ILE C 6 -0.31 -13.79 0.23
CA ILE C 6 -1.74 -13.72 -0.07
C ILE C 6 -2.35 -12.42 0.49
N GLY C 7 -2.97 -11.64 -0.38
CA GLY C 7 -3.46 -10.33 0.01
C GLY C 7 -2.33 -9.47 0.53
N ASN C 8 -2.54 -8.80 1.67
CA ASN C 8 -1.51 -7.99 2.28
C ASN C 8 -0.64 -8.78 3.26
N TYR C 9 -0.55 -10.10 3.10
CA TYR C 9 0.22 -10.94 4.03
C TYR C 9 1.33 -11.72 3.34
N ARG C 10 2.51 -11.70 3.94
CA ARG C 10 3.62 -12.49 3.47
C ARG C 10 3.63 -13.72 4.34
N LEU C 11 3.47 -14.88 3.73
CA LEU C 11 3.36 -16.11 4.50
C LEU C 11 4.76 -16.61 4.90
N LEU C 12 4.84 -17.23 6.08
CA LEU C 12 6.09 -17.73 6.64
C LEU C 12 5.83 -19.17 7.07
N LYS C 13 6.49 -19.64 8.14
CA LYS C 13 6.51 -21.08 8.48
C LYS C 13 5.10 -21.67 8.75
N THR C 14 4.98 -22.98 8.54
CA THR C 14 3.74 -23.72 8.83
C THR C 14 3.69 -24.06 10.33
N ILE C 15 2.66 -23.57 11.03
CA ILE C 15 2.50 -23.85 12.48
C ILE C 15 1.36 -24.85 12.81
N GLY C 16 0.66 -25.35 11.77
CA GLY C 16 -0.52 -26.23 11.95
C GLY C 16 -0.98 -26.97 10.69
N ALA C 21 -6.82 -27.97 6.60
CA ALA C 21 -6.39 -26.61 6.97
C ALA C 21 -4.90 -26.53 7.42
N LYS C 22 -4.05 -26.05 6.50
CA LYS C 22 -2.73 -25.57 6.87
C LYS C 22 -2.95 -24.31 7.71
N VAL C 23 -2.10 -24.08 8.70
CA VAL C 23 -2.04 -22.82 9.41
C VAL C 23 -0.61 -22.26 9.28
N LYS C 24 -0.46 -21.18 8.53
CA LYS C 24 0.84 -20.55 8.34
C LYS C 24 0.96 -19.30 9.24
N LEU C 25 2.14 -19.06 9.79
CA LEU C 25 2.46 -17.80 10.41
C LEU C 25 2.65 -16.82 9.26
N ALA C 26 2.26 -15.56 9.48
CA ALA C 26 2.38 -14.53 8.45
C ALA C 26 2.62 -13.13 9.01
N ARG C 27 3.06 -12.25 8.14
CA ARG C 27 3.27 -10.86 8.48
C ARG C 27 2.43 -9.96 7.58
N HIS C 28 1.64 -9.11 8.20
CA HIS C 28 0.89 -8.11 7.46
C HIS C 28 1.89 -7.07 6.93
N ILE C 29 1.89 -6.83 5.63
CA ILE C 29 2.95 -6.01 5.02
C ILE C 29 2.83 -4.51 5.40
N LEU C 30 1.61 -3.97 5.53
CA LEU C 30 1.47 -2.56 5.88
C LEU C 30 1.79 -2.24 7.34
N THR C 31 1.47 -3.15 8.24
CA THR C 31 1.65 -2.87 9.67
C THR C 31 2.80 -3.65 10.25
N GLY C 32 3.26 -4.69 9.54
CA GLY C 32 4.34 -5.52 10.03
C GLY C 32 3.91 -6.46 11.14
N LYS C 33 2.61 -6.56 11.41
CA LYS C 33 2.13 -7.37 12.54
C LYS C 33 2.10 -8.84 12.13
N GLU C 34 2.50 -9.70 13.08
CA GLU C 34 2.45 -11.13 12.90
C GLU C 34 1.08 -11.73 13.19
N VAL C 35 0.64 -12.63 12.32
CA VAL C 35 -0.67 -13.26 12.45
C VAL C 35 -0.60 -14.73 12.06
N ALA C 36 -1.65 -15.49 12.40
CA ALA C 36 -1.82 -16.91 12.02
C ALA C 36 -2.84 -16.96 10.91
N VAL C 37 -2.54 -17.59 9.79
CA VAL C 37 -3.46 -17.64 8.64
C VAL C 37 -3.93 -19.09 8.40
N LYS C 38 -5.18 -19.37 8.73
CA LYS C 38 -5.82 -20.67 8.42
C LYS C 38 -6.09 -20.68 6.96
N ILE C 39 -5.66 -21.73 6.26
CA ILE C 39 -5.86 -21.89 4.82
C ILE C 39 -6.77 -23.08 4.59
N ILE C 40 -8.00 -22.83 4.14
CA ILE C 40 -9.04 -23.85 4.08
C ILE C 40 -9.43 -24.10 2.64
N ASP C 41 -9.24 -25.34 2.22
CA ASP C 41 -9.54 -25.77 0.89
C ASP C 41 -11.05 -26.00 0.79
N LYS C 42 -11.71 -25.24 -0.06
CA LYS C 42 -13.16 -25.37 -0.24
C LYS C 42 -13.52 -26.53 -1.18
N THR C 43 -12.68 -26.80 -2.17
CA THR C 43 -12.96 -27.75 -3.27
C THR C 43 -13.61 -29.08 -2.86
N GLN C 44 -13.04 -29.69 -1.84
CA GLN C 44 -13.45 -31.03 -1.45
C GLN C 44 -14.73 -31.02 -0.57
N LEU C 45 -15.07 -29.89 0.03
CA LEU C 45 -16.13 -29.86 1.05
C LEU C 45 -17.51 -30.08 0.46
N ASN C 46 -18.39 -30.70 1.24
CA ASN C 46 -19.78 -30.84 0.84
C ASN C 46 -20.66 -29.75 1.45
N SER C 47 -21.86 -29.62 0.91
CA SER C 47 -22.82 -28.61 1.35
C SER C 47 -22.82 -28.45 2.84
N SER C 48 -23.03 -29.56 3.55
CA SER C 48 -23.11 -29.52 5.00
C SER C 48 -21.88 -28.91 5.64
N SER C 49 -20.72 -29.24 5.12
CA SER C 49 -19.45 -28.77 5.68
C SER C 49 -19.17 -27.33 5.25
N LEU C 50 -19.67 -26.95 4.09
CA LEU C 50 -19.56 -25.60 3.61
C LEU C 50 -20.46 -24.71 4.48
N GLN C 51 -21.72 -25.13 4.71
CA GLN C 51 -22.63 -24.38 5.61
C GLN C 51 -22.02 -24.17 7.00
N LYS C 52 -21.48 -25.23 7.58
CA LYS C 52 -20.74 -25.12 8.84
C LYS C 52 -19.55 -24.16 8.81
N LEU C 53 -18.82 -24.12 7.71
CA LEU C 53 -17.72 -23.17 7.57
C LEU C 53 -18.23 -21.71 7.55
N PHE C 54 -19.29 -21.46 6.80
CA PHE C 54 -19.90 -20.11 6.80
C PHE C 54 -20.33 -19.72 8.24
N ARG C 55 -20.94 -20.67 8.96
CA ARG C 55 -21.39 -20.43 10.34
C ARG C 55 -20.22 -20.17 11.27
N GLU C 56 -19.17 -20.97 11.13
CA GLU C 56 -17.99 -20.76 11.94
C GLU C 56 -17.48 -19.36 11.78
N VAL C 57 -17.44 -18.91 10.54
CA VAL C 57 -16.94 -17.58 10.25
C VAL C 57 -17.87 -16.45 10.81
N ARG C 58 -19.18 -16.64 10.67
CA ARG C 58 -20.18 -15.72 11.23
C ARG C 58 -19.95 -15.62 12.74
N ILE C 59 -19.76 -16.77 13.38
CA ILE C 59 -19.56 -16.80 14.83
C ILE C 59 -18.31 -16.07 15.25
N MET C 60 -17.19 -16.39 14.59
CA MET C 60 -15.95 -15.75 14.95
C MET C 60 -15.99 -14.22 14.85
N LYS C 61 -16.70 -13.72 13.85
CA LYS C 61 -16.83 -12.26 13.62
C LYS C 61 -17.53 -11.53 14.79
N VAL C 62 -18.43 -12.21 15.50
CA VAL C 62 -19.20 -11.51 16.54
C VAL C 62 -18.45 -11.44 17.86
N LEU C 63 -17.51 -12.35 18.09
CA LEU C 63 -16.83 -12.45 19.38
C LEU C 63 -15.68 -11.49 19.52
N ASN C 64 -15.70 -10.73 20.61
CA ASN C 64 -14.70 -9.74 20.90
C ASN C 64 -14.34 -9.82 22.39
N HIS C 65 -13.35 -10.64 22.69
CA HIS C 65 -12.98 -10.92 24.07
C HIS C 65 -11.47 -11.14 24.10
N PRO C 66 -10.80 -10.61 25.13
CA PRO C 66 -9.34 -10.70 25.18
C PRO C 66 -8.77 -12.10 25.37
N ASN C 67 -9.62 -13.07 25.71
CA ASN C 67 -9.21 -14.46 25.84
C ASN C 67 -9.88 -15.37 24.81
N ILE C 68 -10.28 -14.78 23.70
CA ILE C 68 -10.77 -15.50 22.54
C ILE C 68 -9.92 -15.01 21.38
N VAL C 69 -9.40 -15.96 20.60
CA VAL C 69 -8.59 -15.66 19.40
C VAL C 69 -9.40 -14.74 18.46
N LYS C 70 -8.86 -13.57 18.20
CA LYS C 70 -9.50 -12.62 17.32
C LYS C 70 -9.32 -12.94 15.83
N LEU C 71 -10.40 -12.76 15.09
CA LEU C 71 -10.41 -12.74 13.61
C LEU C 71 -10.05 -11.34 13.10
N PHE C 72 -9.09 -11.24 12.19
CA PHE C 72 -8.70 -9.93 11.64
C PHE C 72 -9.23 -9.68 10.21
N GLU C 73 -9.26 -10.74 9.40
CA GLU C 73 -9.61 -10.64 8.00
C GLU C 73 -10.06 -11.97 7.45
N VAL C 74 -10.94 -11.91 6.46
CA VAL C 74 -11.36 -13.03 5.70
C VAL C 74 -11.07 -12.71 4.23
N ILE C 75 -10.36 -13.60 3.54
CA ILE C 75 -10.00 -13.44 2.13
C ILE C 75 -10.57 -14.65 1.44
N GLU C 76 -11.29 -14.45 0.36
CA GLU C 76 -11.96 -15.53 -0.29
C GLU C 76 -11.47 -15.60 -1.71
N THR C 77 -11.13 -16.80 -2.14
CA THR C 77 -10.91 -17.00 -3.56
C THR C 77 -11.89 -18.06 -3.98
N GLU C 78 -11.79 -18.44 -5.24
CA GLU C 78 -12.62 -19.48 -5.79
C GLU C 78 -12.49 -20.75 -4.99
N LYS C 79 -11.26 -21.13 -4.67
CA LYS C 79 -11.03 -22.46 -4.11
C LYS C 79 -10.64 -22.47 -2.67
N THR C 80 -10.23 -21.33 -2.14
CA THR C 80 -9.67 -21.30 -0.80
C THR C 80 -10.28 -20.19 0.04
N LEU C 81 -10.45 -20.47 1.32
CA LEU C 81 -10.85 -19.50 2.29
C LEU C 81 -9.65 -19.27 3.17
N TYR C 82 -9.24 -18.02 3.32
CA TYR C 82 -8.22 -17.69 4.30
C TYR C 82 -8.83 -16.90 5.47
N LEU C 83 -8.57 -17.37 6.67
CA LEU C 83 -8.95 -16.70 7.87
C LEU C 83 -7.68 -16.24 8.56
N VAL C 84 -7.56 -14.93 8.70
CA VAL C 84 -6.41 -14.32 9.32
C VAL C 84 -6.71 -14.03 10.78
N MET C 85 -5.94 -14.64 11.67
CA MET C 85 -6.21 -14.46 13.07
C MET C 85 -5.02 -14.22 13.95
N GLU C 86 -5.36 -13.83 15.17
CA GLU C 86 -4.44 -13.62 16.24
C GLU C 86 -3.58 -14.85 16.37
N TYR C 87 -2.28 -14.61 16.47
CA TYR C 87 -1.28 -15.65 16.69
C TYR C 87 -1.01 -15.80 18.18
N ALA C 88 -1.19 -17.02 18.69
CA ALA C 88 -0.92 -17.37 20.08
C ALA C 88 0.39 -18.13 20.18
N SER C 89 1.51 -17.44 20.41
CA SER C 89 2.83 -18.06 20.26
C SER C 89 3.18 -19.11 21.33
N GLY C 90 2.49 -19.10 22.46
CA GLY C 90 2.77 -20.07 23.53
C GLY C 90 2.22 -21.47 23.26
N GLY C 91 1.52 -21.64 22.15
CA GLY C 91 1.02 -22.98 21.80
C GLY C 91 -0.22 -23.38 22.58
N GLU C 92 -0.47 -24.69 22.65
CA GLU C 92 -1.68 -25.23 23.25
C GLU C 92 -1.50 -25.52 24.73
N VAL C 93 -2.57 -25.38 25.50
CA VAL C 93 -2.52 -25.74 26.92
C VAL C 93 -2.21 -27.22 27.02
N PHE C 94 -2.67 -28.01 26.05
CA PHE C 94 -2.38 -29.44 26.02
C PHE C 94 -0.87 -29.70 26.11
N ASP C 95 -0.11 -29.03 25.26
CA ASP C 95 1.35 -29.26 25.21
C ASP C 95 2.07 -28.67 26.43
N TYR C 96 1.48 -27.60 26.96
CA TYR C 96 2.04 -26.96 28.13
C TYR C 96 1.92 -27.88 29.34
N LEU C 97 0.78 -28.53 29.46
CA LEU C 97 0.58 -29.56 30.47
C LEU C 97 1.49 -30.77 30.30
N VAL C 98 1.66 -31.25 29.06
CA VAL C 98 2.56 -32.39 28.87
C VAL C 98 3.94 -31.96 29.32
N ALA C 99 4.38 -30.77 28.94
CA ALA C 99 5.74 -30.30 29.31
C ALA C 99 5.92 -30.01 30.80
N HIS C 100 4.89 -29.49 31.49
CA HIS C 100 5.05 -29.08 32.90
C HIS C 100 4.35 -30.02 33.87
N GLY C 101 3.69 -31.05 33.34
CA GLY C 101 2.94 -31.97 34.16
C GLY C 101 1.55 -31.44 34.54
N TRP C 102 1.49 -30.29 35.21
CA TRP C 102 0.23 -29.76 35.72
C TRP C 102 0.45 -28.34 36.21
N MET C 103 -0.63 -27.68 36.60
CA MET C 103 -0.54 -26.38 37.20
C MET C 103 -0.87 -26.46 38.68
N LYS C 104 -0.10 -25.75 39.49
CA LYS C 104 -0.46 -25.48 40.87
C LYS C 104 -1.77 -24.70 40.86
N GLU C 105 -2.48 -24.74 41.97
CA GLU C 105 -3.84 -24.19 41.98
C GLU C 105 -3.87 -22.70 41.67
N LYS C 106 -2.90 -21.93 42.16
CA LYS C 106 -2.77 -20.52 41.83
C LYS C 106 -2.62 -20.28 40.33
N GLU C 107 -1.83 -21.12 39.64
CA GLU C 107 -1.66 -20.95 38.21
C GLU C 107 -2.91 -21.43 37.49
N ALA C 108 -3.48 -22.54 37.93
CA ALA C 108 -4.69 -23.07 37.29
C ALA C 108 -5.84 -22.04 37.38
N ARG C 109 -5.95 -21.38 38.54
CA ARG C 109 -6.91 -20.31 38.74
C ARG C 109 -6.68 -19.14 37.81
N ALA C 110 -5.44 -18.67 37.60
CA ALA C 110 -5.24 -17.55 36.67
C ALA C 110 -5.75 -17.93 35.29
N LYS C 111 -5.45 -19.14 34.82
CA LYS C 111 -5.96 -19.58 33.54
C LYS C 111 -7.46 -19.75 33.58
N PHE C 112 -7.98 -20.35 34.64
CA PHE C 112 -9.38 -20.74 34.60
C PHE C 112 -10.36 -19.51 34.70
N ARG C 113 -9.95 -18.45 35.40
CA ARG C 113 -10.72 -17.21 35.42
C ARG C 113 -10.86 -16.67 33.99
N GLN C 114 -9.77 -16.74 33.21
CA GLN C 114 -9.83 -16.31 31.79
C GLN C 114 -10.69 -17.22 30.95
N ILE C 115 -10.56 -18.51 31.16
CA ILE C 115 -11.35 -19.47 30.43
C ILE C 115 -12.83 -19.26 30.72
N VAL C 116 -13.17 -19.11 32.01
CA VAL C 116 -14.57 -18.97 32.38
C VAL C 116 -15.15 -17.61 31.89
N SER C 117 -14.38 -16.54 31.98
CA SER C 117 -14.84 -15.27 31.48
C SER C 117 -15.16 -15.35 30.01
N ALA C 118 -14.26 -15.97 29.22
CA ALA C 118 -14.47 -16.13 27.77
C ALA C 118 -15.67 -16.98 27.46
N VAL C 119 -15.83 -18.11 28.14
CA VAL C 119 -16.94 -18.99 27.79
C VAL C 119 -18.29 -18.38 28.21
N GLN C 120 -18.32 -17.74 29.38
CA GLN C 120 -19.54 -17.02 29.79
C GLN C 120 -19.91 -15.91 28.80
N TYR C 121 -18.89 -15.25 28.25
CA TYR C 121 -19.13 -14.18 27.29
C TYR C 121 -19.67 -14.77 26.00
N CYS C 122 -19.16 -15.92 25.53
CA CYS C 122 -19.79 -16.60 24.40
C CYS C 122 -21.28 -16.82 24.68
N HIS C 123 -21.59 -17.27 25.90
CA HIS C 123 -22.98 -17.50 26.27
C HIS C 123 -23.84 -16.24 26.27
N GLN C 124 -23.31 -15.12 26.76
CA GLN C 124 -23.91 -13.81 26.63
C GLN C 124 -24.29 -13.46 25.17
N LYS C 125 -23.39 -13.78 24.24
CA LYS C 125 -23.60 -13.59 22.81
C LYS C 125 -24.40 -14.75 22.19
N PHE C 126 -24.89 -15.65 23.00
CA PHE C 126 -25.80 -16.72 22.55
C PHE C 126 -25.12 -17.73 21.63
N ILE C 127 -23.86 -18.00 21.97
CA ILE C 127 -23.04 -18.95 21.25
C ILE C 127 -22.52 -20.03 22.21
N VAL C 128 -22.71 -21.29 21.87
CA VAL C 128 -22.05 -22.41 22.56
C VAL C 128 -20.84 -22.93 21.77
N HIS C 129 -19.75 -23.24 22.47
CA HIS C 129 -18.48 -23.58 21.81
C HIS C 129 -18.56 -25.02 21.33
N ARG C 130 -18.85 -25.93 22.28
CA ARG C 130 -19.03 -27.36 22.05
C ARG C 130 -17.78 -28.19 21.75
N ASP C 131 -16.60 -27.59 21.68
CA ASP C 131 -15.36 -28.39 21.71
C ASP C 131 -14.29 -27.82 22.65
N LEU C 132 -14.72 -27.46 23.84
CA LEU C 132 -13.80 -26.94 24.83
C LEU C 132 -12.89 -28.11 25.31
N LYS C 133 -11.59 -27.95 25.16
CA LYS C 133 -10.61 -28.98 25.55
C LYS C 133 -9.24 -28.32 25.57
N ALA C 134 -8.28 -29.01 26.15
CA ALA C 134 -6.94 -28.44 26.36
C ALA C 134 -6.28 -28.03 25.06
N GLU C 135 -6.48 -28.81 24.00
CA GLU C 135 -5.95 -28.49 22.67
C GLU C 135 -6.52 -27.21 22.12
N ASN C 136 -7.72 -26.82 22.56
CA ASN C 136 -8.35 -25.61 22.00
C ASN C 136 -8.17 -24.40 22.89
N LEU C 137 -7.37 -24.55 23.93
CA LEU C 137 -7.02 -23.44 24.75
C LEU C 137 -5.57 -23.10 24.42
N LEU C 138 -5.37 -21.93 23.82
CA LEU C 138 -4.06 -21.52 23.41
C LEU C 138 -3.53 -20.51 24.42
N LEU C 139 -2.23 -20.28 24.34
CA LEU C 139 -1.53 -19.33 25.18
C LEU C 139 -0.79 -18.34 24.28
N ASP C 140 -0.91 -17.06 24.57
CA ASP C 140 -0.11 -16.09 23.85
C ASP C 140 1.25 -15.87 24.51
N ALA C 141 2.06 -14.99 23.93
CA ALA C 141 3.40 -14.65 24.44
C ALA C 141 3.39 -14.30 25.94
N ASP C 142 2.35 -13.63 26.39
CA ASP C 142 2.23 -13.25 27.82
C ASP C 142 1.56 -14.30 28.71
N MET C 143 1.44 -15.54 28.20
CA MET C 143 0.82 -16.66 28.88
C MET C 143 -0.67 -16.45 29.25
N ASN C 144 -1.36 -15.62 28.47
CA ASN C 144 -2.80 -15.40 28.58
C ASN C 144 -3.54 -16.36 27.70
N ILE C 145 -4.70 -16.81 28.18
CA ILE C 145 -5.49 -17.77 27.46
C ILE C 145 -6.11 -17.11 26.25
N LYS C 146 -6.14 -17.86 25.15
CA LYS C 146 -6.89 -17.51 23.98
C LYS C 146 -7.67 -18.74 23.53
N ILE C 147 -8.99 -18.71 23.64
CA ILE C 147 -9.78 -19.86 23.22
C ILE C 147 -9.89 -19.90 21.66
N ALA C 148 -9.75 -21.09 21.09
CA ALA C 148 -9.71 -21.24 19.64
C ALA C 148 -10.70 -22.32 19.23
N ASP C 149 -10.90 -22.44 17.92
CA ASP C 149 -11.59 -23.56 17.29
C ASP C 149 -13.10 -23.61 17.55
N PHE C 150 -13.80 -22.75 16.82
CA PHE C 150 -15.24 -22.64 16.87
C PHE C 150 -15.93 -23.45 15.78
N GLY C 151 -15.30 -24.56 15.36
CA GLY C 151 -15.86 -25.43 14.31
C GLY C 151 -17.09 -26.23 14.71
N PHE C 152 -17.26 -26.53 16.00
CA PHE C 152 -18.48 -27.22 16.45
C PHE C 152 -19.46 -26.24 17.06
N SER C 153 -19.10 -24.97 17.10
CA SER C 153 -19.93 -23.97 17.72
C SER C 153 -21.23 -23.69 16.97
N ASN C 154 -22.21 -23.20 17.71
CA ASN C 154 -23.47 -22.76 17.11
C ASN C 154 -24.12 -21.69 17.98
N GLU C 155 -25.02 -20.93 17.36
CA GLU C 155 -25.88 -20.04 18.09
C GLU C 155 -26.93 -20.89 18.75
N PHE C 156 -27.42 -20.41 19.89
CA PHE C 156 -28.59 -21.02 20.52
C PHE C 156 -29.57 -19.93 20.92
N THR C 157 -30.82 -20.33 21.10
CA THR C 157 -31.87 -19.45 21.59
C THR C 157 -32.64 -20.23 22.62
N PHE C 158 -32.46 -19.90 23.90
CA PHE C 158 -33.12 -20.60 25.04
C PHE C 158 -34.46 -21.33 24.79
N GLY C 159 -35.27 -20.79 23.88
CA GLY C 159 -36.48 -21.47 23.44
C GLY C 159 -36.29 -22.66 22.50
N ASN C 160 -35.04 -23.13 22.32
CA ASN C 160 -34.75 -24.26 21.42
C ASN C 160 -33.55 -25.13 21.87
N LYS C 161 -33.84 -26.36 22.29
CA LYS C 161 -32.80 -27.35 22.57
C LYS C 161 -32.18 -27.83 21.26
N LEU C 162 -30.97 -28.36 21.37
CA LEU C 162 -30.10 -28.62 20.21
C LEU C 162 -30.08 -30.12 19.91
N ASP C 163 -29.72 -30.47 18.68
CA ASP C 163 -29.97 -31.81 18.12
C ASP C 163 -28.75 -32.61 17.75
N THR C 164 -27.62 -31.93 17.59
CA THR C 164 -26.42 -32.55 17.06
C THR C 164 -25.49 -32.88 18.25
N PHE C 165 -24.87 -34.06 18.21
CA PHE C 165 -24.25 -34.65 19.38
C PHE C 165 -22.74 -34.72 19.19
N CYS C 166 -22.17 -33.56 18.85
CA CYS C 166 -20.75 -33.42 18.60
C CYS C 166 -19.92 -33.03 19.84
N GLY C 167 -18.69 -33.51 19.87
CA GLY C 167 -17.73 -33.13 20.91
C GLY C 167 -16.49 -33.99 20.80
N SER C 168 -15.72 -34.01 21.89
CA SER C 168 -14.51 -34.81 21.99
C SER C 168 -14.77 -35.64 23.19
N PRO C 169 -14.68 -36.98 23.05
CA PRO C 169 -15.17 -37.89 24.06
C PRO C 169 -14.82 -37.61 25.52
N PRO C 170 -13.54 -37.35 25.84
CA PRO C 170 -13.28 -37.19 27.28
C PRO C 170 -13.82 -35.91 27.90
N TYR C 171 -14.23 -34.95 27.08
CA TYR C 171 -14.76 -33.67 27.56
C TYR C 171 -16.30 -33.50 27.36
N ALA C 172 -16.94 -34.55 26.85
CA ALA C 172 -18.30 -34.46 26.32
C ALA C 172 -19.32 -34.75 27.43
N ALA C 173 -20.34 -33.90 27.53
CA ALA C 173 -21.42 -34.09 28.51
C ALA C 173 -22.14 -35.43 28.28
N PRO C 174 -22.48 -36.14 29.36
CA PRO C 174 -23.11 -37.45 29.19
C PRO C 174 -24.40 -37.44 28.36
N GLU C 175 -25.18 -36.35 28.43
CA GLU C 175 -26.39 -36.25 27.58
C GLU C 175 -26.06 -36.29 26.09
N LEU C 176 -24.86 -35.82 25.71
CA LEU C 176 -24.43 -35.92 24.32
C LEU C 176 -24.22 -37.37 23.90
N PHE C 177 -23.57 -38.14 24.77
CA PHE C 177 -23.46 -39.58 24.54
C PHE C 177 -24.85 -40.24 24.41
N GLN C 178 -25.77 -39.85 25.29
CA GLN C 178 -27.08 -40.48 25.32
C GLN C 178 -27.95 -40.08 24.13
N GLY C 179 -27.64 -38.95 23.50
CA GLY C 179 -28.44 -38.46 22.38
C GLY C 179 -29.73 -37.75 22.77
N LYS C 180 -29.67 -36.96 23.84
CA LYS C 180 -30.83 -36.20 24.31
C LYS C 180 -30.69 -34.76 23.85
N LYS C 181 -31.75 -34.19 23.28
CA LYS C 181 -31.76 -32.76 22.98
C LYS C 181 -31.32 -32.00 24.23
N TYR C 182 -30.47 -30.99 24.05
CA TYR C 182 -29.83 -30.32 25.18
C TYR C 182 -29.91 -28.83 24.90
N ASP C 183 -29.89 -28.00 25.95
CA ASP C 183 -30.14 -26.54 25.77
C ASP C 183 -29.00 -25.81 25.03
N GLY C 184 -27.77 -26.12 25.45
CA GLY C 184 -26.56 -25.63 24.81
C GLY C 184 -25.47 -25.36 25.83
N PRO C 185 -25.57 -24.24 26.55
CA PRO C 185 -24.57 -23.81 27.50
C PRO C 185 -24.15 -24.88 28.51
N GLU C 186 -25.11 -25.66 28.99
CA GLU C 186 -24.85 -26.65 30.03
C GLU C 186 -23.81 -27.68 29.58
N VAL C 187 -23.73 -27.95 28.29
CA VAL C 187 -22.76 -28.87 27.72
C VAL C 187 -21.34 -28.25 27.75
N ASP C 188 -21.22 -26.94 27.53
CA ASP C 188 -19.96 -26.28 27.76
C ASP C 188 -19.58 -26.28 29.27
N VAL C 189 -20.59 -26.22 30.14
CA VAL C 189 -20.31 -26.20 31.58
C VAL C 189 -19.65 -27.53 32.00
N TRP C 190 -20.14 -28.65 31.52
CA TRP C 190 -19.49 -29.92 31.83
C TRP C 190 -18.02 -30.00 31.26
N SER C 191 -17.82 -29.60 30.01
CA SER C 191 -16.46 -29.58 29.44
C SER C 191 -15.49 -28.78 30.31
N LEU C 192 -16.00 -27.69 30.86
CA LEU C 192 -15.18 -26.83 31.69
C LEU C 192 -14.76 -27.52 32.98
N GLY C 193 -15.64 -28.38 33.51
CA GLY C 193 -15.32 -29.22 34.65
C GLY C 193 -14.15 -30.16 34.34
N VAL C 194 -14.21 -30.82 33.18
CA VAL C 194 -13.11 -31.70 32.76
C VAL C 194 -11.81 -30.87 32.62
N ILE C 195 -11.90 -29.69 31.98
CA ILE C 195 -10.75 -28.76 31.86
C ILE C 195 -10.11 -28.47 33.21
N LEU C 196 -10.95 -28.11 34.19
CA LEU C 196 -10.46 -27.75 35.51
C LEU C 196 -9.70 -28.91 36.11
N TYR C 197 -10.32 -30.09 36.07
CA TYR C 197 -9.67 -31.30 36.59
C TYR C 197 -8.28 -31.49 35.91
N THR C 198 -8.20 -31.30 34.59
CA THR C 198 -6.96 -31.58 33.87
C THR C 198 -5.89 -30.51 34.08
N LEU C 199 -6.29 -29.27 34.31
CA LEU C 199 -5.32 -28.23 34.68
C LEU C 199 -4.63 -28.53 36.00
N VAL C 200 -5.39 -28.98 37.01
CA VAL C 200 -4.84 -29.10 38.36
C VAL C 200 -4.16 -30.45 38.60
N SER C 201 -4.58 -31.48 37.85
CA SER C 201 -3.96 -32.81 37.96
C SER C 201 -3.04 -33.15 36.80
N GLY C 202 -3.27 -32.58 35.63
CA GLY C 202 -2.51 -32.98 34.46
C GLY C 202 -2.98 -34.30 33.85
N SER C 203 -4.10 -34.80 34.35
CA SER C 203 -4.74 -36.01 33.88
C SER C 203 -6.19 -35.77 33.55
N LEU C 204 -6.77 -36.73 32.86
CA LEU C 204 -8.17 -36.64 32.46
C LEU C 204 -8.97 -37.41 33.49
N PRO C 205 -10.15 -36.88 33.87
CA PRO C 205 -10.99 -37.58 34.85
C PRO C 205 -11.66 -38.85 34.30
N PHE C 206 -11.96 -38.84 33.02
CA PHE C 206 -12.72 -39.89 32.38
C PHE C 206 -11.97 -40.38 31.11
N ASP C 207 -11.54 -41.63 31.11
CA ASP C 207 -10.96 -42.28 29.92
C ASP C 207 -10.87 -43.78 30.14
N GLY C 208 -10.48 -44.49 29.09
CA GLY C 208 -10.17 -45.92 29.17
C GLY C 208 -9.39 -46.42 27.97
N GLN C 209 -9.23 -47.74 27.89
CA GLN C 209 -8.42 -48.38 26.85
C GLN C 209 -9.06 -48.20 25.49
N ASN C 210 -10.39 -48.15 25.49
CA ASN C 210 -11.19 -47.94 24.29
C ASN C 210 -12.31 -46.98 24.63
N LEU C 211 -13.05 -46.55 23.62
CA LEU C 211 -14.18 -45.64 23.83
C LEU C 211 -15.36 -46.21 24.65
N LYS C 212 -15.65 -47.50 24.57
CA LYS C 212 -16.83 -48.02 25.30
C LYS C 212 -16.67 -47.87 26.82
N GLU C 213 -15.42 -47.97 27.29
CA GLU C 213 -15.10 -47.72 28.68
C GLU C 213 -15.25 -46.23 29.04
N LEU C 214 -14.63 -45.37 28.24
CA LEU C 214 -14.74 -43.91 28.42
C LEU C 214 -16.20 -43.52 28.57
N ARG C 215 -16.99 -43.87 27.56
CA ARG C 215 -18.45 -43.67 27.61
C ARG C 215 -19.03 -44.15 28.94
N GLU C 216 -18.69 -45.36 29.33
CA GLU C 216 -19.26 -45.92 30.53
C GLU C 216 -18.89 -45.08 31.75
N ARG C 217 -17.63 -44.66 31.85
CA ARG C 217 -17.21 -43.88 32.99
C ARG C 217 -17.83 -42.48 32.97
N VAL C 218 -17.93 -41.86 31.81
CA VAL C 218 -18.61 -40.57 31.71
C VAL C 218 -20.04 -40.69 32.21
N LEU C 219 -20.74 -41.73 31.73
CA LEU C 219 -22.14 -41.92 32.09
C LEU C 219 -22.31 -42.27 33.56
N ARG C 220 -21.42 -43.11 34.08
CA ARG C 220 -21.36 -43.35 35.51
C ARG C 220 -21.18 -42.02 36.25
N GLY C 221 -20.32 -41.15 35.71
CA GLY C 221 -20.17 -39.80 36.21
C GLY C 221 -19.34 -39.72 37.46
N LYS C 222 -18.54 -40.75 37.73
CA LYS C 222 -17.69 -40.73 38.92
C LYS C 222 -16.24 -40.59 38.51
N TYR C 223 -15.47 -39.87 39.33
CA TYR C 223 -14.06 -39.60 39.06
C TYR C 223 -13.31 -39.55 40.37
N ARG C 224 -12.00 -39.78 40.32
CA ARG C 224 -11.20 -39.80 41.56
C ARG C 224 -10.61 -38.41 41.84
N ILE C 225 -10.69 -38.01 43.10
CA ILE C 225 -10.14 -36.77 43.59
C ILE C 225 -8.80 -37.13 44.24
N PRO C 226 -7.68 -36.65 43.64
CA PRO C 226 -6.39 -36.95 44.26
C PRO C 226 -6.20 -36.22 45.58
N PHE C 227 -5.42 -36.86 46.45
CA PHE C 227 -5.23 -36.40 47.80
C PHE C 227 -4.75 -34.94 47.89
N TYR C 228 -3.99 -34.49 46.90
CA TYR C 228 -3.43 -33.16 46.98
C TYR C 228 -4.46 -32.07 46.61
N MET C 229 -5.60 -32.43 46.06
CA MET C 229 -6.54 -31.42 45.63
C MET C 229 -7.17 -30.66 46.82
N SER C 230 -7.17 -29.33 46.77
CA SER C 230 -7.82 -28.56 47.84
C SER C 230 -9.33 -28.91 47.88
N THR C 231 -9.93 -28.75 49.06
CA THR C 231 -11.34 -29.04 49.20
C THR C 231 -12.17 -28.01 48.43
N ASP C 232 -11.68 -26.78 48.31
CA ASP C 232 -12.35 -25.78 47.49
C ASP C 232 -12.34 -26.20 46.02
N CYS C 233 -11.25 -26.80 45.54
CA CYS C 233 -11.19 -27.23 44.17
C CYS C 233 -12.16 -28.39 43.91
N GLU C 234 -12.16 -29.38 44.78
CA GLU C 234 -13.13 -30.51 44.69
C GLU C 234 -14.60 -30.03 44.72
N ASN C 235 -14.90 -29.07 45.60
CA ASN C 235 -16.26 -28.53 45.67
C ASN C 235 -16.64 -27.78 44.40
N LEU C 236 -15.67 -27.10 43.77
CA LEU C 236 -15.96 -26.42 42.50
C LEU C 236 -16.29 -27.45 41.40
N LEU C 237 -15.47 -28.48 41.29
CA LEU C 237 -15.68 -29.57 40.33
C LEU C 237 -17.06 -30.15 40.44
N LYS C 238 -17.53 -30.29 41.68
CA LYS C 238 -18.88 -30.78 41.97
C LYS C 238 -20.01 -29.95 41.35
N LYS C 239 -19.76 -28.66 41.05
CA LYS C 239 -20.76 -27.80 40.37
C LYS C 239 -20.79 -27.89 38.83
N PHE C 240 -19.71 -28.44 38.27
CA PHE C 240 -19.58 -28.63 36.83
C PHE C 240 -20.01 -30.02 36.42
N LEU C 241 -19.51 -31.01 37.15
CA LEU C 241 -19.61 -32.40 36.75
C LEU C 241 -20.79 -33.11 37.43
N ILE C 242 -22.00 -32.69 37.09
CA ILE C 242 -23.25 -33.23 37.63
C ILE C 242 -23.97 -33.91 36.47
N LEU C 243 -24.41 -35.17 36.62
CA LEU C 243 -24.98 -35.88 35.49
C LEU C 243 -26.20 -35.19 34.95
N ASN C 244 -27.02 -34.69 35.86
CA ASN C 244 -28.26 -34.06 35.48
C ASN C 244 -27.94 -32.65 35.01
N PRO C 245 -28.19 -32.37 33.71
CA PRO C 245 -27.79 -31.07 33.17
C PRO C 245 -28.51 -29.89 33.84
N SER C 246 -29.79 -30.05 34.14
CA SER C 246 -30.52 -28.98 34.82
C SER C 246 -30.04 -28.72 36.25
N LYS C 247 -29.24 -29.61 36.86
CA LYS C 247 -28.66 -29.34 38.16
C LYS C 247 -27.17 -28.95 38.12
N ARG C 248 -26.58 -28.71 36.95
CA ARG C 248 -25.22 -28.13 36.91
C ARG C 248 -25.31 -26.67 37.27
N GLY C 249 -24.31 -26.15 37.97
CA GLY C 249 -24.22 -24.70 38.19
C GLY C 249 -24.15 -23.94 36.86
N THR C 250 -24.63 -22.70 36.87
CA THR C 250 -24.47 -21.73 35.79
C THR C 250 -23.13 -21.06 35.90
N LEU C 251 -22.59 -20.59 34.78
CA LEU C 251 -21.28 -19.96 34.83
C LEU C 251 -21.34 -18.70 35.70
N GLU C 252 -22.53 -18.08 35.73
CA GLU C 252 -22.78 -16.91 36.58
C GLU C 252 -22.66 -17.21 38.07
N GLN C 253 -23.32 -18.26 38.54
CA GLN C 253 -23.08 -18.75 39.89
C GLN C 253 -21.64 -19.13 40.14
N ILE C 254 -21.10 -19.94 39.23
CA ILE C 254 -19.75 -20.44 39.33
C ILE C 254 -18.72 -19.29 39.45
N MET C 255 -18.98 -18.14 38.82
CA MET C 255 -18.06 -17.01 38.97
C MET C 255 -17.90 -16.51 40.40
N LYS C 256 -18.90 -16.78 41.26
CA LYS C 256 -18.86 -16.36 42.67
C LYS C 256 -18.30 -17.43 43.62
N ASP C 257 -17.91 -18.57 43.09
CA ASP C 257 -17.37 -19.67 43.89
C ASP C 257 -16.06 -19.25 44.55
N ARG C 258 -15.84 -19.73 45.77
CA ARG C 258 -14.64 -19.46 46.57
C ARG C 258 -13.32 -19.72 45.82
N TRP C 259 -13.22 -20.92 45.23
CA TRP C 259 -11.97 -21.33 44.55
C TRP C 259 -11.62 -20.29 43.53
N MET C 260 -12.62 -19.83 42.78
CA MET C 260 -12.42 -18.91 41.65
C MET C 260 -11.81 -17.62 42.10
N ASN C 261 -12.09 -17.26 43.37
CA ASN C 261 -11.79 -15.92 43.85
C ASN C 261 -10.70 -15.82 44.91
N VAL C 262 -10.06 -16.94 45.24
CA VAL C 262 -8.90 -16.92 46.15
C VAL C 262 -7.81 -15.98 45.62
N GLY C 263 -7.37 -15.06 46.47
CA GLY C 263 -6.47 -13.98 46.07
C GLY C 263 -7.14 -12.85 45.31
N HIS C 264 -8.46 -12.84 45.24
CA HIS C 264 -9.15 -11.79 44.51
C HIS C 264 -10.31 -11.14 45.31
N GLU C 265 -10.06 -10.93 46.59
CA GLU C 265 -11.07 -10.41 47.55
C GLU C 265 -11.79 -9.14 47.10
N ASP C 266 -11.06 -8.21 46.48
CA ASP C 266 -11.71 -7.00 45.94
C ASP C 266 -11.66 -6.99 44.43
N ASP C 267 -11.91 -8.17 43.88
CA ASP C 267 -11.79 -8.35 42.46
C ASP C 267 -12.52 -9.65 42.06
N GLU C 268 -13.76 -9.79 42.50
CA GLU C 268 -14.54 -10.97 42.15
C GLU C 268 -14.64 -11.09 40.62
N LEU C 269 -14.54 -12.33 40.13
CA LEU C 269 -14.77 -12.59 38.73
C LEU C 269 -16.22 -12.27 38.47
N LYS C 270 -16.49 -11.51 37.41
CA LYS C 270 -17.83 -11.22 36.96
C LYS C 270 -17.88 -11.21 35.42
N PRO C 271 -19.08 -11.23 34.84
CA PRO C 271 -19.23 -11.25 33.40
C PRO C 271 -18.53 -10.11 32.73
N TYR C 272 -17.89 -10.42 31.62
CA TYR C 272 -17.19 -9.45 30.82
C TYR C 272 -18.19 -8.51 30.18
N VAL C 273 -17.86 -7.23 30.08
CA VAL C 273 -18.70 -6.23 29.41
C VAL C 273 -17.98 -5.88 28.12
N GLU C 274 -18.66 -6.11 27.00
CA GLU C 274 -18.04 -5.94 25.69
C GLU C 274 -17.78 -4.43 25.45
N PRO C 275 -16.57 -4.05 25.03
CA PRO C 275 -16.31 -2.64 24.71
C PRO C 275 -17.22 -2.11 23.60
N LEU C 276 -17.53 -0.83 23.67
CA LEU C 276 -18.32 -0.19 22.64
C LEU C 276 -17.44 -0.04 21.39
N PRO C 277 -18.04 -0.16 20.22
CA PRO C 277 -17.24 -0.12 19.00
C PRO C 277 -16.61 1.27 18.87
N ASP C 278 -15.35 1.35 18.43
CA ASP C 278 -14.69 2.62 18.10
C ASP C 278 -14.16 2.54 16.68
N TYR C 279 -14.93 3.06 15.73
CA TYR C 279 -14.61 3.07 14.33
C TYR C 279 -13.94 4.36 13.83
N LYS C 280 -13.80 5.34 14.71
CA LYS C 280 -13.28 6.66 14.37
C LYS C 280 -12.16 7.03 15.35
N ASP C 281 -11.22 6.11 15.55
CA ASP C 281 -10.06 6.36 16.39
C ASP C 281 -9.15 7.33 15.60
N PRO C 282 -8.92 8.54 16.13
CA PRO C 282 -8.17 9.48 15.29
C PRO C 282 -6.74 9.02 14.96
N ARG C 283 -6.08 8.36 15.89
CA ARG C 283 -4.70 7.90 15.67
C ARG C 283 -4.63 6.88 14.52
N ARG C 284 -5.40 5.80 14.61
CA ARG C 284 -5.37 4.81 13.57
C ARG C 284 -5.84 5.36 12.23
N THR C 285 -6.79 6.27 12.25
CA THR C 285 -7.28 6.85 11.01
C THR C 285 -6.20 7.67 10.31
N GLU C 286 -5.47 8.47 11.09
CA GLU C 286 -4.36 9.25 10.55
C GLU C 286 -3.28 8.34 9.92
N LEU C 287 -2.88 7.33 10.65
CA LEU C 287 -1.91 6.36 10.18
C LEU C 287 -2.38 5.76 8.84
N MET C 288 -3.65 5.37 8.77
CA MET C 288 -4.17 4.76 7.57
C MET C 288 -4.30 5.70 6.41
N VAL C 289 -4.65 6.95 6.68
CA VAL C 289 -4.66 7.94 5.59
C VAL C 289 -3.22 8.19 5.06
N SER C 290 -2.26 8.19 5.95
CA SER C 290 -0.85 8.35 5.55
C SER C 290 -0.38 7.14 4.70
N MET C 291 -0.92 5.95 4.96
CA MET C 291 -0.71 4.79 4.10
C MET C 291 -1.52 4.85 2.79
N GLY C 292 -2.44 5.80 2.67
CA GLY C 292 -3.18 6.04 1.40
C GLY C 292 -4.62 5.57 1.38
N TYR C 293 -5.16 5.14 2.51
CA TYR C 293 -6.58 4.86 2.60
C TYR C 293 -7.38 6.15 2.82
N THR C 294 -8.67 6.12 2.55
CA THR C 294 -9.53 7.30 2.83
C THR C 294 -10.36 7.01 4.06
N ARG C 295 -10.71 8.06 4.75
CA ARG C 295 -11.65 7.94 5.86
C ARG C 295 -13.00 7.26 5.45
N GLU C 296 -13.46 7.51 4.24
CA GLU C 296 -14.76 7.02 3.79
C GLU C 296 -14.73 5.51 3.65
N GLU C 297 -13.63 4.96 3.15
CA GLU C 297 -13.55 3.49 2.98
C GLU C 297 -13.31 2.84 4.32
N ILE C 298 -12.62 3.54 5.22
CA ILE C 298 -12.46 3.00 6.56
C ILE C 298 -13.85 2.93 7.19
N GLN C 299 -14.66 3.96 6.98
CA GLN C 299 -16.00 3.95 7.57
C GLN C 299 -16.90 2.86 7.01
N ASP C 300 -16.94 2.73 5.70
CA ASP C 300 -17.73 1.72 5.05
C ASP C 300 -17.35 0.32 5.55
N SER C 301 -16.02 0.11 5.67
CA SER C 301 -15.51 -1.18 6.04
C SER C 301 -15.79 -1.58 7.48
N LEU C 302 -15.68 -0.62 8.39
CA LEU C 302 -15.85 -0.90 9.81
C LEU C 302 -17.32 -0.89 10.23
N VAL C 303 -18.08 0.09 9.74
CA VAL C 303 -19.51 0.15 10.04
C VAL C 303 -20.21 -1.11 9.45
N GLY C 304 -19.82 -1.51 8.25
CA GLY C 304 -20.32 -2.73 7.67
C GLY C 304 -19.65 -3.97 8.22
N GLN C 305 -18.66 -3.83 9.10
CA GLN C 305 -18.00 -4.99 9.71
C GLN C 305 -17.59 -6.04 8.65
N ARG C 306 -16.93 -5.56 7.61
CA ARG C 306 -16.69 -6.39 6.44
C ARG C 306 -15.49 -7.36 6.52
N TYR C 307 -14.58 -7.17 7.47
CA TYR C 307 -13.40 -8.01 7.58
C TYR C 307 -12.62 -8.12 6.26
N ASN C 308 -12.55 -6.98 5.55
CA ASN C 308 -11.81 -6.88 4.31
C ASN C 308 -10.40 -6.33 4.64
N GLU C 309 -9.65 -5.91 3.62
CA GLU C 309 -8.27 -5.45 3.85
C GLU C 309 -8.20 -4.16 4.70
N VAL C 310 -9.17 -3.27 4.45
CA VAL C 310 -9.23 -1.98 5.12
C VAL C 310 -9.42 -2.20 6.61
N MET C 311 -10.47 -2.95 6.96
CA MET C 311 -10.78 -3.22 8.35
C MET C 311 -9.62 -3.95 9.04
N ALA C 312 -8.98 -4.90 8.35
CA ALA C 312 -7.90 -5.67 8.96
C ALA C 312 -6.80 -4.72 9.36
N THR C 313 -6.43 -3.82 8.47
CA THR C 313 -5.35 -2.88 8.77
C THR C 313 -5.73 -2.02 10.01
N TYR C 314 -6.97 -1.54 10.04
CA TYR C 314 -7.48 -0.80 11.22
C TYR C 314 -7.37 -1.64 12.47
N LEU C 315 -7.80 -2.87 12.41
CA LEU C 315 -7.72 -3.72 13.62
C LEU C 315 -6.26 -4.00 14.01
N LEU C 316 -5.42 -4.27 13.01
CA LEU C 316 -4.03 -4.69 13.29
C LEU C 316 -3.24 -3.54 13.87
N LEU C 317 -3.62 -2.30 13.55
CA LEU C 317 -2.96 -1.13 14.12
C LEU C 317 -3.35 -0.89 15.58
N GLY C 318 -4.40 -1.56 16.03
CA GLY C 318 -4.90 -1.41 17.41
C GLY C 318 -4.29 -2.41 18.38
N TYR C 319 -3.07 -2.87 18.06
CA TYR C 319 -2.17 -3.50 19.03
C TYR C 319 -1.42 -2.46 19.89
N HIS D 5 23.49 -16.74 -55.78
CA HIS D 5 24.47 -16.04 -54.86
C HIS D 5 23.91 -14.82 -54.11
N ILE D 6 24.00 -14.81 -52.77
CA ILE D 6 23.74 -13.55 -52.02
C ILE D 6 24.66 -13.30 -50.81
N GLY D 7 25.36 -12.17 -50.78
CA GLY D 7 26.38 -11.93 -49.75
C GLY D 7 27.37 -13.07 -49.79
N ASN D 8 27.76 -13.58 -48.63
CA ASN D 8 28.66 -14.73 -48.56
C ASN D 8 27.96 -16.08 -48.76
N TYR D 9 26.83 -16.13 -49.46
CA TYR D 9 26.09 -17.41 -49.62
C TYR D 9 25.80 -17.80 -51.08
N ARG D 10 26.00 -19.06 -51.39
CA ARG D 10 25.57 -19.62 -52.67
C ARG D 10 24.22 -20.29 -52.45
N LEU D 11 23.20 -19.82 -53.16
CA LEU D 11 21.85 -20.34 -52.97
C LEU D 11 21.66 -21.68 -53.71
N LEU D 12 20.94 -22.60 -53.07
CA LEU D 12 20.71 -23.94 -53.59
C LEU D 12 19.19 -24.16 -53.73
N LYS D 13 18.71 -25.39 -53.54
CA LYS D 13 17.33 -25.70 -53.85
C LYS D 13 16.35 -25.04 -52.86
N THR D 14 15.13 -24.84 -53.34
CA THR D 14 14.04 -24.29 -52.54
C THR D 14 13.58 -25.35 -51.53
N ILE D 15 13.27 -24.93 -50.31
CA ILE D 15 12.80 -25.85 -49.26
C ILE D 15 11.49 -25.37 -48.58
N GLY D 16 11.02 -24.16 -48.95
CA GLY D 16 9.83 -23.55 -48.34
C GLY D 16 9.11 -22.62 -49.32
N ALA D 21 6.27 -18.78 -46.63
CA ALA D 21 7.71 -18.52 -46.62
C ALA D 21 8.37 -18.93 -47.96
N LYS D 22 9.20 -18.04 -48.54
CA LYS D 22 10.17 -18.41 -49.59
C LYS D 22 11.54 -18.71 -48.94
N VAL D 23 11.76 -19.96 -48.54
CA VAL D 23 13.02 -20.40 -47.95
C VAL D 23 13.87 -21.12 -49.00
N LYS D 24 15.18 -20.80 -49.03
CA LYS D 24 16.10 -21.49 -49.94
C LYS D 24 17.26 -22.07 -49.13
N LEU D 25 17.71 -23.25 -49.53
CA LEU D 25 18.86 -23.88 -48.89
C LEU D 25 20.06 -23.19 -49.49
N ALA D 26 21.09 -22.97 -48.68
CA ALA D 26 22.29 -22.23 -49.14
C ALA D 26 23.53 -22.77 -48.48
N ARG D 27 24.68 -22.43 -49.09
CA ARG D 27 25.99 -22.80 -48.56
C ARG D 27 26.76 -21.53 -48.30
N HIS D 28 27.29 -21.41 -47.08
CA HIS D 28 28.13 -20.27 -46.76
C HIS D 28 29.49 -20.51 -47.41
N ILE D 29 29.96 -19.52 -48.17
CA ILE D 29 31.12 -19.70 -49.01
C ILE D 29 32.39 -19.88 -48.21
N LEU D 30 32.60 -19.09 -47.17
CA LEU D 30 33.89 -19.13 -46.49
C LEU D 30 34.03 -20.33 -45.56
N THR D 31 32.93 -20.83 -45.02
CA THR D 31 32.99 -21.93 -44.07
C THR D 31 32.53 -23.24 -44.68
N GLY D 32 31.82 -23.18 -45.81
CA GLY D 32 31.17 -24.36 -46.36
C GLY D 32 29.98 -24.91 -45.58
N LYS D 33 29.38 -24.14 -44.65
CA LYS D 33 28.27 -24.67 -43.84
C LYS D 33 26.90 -24.47 -44.52
N GLU D 34 25.99 -25.44 -44.36
CA GLU D 34 24.66 -25.36 -44.95
C GLU D 34 23.71 -24.55 -44.10
N VAL D 35 22.95 -23.67 -44.71
CA VAL D 35 21.97 -22.83 -43.95
C VAL D 35 20.63 -22.76 -44.69
N ALA D 36 19.61 -22.25 -44.00
CA ALA D 36 18.30 -21.97 -44.62
C ALA D 36 18.18 -20.47 -44.77
N VAL D 37 17.88 -19.98 -45.95
CA VAL D 37 17.80 -18.54 -46.14
C VAL D 37 16.38 -18.10 -46.42
N LYS D 38 15.75 -17.45 -45.44
CA LYS D 38 14.39 -16.97 -45.62
C LYS D 38 14.55 -15.70 -46.43
N ILE D 39 13.82 -15.62 -47.54
CA ILE D 39 13.83 -14.47 -48.47
C ILE D 39 12.50 -13.73 -48.40
N ILE D 40 12.51 -12.49 -47.90
CA ILE D 40 11.27 -11.76 -47.60
C ILE D 40 11.17 -10.50 -48.44
N ASP D 41 10.14 -10.46 -49.29
CA ASP D 41 9.88 -9.32 -50.14
C ASP D 41 9.25 -8.23 -49.32
N LYS D 42 9.91 -7.08 -49.29
CA LYS D 42 9.48 -5.95 -48.48
C LYS D 42 8.52 -5.02 -49.24
N THR D 43 8.63 -5.01 -50.58
CA THR D 43 7.87 -4.07 -51.40
C THR D 43 6.37 -4.25 -51.18
N GLN D 44 5.97 -5.50 -51.03
CA GLN D 44 4.58 -5.85 -50.82
C GLN D 44 4.03 -5.31 -49.50
N LEU D 45 4.90 -5.22 -48.48
CA LEU D 45 4.48 -5.03 -47.08
C LEU D 45 4.01 -3.62 -46.73
N ASN D 46 3.00 -3.55 -45.86
CA ASN D 46 2.53 -2.29 -45.31
C ASN D 46 3.22 -2.03 -43.99
N SER D 47 2.84 -0.94 -43.33
CA SER D 47 3.56 -0.49 -42.14
C SER D 47 3.49 -1.49 -40.99
N SER D 48 2.27 -1.96 -40.73
CA SER D 48 2.06 -2.97 -39.72
C SER D 48 2.88 -4.20 -40.01
N SER D 49 2.89 -4.63 -41.27
CA SER D 49 3.66 -5.83 -41.65
C SER D 49 5.16 -5.59 -41.53
N LEU D 50 5.59 -4.36 -41.76
CA LEU D 50 7.01 -4.02 -41.67
C LEU D 50 7.43 -3.93 -40.20
N GLN D 51 6.62 -3.30 -39.37
CA GLN D 51 6.85 -3.29 -37.92
C GLN D 51 7.01 -4.68 -37.37
N LYS D 52 6.15 -5.61 -37.78
CA LYS D 52 6.20 -6.96 -37.22
C LYS D 52 7.43 -7.72 -37.68
N LEU D 53 7.85 -7.43 -38.90
CA LEU D 53 9.06 -8.06 -39.42
C LEU D 53 10.31 -7.59 -38.63
N PHE D 54 10.42 -6.30 -38.36
CA PHE D 54 11.52 -5.81 -37.50
C PHE D 54 11.49 -6.49 -36.11
N ARG D 55 10.27 -6.60 -35.55
CA ARG D 55 10.05 -7.21 -34.23
C ARG D 55 10.52 -8.66 -34.19
N GLU D 56 10.16 -9.39 -35.24
CA GLU D 56 10.51 -10.78 -35.36
C GLU D 56 12.02 -10.96 -35.41
N VAL D 57 12.69 -10.06 -36.12
CA VAL D 57 14.13 -10.13 -36.20
C VAL D 57 14.76 -9.77 -34.85
N ARG D 58 14.23 -8.74 -34.18
CA ARG D 58 14.74 -8.37 -32.87
C ARG D 58 14.67 -9.52 -31.88
N ILE D 59 13.58 -10.29 -31.92
CA ILE D 59 13.38 -11.43 -31.03
C ILE D 59 14.26 -12.63 -31.34
N MET D 60 14.43 -12.95 -32.62
CA MET D 60 15.29 -14.05 -32.95
C MET D 60 16.74 -13.74 -32.54
N LYS D 61 17.18 -12.49 -32.66
CA LYS D 61 18.54 -12.13 -32.19
C LYS D 61 18.79 -12.45 -30.72
N VAL D 62 17.76 -12.31 -29.90
CA VAL D 62 17.87 -12.49 -28.43
C VAL D 62 17.96 -13.97 -27.99
N LEU D 63 17.39 -14.87 -28.78
CA LEU D 63 17.19 -16.26 -28.38
C LEU D 63 18.40 -17.15 -28.71
N ASN D 64 18.94 -17.87 -27.70
CA ASN D 64 20.09 -18.78 -27.83
C ASN D 64 19.86 -20.09 -27.07
N HIS D 65 19.29 -21.08 -27.73
CA HIS D 65 18.86 -22.30 -27.10
C HIS D 65 18.96 -23.39 -28.14
N PRO D 66 19.37 -24.59 -27.74
CA PRO D 66 19.62 -25.63 -28.74
C PRO D 66 18.36 -26.24 -29.40
N ASN D 67 17.18 -25.95 -28.87
CA ASN D 67 15.98 -26.35 -29.53
C ASN D 67 15.17 -25.18 -30.12
N ILE D 68 15.87 -24.10 -30.41
CA ILE D 68 15.31 -22.99 -31.15
C ILE D 68 16.22 -22.70 -32.33
N VAL D 69 15.63 -22.57 -33.50
CA VAL D 69 16.32 -22.30 -34.76
C VAL D 69 17.16 -21.05 -34.60
N LYS D 70 18.47 -21.17 -34.80
CA LYS D 70 19.39 -20.01 -34.62
C LYS D 70 19.43 -19.09 -35.84
N LEU D 71 19.49 -17.79 -35.60
CA LEU D 71 19.68 -16.81 -36.66
C LEU D 71 21.19 -16.64 -36.76
N PHE D 72 21.75 -16.67 -37.96
CA PHE D 72 23.18 -16.48 -38.15
C PHE D 72 23.45 -15.08 -38.69
N GLU D 73 22.59 -14.59 -39.60
CA GLU D 73 22.89 -13.31 -40.26
C GLU D 73 21.66 -12.65 -40.80
N VAL D 74 21.69 -11.32 -40.87
CA VAL D 74 20.61 -10.56 -41.47
C VAL D 74 21.21 -9.74 -42.57
N ILE D 75 20.67 -9.89 -43.78
CA ILE D 75 21.12 -9.14 -44.95
C ILE D 75 19.98 -8.31 -45.46
N GLU D 76 20.22 -7.02 -45.68
CA GLU D 76 19.13 -6.11 -46.04
C GLU D 76 19.42 -5.44 -47.38
N THR D 77 18.48 -5.51 -48.30
CA THR D 77 18.55 -4.65 -49.49
C THR D 77 17.32 -3.76 -49.43
N GLU D 78 17.21 -2.86 -50.40
CA GLU D 78 16.06 -1.97 -50.51
C GLU D 78 14.75 -2.80 -50.66
N LYS D 79 14.83 -3.90 -51.38
CA LYS D 79 13.65 -4.71 -51.72
C LYS D 79 13.45 -5.91 -50.83
N THR D 80 14.55 -6.46 -50.31
CA THR D 80 14.53 -7.81 -49.76
C THR D 80 15.25 -7.90 -48.43
N LEU D 81 14.65 -8.65 -47.53
CA LEU D 81 15.31 -8.98 -46.29
C LEU D 81 15.65 -10.42 -46.45
N TYR D 82 16.91 -10.78 -46.20
CA TYR D 82 17.30 -12.19 -46.07
C TYR D 82 17.60 -12.52 -44.62
N LEU D 83 16.99 -13.58 -44.11
CA LEU D 83 17.33 -14.11 -42.81
C LEU D 83 18.03 -15.46 -43.00
N VAL D 84 19.27 -15.51 -42.54
CA VAL D 84 20.10 -16.69 -42.68
C VAL D 84 19.98 -17.48 -41.42
N MET D 85 19.49 -18.69 -41.51
CA MET D 85 19.30 -19.46 -40.32
C MET D 85 19.65 -20.93 -40.41
N GLU D 86 19.66 -21.53 -39.24
CA GLU D 86 19.94 -22.90 -39.02
C GLU D 86 18.97 -23.73 -39.85
N TYR D 87 19.51 -24.74 -40.52
CA TYR D 87 18.73 -25.67 -41.35
C TYR D 87 18.33 -26.90 -40.54
N ALA D 88 17.03 -27.18 -40.49
CA ALA D 88 16.50 -28.36 -39.79
C ALA D 88 16.13 -29.36 -40.86
N SER D 89 16.99 -30.33 -41.12
CA SER D 89 16.82 -31.17 -42.34
C SER D 89 15.71 -32.21 -42.20
N GLY D 90 15.30 -32.51 -40.97
CA GLY D 90 14.20 -33.46 -40.72
C GLY D 90 12.81 -32.96 -41.05
N GLY D 91 12.67 -31.66 -41.31
CA GLY D 91 11.37 -31.14 -41.66
C GLY D 91 10.47 -30.86 -40.42
N GLU D 92 9.18 -30.69 -40.68
CA GLU D 92 8.21 -30.32 -39.65
C GLU D 92 7.72 -31.55 -38.85
N VAL D 93 7.46 -31.35 -37.56
CA VAL D 93 6.82 -32.38 -36.76
C VAL D 93 5.46 -32.75 -37.35
N PHE D 94 4.75 -31.77 -37.90
CA PHE D 94 3.49 -32.03 -38.58
C PHE D 94 3.64 -33.17 -39.63
N ASP D 95 4.59 -33.03 -40.56
CA ASP D 95 4.79 -34.04 -41.61
C ASP D 95 5.31 -35.35 -41.06
N TYR D 96 6.06 -35.27 -39.97
CA TYR D 96 6.52 -36.50 -39.28
C TYR D 96 5.37 -37.28 -38.70
N LEU D 97 4.44 -36.58 -38.06
CA LEU D 97 3.21 -37.21 -37.54
C LEU D 97 2.34 -37.81 -38.63
N VAL D 98 2.20 -37.13 -39.76
CA VAL D 98 1.46 -37.71 -40.90
C VAL D 98 2.14 -39.00 -41.38
N ALA D 99 3.48 -38.99 -41.54
CA ALA D 99 4.20 -40.18 -42.02
C ALA D 99 4.15 -41.33 -41.02
N HIS D 100 4.15 -41.05 -39.71
CA HIS D 100 4.30 -42.11 -38.71
C HIS D 100 3.06 -42.29 -37.82
N GLY D 101 2.04 -41.46 -38.06
CA GLY D 101 0.78 -41.58 -37.34
C GLY D 101 0.76 -40.83 -36.04
N TRP D 102 1.57 -41.28 -35.08
CA TRP D 102 1.72 -40.61 -33.80
C TRP D 102 3.07 -41.02 -33.21
N MET D 103 3.38 -40.56 -32.01
CA MET D 103 4.56 -41.02 -31.31
C MET D 103 4.14 -41.76 -30.05
N LYS D 104 4.84 -42.85 -29.73
CA LYS D 104 4.63 -43.52 -28.44
C LYS D 104 5.10 -42.58 -27.38
N GLU D 105 4.63 -42.78 -26.18
CA GLU D 105 4.83 -41.79 -25.12
C GLU D 105 6.33 -41.51 -24.78
N LYS D 106 7.15 -42.55 -24.76
CA LYS D 106 8.58 -42.34 -24.56
C LYS D 106 9.15 -41.41 -25.62
N GLU D 107 8.75 -41.53 -26.87
CA GLU D 107 9.26 -40.66 -27.92
C GLU D 107 8.64 -39.25 -27.84
N ALA D 108 7.34 -39.20 -27.57
CA ALA D 108 6.63 -37.93 -27.36
C ALA D 108 7.27 -37.15 -26.23
N ARG D 109 7.66 -37.85 -25.17
CA ARG D 109 8.41 -37.24 -24.07
C ARG D 109 9.76 -36.71 -24.48
N ALA D 110 10.50 -37.45 -25.30
CA ALA D 110 11.81 -36.95 -25.76
C ALA D 110 11.62 -35.62 -26.46
N LYS D 111 10.67 -35.56 -27.39
CA LYS D 111 10.38 -34.32 -28.09
C LYS D 111 9.87 -33.23 -27.12
N PHE D 112 8.99 -33.62 -26.24
CA PHE D 112 8.26 -32.60 -25.47
C PHE D 112 9.14 -31.96 -24.38
N ARG D 113 10.06 -32.73 -23.81
CA ARG D 113 11.07 -32.16 -22.90
C ARG D 113 11.82 -31.05 -23.60
N GLN D 114 12.19 -31.25 -24.87
CA GLN D 114 12.90 -30.24 -25.61
C GLN D 114 11.99 -29.05 -25.92
N ILE D 115 10.75 -29.32 -26.34
CA ILE D 115 9.82 -28.24 -26.66
C ILE D 115 9.59 -27.35 -25.42
N VAL D 116 9.42 -27.97 -24.26
CA VAL D 116 9.05 -27.24 -23.03
C VAL D 116 10.23 -26.38 -22.55
N SER D 117 11.43 -26.95 -22.62
CA SER D 117 12.65 -26.26 -22.29
C SER D 117 12.79 -25.05 -23.16
N ALA D 118 12.57 -25.23 -24.46
CA ALA D 118 12.68 -24.13 -25.39
C ALA D 118 11.69 -23.01 -25.07
N VAL D 119 10.44 -23.36 -24.88
CA VAL D 119 9.42 -22.33 -24.69
C VAL D 119 9.57 -21.68 -23.32
N GLN D 120 9.96 -22.46 -22.31
CA GLN D 120 10.15 -21.87 -20.99
C GLN D 120 11.32 -20.89 -21.03
N TYR D 121 12.37 -21.23 -21.75
CA TYR D 121 13.47 -20.29 -21.96
C TYR D 121 13.01 -19.00 -22.64
N CYS D 122 12.12 -19.09 -23.64
CA CYS D 122 11.59 -17.86 -24.24
C CYS D 122 10.96 -17.02 -23.18
N HIS D 123 10.16 -17.66 -22.32
CA HIS D 123 9.50 -16.93 -21.26
C HIS D 123 10.51 -16.30 -20.33
N GLN D 124 11.63 -16.99 -20.04
CA GLN D 124 12.68 -16.43 -19.15
C GLN D 124 13.16 -15.13 -19.80
N LYS D 125 13.31 -15.17 -21.13
CA LYS D 125 13.71 -13.99 -21.89
C LYS D 125 12.55 -13.00 -22.13
N PHE D 126 11.38 -13.22 -21.52
CA PHE D 126 10.24 -12.32 -21.67
C PHE D 126 9.69 -12.22 -23.09
N ILE D 127 9.67 -13.34 -23.78
CA ILE D 127 9.11 -13.48 -25.11
C ILE D 127 8.04 -14.61 -25.12
N VAL D 128 6.91 -14.32 -25.75
CA VAL D 128 5.86 -15.28 -26.00
C VAL D 128 5.82 -15.53 -27.51
N HIS D 129 5.66 -16.79 -27.86
CA HIS D 129 5.80 -17.23 -29.25
C HIS D 129 4.54 -17.02 -30.02
N ARG D 130 3.43 -17.52 -29.46
CA ARG D 130 2.05 -17.35 -29.98
C ARG D 130 1.71 -18.00 -31.30
N ASP D 131 2.57 -18.84 -31.84
CA ASP D 131 2.14 -19.71 -32.90
C ASP D 131 2.76 -21.13 -32.80
N LEU D 132 2.82 -21.62 -31.57
CA LEU D 132 3.31 -22.94 -31.29
C LEU D 132 2.30 -23.93 -31.88
N LYS D 133 2.78 -24.71 -32.83
CA LYS D 133 1.98 -25.72 -33.49
C LYS D 133 2.94 -26.72 -34.16
N ALA D 134 2.38 -27.86 -34.57
CA ALA D 134 3.17 -28.91 -35.13
C ALA D 134 4.03 -28.40 -36.33
N GLU D 135 3.49 -27.50 -37.14
CA GLU D 135 4.16 -27.00 -38.35
C GLU D 135 5.40 -26.19 -38.00
N ASN D 136 5.39 -25.58 -36.82
CA ASN D 136 6.47 -24.73 -36.35
C ASN D 136 7.41 -25.43 -35.43
N LEU D 137 7.24 -26.74 -35.30
CA LEU D 137 8.20 -27.53 -34.59
C LEU D 137 8.99 -28.30 -35.68
N LEU D 138 10.28 -27.97 -35.84
CA LEU D 138 11.15 -28.59 -36.84
C LEU D 138 12.01 -29.67 -36.19
N LEU D 139 12.53 -30.58 -37.01
CA LEU D 139 13.43 -31.63 -36.59
C LEU D 139 14.78 -31.49 -37.32
N ASP D 140 15.88 -31.58 -36.60
CA ASP D 140 17.17 -31.54 -37.26
C ASP D 140 17.62 -32.96 -37.65
N ALA D 141 18.80 -33.06 -38.27
CA ALA D 141 19.27 -34.36 -38.75
C ALA D 141 19.36 -35.40 -37.64
N ASP D 142 19.63 -34.94 -36.43
CA ASP D 142 19.69 -35.81 -35.23
C ASP D 142 18.31 -36.02 -34.56
N MET D 143 17.24 -35.57 -35.23
CA MET D 143 15.86 -35.71 -34.77
C MET D 143 15.50 -34.93 -33.47
N ASN D 144 16.26 -33.87 -33.22
CA ASN D 144 16.01 -32.96 -32.11
C ASN D 144 15.11 -31.82 -32.53
N ILE D 145 14.35 -31.29 -31.58
CA ILE D 145 13.39 -30.24 -31.91
C ILE D 145 14.10 -28.91 -32.16
N LYS D 146 13.65 -28.19 -33.18
CA LYS D 146 14.00 -26.77 -33.36
C LYS D 146 12.72 -26.00 -33.57
N ILE D 147 12.36 -25.17 -32.61
CA ILE D 147 11.17 -24.32 -32.78
C ILE D 147 11.48 -23.18 -33.76
N ALA D 148 10.57 -22.85 -34.66
CA ALA D 148 10.87 -21.96 -35.77
C ALA D 148 10.17 -20.58 -35.79
N ASP D 149 8.88 -20.52 -35.96
CA ASP D 149 8.38 -19.32 -36.70
C ASP D 149 7.96 -18.26 -35.68
N PHE D 150 8.79 -17.25 -35.48
CA PHE D 150 8.55 -16.22 -34.47
C PHE D 150 7.78 -14.99 -35.00
N GLY D 151 7.02 -15.14 -36.09
CA GLY D 151 6.29 -14.01 -36.70
C GLY D 151 5.12 -13.42 -35.89
N PHE D 152 4.57 -14.17 -34.95
CA PHE D 152 3.51 -13.69 -34.10
C PHE D 152 4.05 -13.39 -32.72
N SER D 153 5.35 -13.54 -32.52
CA SER D 153 5.92 -13.42 -31.20
C SER D 153 5.92 -11.97 -30.73
N ASN D 154 6.00 -11.79 -29.43
CA ASN D 154 6.17 -10.46 -28.85
C ASN D 154 6.86 -10.52 -27.50
N GLU D 155 7.60 -9.47 -27.18
CA GLU D 155 8.07 -9.31 -25.83
C GLU D 155 6.88 -8.98 -24.97
N PHE D 156 7.00 -9.29 -23.69
CA PHE D 156 5.96 -8.93 -22.72
C PHE D 156 6.61 -8.53 -21.40
N THR D 157 5.86 -7.82 -20.59
CA THR D 157 6.35 -7.38 -19.29
C THR D 157 5.21 -7.56 -18.34
N PHE D 158 5.31 -8.56 -17.46
CA PHE D 158 4.20 -9.03 -16.61
C PHE D 158 3.13 -8.00 -16.16
N GLY D 159 3.55 -6.75 -15.93
CA GLY D 159 2.61 -5.70 -15.55
C GLY D 159 1.72 -5.18 -16.68
N ASN D 160 2.06 -5.52 -17.92
CA ASN D 160 1.37 -5.03 -19.11
C ASN D 160 0.76 -6.19 -19.91
N LYS D 161 -0.58 -6.32 -19.89
CA LYS D 161 -1.26 -7.37 -20.64
C LYS D 161 -1.26 -7.10 -22.13
N LEU D 162 -1.30 -8.17 -22.92
CA LEU D 162 -1.30 -8.08 -24.38
C LEU D 162 -2.73 -7.99 -24.92
N ASP D 163 -2.82 -7.49 -26.15
CA ASP D 163 -4.06 -7.05 -26.76
C ASP D 163 -4.33 -7.69 -28.14
N THR D 164 -3.30 -8.25 -28.77
CA THR D 164 -3.41 -8.83 -30.10
C THR D 164 -3.90 -10.27 -29.98
N PHE D 165 -4.82 -10.67 -30.84
CA PHE D 165 -5.45 -12.00 -30.72
C PHE D 165 -5.07 -12.94 -31.87
N CYS D 166 -3.79 -12.96 -32.19
CA CYS D 166 -3.30 -13.78 -33.30
C CYS D 166 -3.06 -15.22 -32.88
N GLY D 167 -3.22 -16.16 -33.81
CA GLY D 167 -2.88 -17.56 -33.54
C GLY D 167 -3.33 -18.49 -34.64
N SER D 168 -3.18 -19.78 -34.42
CA SER D 168 -3.75 -20.77 -35.32
C SER D 168 -4.86 -21.45 -34.54
N PRO D 169 -6.08 -21.46 -35.11
CA PRO D 169 -7.27 -21.82 -34.31
C PRO D 169 -7.19 -23.11 -33.46
N PRO D 170 -6.71 -24.23 -34.04
CA PRO D 170 -6.68 -25.46 -33.21
C PRO D 170 -5.83 -25.38 -31.95
N TYR D 171 -4.84 -24.52 -31.96
CA TYR D 171 -3.91 -24.35 -30.86
C TYR D 171 -4.13 -23.08 -30.00
N ALA D 172 -5.04 -22.21 -30.44
CA ALA D 172 -5.24 -20.91 -29.78
C ALA D 172 -6.07 -21.00 -28.50
N ALA D 173 -5.63 -20.27 -27.48
CA ALA D 173 -6.24 -20.27 -26.17
C ALA D 173 -7.66 -19.70 -26.23
N PRO D 174 -8.55 -20.16 -25.34
CA PRO D 174 -9.93 -19.70 -25.41
C PRO D 174 -9.99 -18.17 -25.32
N GLU D 175 -9.25 -17.59 -24.37
CA GLU D 175 -9.21 -16.14 -24.17
C GLU D 175 -8.87 -15.32 -25.43
N LEU D 176 -8.24 -15.93 -26.43
CA LEU D 176 -7.90 -15.17 -27.64
C LEU D 176 -9.13 -15.09 -28.55
N PHE D 177 -9.88 -16.18 -28.63
CA PHE D 177 -11.13 -16.20 -29.40
C PHE D 177 -12.13 -15.15 -28.91
N GLN D 178 -12.06 -14.85 -27.63
CA GLN D 178 -13.00 -13.97 -27.00
C GLN D 178 -12.41 -12.60 -26.72
N GLY D 179 -11.34 -12.24 -27.44
CA GLY D 179 -10.68 -10.94 -27.29
C GLY D 179 -10.55 -10.41 -25.86
N LYS D 180 -10.06 -11.26 -24.95
CA LYS D 180 -9.72 -10.84 -23.60
C LYS D 180 -8.23 -10.51 -23.49
N LYS D 181 -7.90 -9.33 -22.98
CA LYS D 181 -6.51 -9.01 -22.71
C LYS D 181 -5.88 -10.11 -21.83
N TYR D 182 -4.64 -10.49 -22.17
CA TYR D 182 -3.95 -11.65 -21.57
C TYR D 182 -2.49 -11.28 -21.22
N ASP D 183 -1.88 -11.97 -20.26
CA ASP D 183 -0.51 -11.56 -19.79
C ASP D 183 0.59 -11.81 -20.85
N GLY D 184 0.50 -13.00 -21.46
CA GLY D 184 1.37 -13.45 -22.54
C GLY D 184 1.61 -14.95 -22.48
N PRO D 185 2.49 -15.39 -21.56
CA PRO D 185 2.96 -16.76 -21.50
C PRO D 185 1.88 -17.84 -21.43
N GLU D 186 0.84 -17.58 -20.63
CA GLU D 186 -0.23 -18.56 -20.40
C GLU D 186 -0.87 -19.09 -21.70
N VAL D 187 -0.84 -18.30 -22.76
CA VAL D 187 -1.39 -18.67 -24.05
C VAL D 187 -0.47 -19.66 -24.79
N ASP D 188 0.84 -19.49 -24.68
CA ASP D 188 1.78 -20.53 -25.09
C ASP D 188 1.52 -21.82 -24.30
N VAL D 189 1.18 -21.72 -23.01
CA VAL D 189 0.96 -22.90 -22.18
C VAL D 189 -0.23 -23.71 -22.70
N TRP D 190 -1.31 -23.05 -23.07
CA TRP D 190 -2.42 -23.72 -23.72
C TRP D 190 -2.01 -24.46 -25.02
N SER D 191 -1.32 -23.76 -25.92
CA SER D 191 -0.90 -24.37 -27.19
C SER D 191 -0.06 -25.61 -26.99
N LEU D 192 0.73 -25.61 -25.93
CA LEU D 192 1.58 -26.68 -25.55
C LEU D 192 0.81 -27.93 -25.15
N GLY D 193 -0.33 -27.71 -24.49
CA GLY D 193 -1.31 -28.74 -24.18
C GLY D 193 -1.82 -29.39 -25.45
N VAL D 194 -2.24 -28.55 -26.40
CA VAL D 194 -2.71 -29.06 -27.69
C VAL D 194 -1.60 -29.85 -28.43
N ILE D 195 -0.38 -29.33 -28.38
CA ILE D 195 0.78 -30.04 -28.99
C ILE D 195 0.99 -31.41 -28.36
N LEU D 196 0.91 -31.48 -27.02
CA LEU D 196 1.14 -32.74 -26.32
C LEU D 196 0.15 -33.79 -26.78
N TYR D 197 -1.10 -33.35 -26.85
CA TYR D 197 -2.19 -34.23 -27.24
C TYR D 197 -1.92 -34.77 -28.66
N THR D 198 -1.45 -33.87 -29.50
CA THR D 198 -1.23 -34.17 -30.90
C THR D 198 -0.07 -35.14 -31.08
N LEU D 199 0.94 -35.04 -30.24
CA LEU D 199 2.10 -35.92 -30.33
C LEU D 199 1.73 -37.33 -29.97
N VAL D 200 0.95 -37.50 -28.89
CA VAL D 200 0.66 -38.81 -28.38
C VAL D 200 -0.46 -39.50 -29.16
N SER D 201 -1.40 -38.74 -29.69
CA SER D 201 -2.51 -39.31 -30.49
C SER D 201 -2.40 -39.16 -31.98
N GLY D 202 -1.66 -38.15 -32.44
CA GLY D 202 -1.57 -37.89 -33.88
C GLY D 202 -2.81 -37.23 -34.42
N SER D 203 -3.60 -36.66 -33.53
CA SER D 203 -4.78 -35.96 -33.95
C SER D 203 -5.06 -34.74 -33.04
N LEU D 204 -5.92 -33.85 -33.52
CA LEU D 204 -6.18 -32.61 -32.82
C LEU D 204 -7.30 -32.81 -31.79
N PRO D 205 -7.15 -32.27 -30.59
CA PRO D 205 -8.21 -32.32 -29.56
C PRO D 205 -9.45 -31.45 -29.87
N PHE D 206 -9.24 -30.27 -30.45
CA PHE D 206 -10.34 -29.35 -30.85
C PHE D 206 -10.34 -29.08 -32.36
N ASP D 207 -11.40 -29.46 -33.07
CA ASP D 207 -11.63 -29.03 -34.46
C ASP D 207 -13.10 -29.26 -34.86
N GLY D 208 -13.43 -28.97 -36.12
CA GLY D 208 -14.74 -29.29 -36.71
C GLY D 208 -14.71 -29.20 -38.23
N GLN D 209 -15.86 -29.02 -38.88
CA GLN D 209 -15.88 -28.81 -40.34
C GLN D 209 -15.60 -27.36 -40.68
N ASN D 210 -15.80 -26.47 -39.71
CA ASN D 210 -15.55 -25.05 -39.91
C ASN D 210 -15.20 -24.38 -38.61
N LEU D 211 -14.84 -23.10 -38.69
CA LEU D 211 -14.21 -22.43 -37.56
C LEU D 211 -15.15 -22.23 -36.35
N LYS D 212 -16.42 -21.93 -36.59
CA LYS D 212 -17.34 -21.65 -35.49
C LYS D 212 -17.59 -22.91 -34.64
N GLU D 213 -17.60 -24.08 -35.28
CA GLU D 213 -17.65 -25.33 -34.54
C GLU D 213 -16.34 -25.58 -33.72
N LEU D 214 -15.19 -25.33 -34.35
CA LEU D 214 -13.89 -25.36 -33.64
C LEU D 214 -13.89 -24.40 -32.45
N ARG D 215 -14.23 -23.15 -32.73
CA ARG D 215 -14.44 -22.13 -31.68
C ARG D 215 -15.27 -22.64 -30.50
N GLU D 216 -16.44 -23.20 -30.81
CA GLU D 216 -17.34 -23.69 -29.77
C GLU D 216 -16.64 -24.68 -28.86
N ARG D 217 -16.03 -25.67 -29.49
CA ARG D 217 -15.34 -26.72 -28.77
C ARG D 217 -14.19 -26.20 -27.95
N VAL D 218 -13.38 -25.30 -28.51
CA VAL D 218 -12.32 -24.69 -27.74
C VAL D 218 -12.87 -23.94 -26.53
N LEU D 219 -13.88 -23.09 -26.73
CA LEU D 219 -14.45 -22.32 -25.62
C LEU D 219 -15.02 -23.26 -24.56
N ARG D 220 -15.72 -24.29 -25.01
CA ARG D 220 -16.18 -25.34 -24.12
C ARG D 220 -15.03 -25.95 -23.32
N GLY D 221 -13.89 -26.16 -23.96
CA GLY D 221 -12.71 -26.69 -23.27
C GLY D 221 -12.75 -28.18 -22.98
N LYS D 222 -13.62 -28.92 -23.66
CA LYS D 222 -13.67 -30.35 -23.39
C LYS D 222 -13.12 -31.16 -24.56
N TYR D 223 -12.44 -32.26 -24.22
CA TYR D 223 -11.76 -33.11 -25.19
C TYR D 223 -11.70 -34.58 -24.70
N ARG D 224 -11.57 -35.49 -25.64
CA ARG D 224 -11.62 -36.89 -25.35
C ARG D 224 -10.24 -37.47 -25.14
N ILE D 225 -10.09 -38.24 -24.07
CA ILE D 225 -8.87 -38.97 -23.81
C ILE D 225 -9.04 -40.33 -24.43
N PRO D 226 -8.16 -40.70 -25.38
CA PRO D 226 -8.22 -42.03 -25.95
C PRO D 226 -7.86 -43.07 -24.91
N PHE D 227 -8.44 -44.26 -25.03
CA PHE D 227 -8.23 -45.33 -24.09
C PHE D 227 -6.75 -45.73 -23.88
N TYR D 228 -5.91 -45.63 -24.91
CA TYR D 228 -4.49 -46.06 -24.78
C TYR D 228 -3.66 -45.04 -24.00
N MET D 229 -4.15 -43.81 -23.87
CA MET D 229 -3.37 -42.78 -23.24
C MET D 229 -3.14 -43.08 -21.74
N SER D 230 -1.88 -42.95 -21.28
CA SER D 230 -1.55 -43.25 -19.87
C SER D 230 -2.22 -42.24 -18.94
N THR D 231 -2.48 -42.66 -17.71
CA THR D 231 -3.07 -41.77 -16.71
C THR D 231 -2.17 -40.54 -16.48
N ASP D 232 -0.87 -40.75 -16.42
CA ASP D 232 0.07 -39.65 -16.18
C ASP D 232 -0.02 -38.59 -17.29
N CYS D 233 -0.16 -39.07 -18.52
CA CYS D 233 -0.28 -38.20 -19.66
C CYS D 233 -1.57 -37.39 -19.59
N GLU D 234 -2.66 -38.06 -19.24
CA GLU D 234 -3.94 -37.39 -19.01
C GLU D 234 -3.81 -36.38 -17.88
N ASN D 235 -3.13 -36.76 -16.81
CA ASN D 235 -2.86 -35.83 -15.71
C ASN D 235 -2.01 -34.65 -16.17
N LEU D 236 -1.02 -34.87 -17.05
CA LEU D 236 -0.21 -33.74 -17.57
C LEU D 236 -1.06 -32.75 -18.39
N LEU D 237 -1.91 -33.28 -19.26
CA LEU D 237 -2.78 -32.45 -20.10
C LEU D 237 -3.73 -31.57 -19.28
N LYS D 238 -4.19 -32.10 -18.14
CA LYS D 238 -5.04 -31.34 -17.19
C LYS D 238 -4.36 -30.04 -16.74
N LYS D 239 -3.02 -30.01 -16.72
CA LYS D 239 -2.28 -28.84 -16.23
C LYS D 239 -2.04 -27.80 -17.34
N PHE D 240 -2.34 -28.17 -18.58
CA PHE D 240 -2.20 -27.24 -19.71
C PHE D 240 -3.58 -26.69 -20.11
N LEU D 241 -4.54 -27.60 -20.31
CA LEU D 241 -5.79 -27.24 -20.98
C LEU D 241 -6.88 -26.80 -20.00
N ILE D 242 -6.63 -25.67 -19.37
CA ILE D 242 -7.52 -25.06 -18.37
C ILE D 242 -8.09 -23.76 -18.95
N LEU D 243 -9.42 -23.61 -18.95
CA LEU D 243 -10.03 -22.44 -19.62
C LEU D 243 -9.60 -21.10 -19.00
N ASN D 244 -9.52 -21.08 -17.68
CA ASN D 244 -9.15 -19.87 -16.99
C ASN D 244 -7.62 -19.75 -17.02
N PRO D 245 -7.08 -18.69 -17.64
CA PRO D 245 -5.62 -18.57 -17.81
C PRO D 245 -4.83 -18.33 -16.53
N SER D 246 -5.49 -17.78 -15.52
CA SER D 246 -4.86 -17.69 -14.21
C SER D 246 -4.84 -19.06 -13.48
N LYS D 247 -5.64 -20.02 -13.94
CA LYS D 247 -5.60 -21.37 -13.37
C LYS D 247 -4.49 -22.27 -13.96
N ARG D 248 -3.89 -21.95 -15.09
CA ARG D 248 -2.87 -22.87 -15.61
C ARG D 248 -1.48 -22.46 -15.13
N GLY D 249 -0.68 -23.47 -14.82
CA GLY D 249 0.60 -23.25 -14.13
C GLY D 249 1.66 -22.83 -15.13
N THR D 250 2.74 -22.25 -14.61
CA THR D 250 3.88 -21.91 -15.43
C THR D 250 4.61 -23.16 -15.90
N LEU D 251 5.50 -22.95 -16.85
CA LEU D 251 6.24 -24.03 -17.43
C LEU D 251 7.26 -24.57 -16.42
N GLU D 252 7.76 -23.69 -15.54
CA GLU D 252 8.70 -24.10 -14.49
C GLU D 252 8.07 -25.10 -13.53
N GLN D 253 6.78 -24.96 -13.30
CA GLN D 253 6.01 -25.91 -12.51
C GLN D 253 5.82 -27.24 -13.26
N ILE D 254 5.30 -27.14 -14.48
CA ILE D 254 5.01 -28.29 -15.33
C ILE D 254 6.23 -29.18 -15.56
N MET D 255 7.44 -28.58 -15.52
CA MET D 255 8.70 -29.30 -15.67
C MET D 255 8.95 -30.34 -14.57
N LYS D 256 8.34 -30.14 -13.40
CA LYS D 256 8.43 -31.08 -12.30
C LYS D 256 7.45 -32.27 -12.41
N ASP D 257 6.59 -32.26 -13.43
CA ASP D 257 5.52 -33.26 -13.55
C ASP D 257 6.03 -34.68 -13.81
N ARG D 258 5.32 -35.65 -13.26
CA ARG D 258 5.69 -37.08 -13.32
C ARG D 258 5.96 -37.61 -14.75
N TRP D 259 4.98 -37.41 -15.64
CA TRP D 259 5.10 -37.85 -17.05
C TRP D 259 6.35 -37.28 -17.70
N MET D 260 6.59 -35.98 -17.48
CA MET D 260 7.75 -35.31 -18.06
C MET D 260 9.06 -36.00 -17.70
N ASN D 261 9.11 -36.64 -16.54
CA ASN D 261 10.38 -37.16 -16.04
C ASN D 261 10.53 -38.68 -15.95
N VAL D 262 9.56 -39.41 -16.49
CA VAL D 262 9.63 -40.87 -16.52
C VAL D 262 10.88 -41.27 -17.30
N GLY D 263 11.75 -42.03 -16.65
CA GLY D 263 13.03 -42.45 -17.24
C GLY D 263 14.11 -41.39 -17.11
N HIS D 264 13.82 -40.35 -16.33
CA HIS D 264 14.76 -39.29 -16.06
C HIS D 264 14.85 -39.06 -14.55
N GLU D 265 14.91 -40.17 -13.80
CA GLU D 265 14.89 -40.14 -12.34
C GLU D 265 16.07 -39.34 -11.79
N ASP D 266 17.22 -39.39 -12.47
CA ASP D 266 18.41 -38.63 -12.06
C ASP D 266 18.59 -37.28 -12.75
N ASP D 267 17.87 -37.04 -13.84
CA ASP D 267 17.98 -35.76 -14.54
C ASP D 267 16.63 -35.14 -14.86
N GLU D 268 16.00 -34.63 -13.81
CA GLU D 268 14.73 -33.90 -13.90
C GLU D 268 14.83 -32.74 -14.86
N LEU D 269 13.75 -32.41 -15.58
CA LEU D 269 13.75 -31.27 -16.50
C LEU D 269 13.78 -29.97 -15.70
N LYS D 270 14.75 -29.13 -16.02
CA LYS D 270 15.02 -27.88 -15.31
C LYS D 270 15.06 -26.71 -16.35
N PRO D 271 14.82 -25.45 -15.93
CA PRO D 271 15.01 -24.31 -16.81
C PRO D 271 16.39 -24.31 -17.40
N TYR D 272 16.47 -23.97 -18.69
CA TYR D 272 17.74 -23.87 -19.37
C TYR D 272 18.49 -22.66 -18.84
N VAL D 273 19.79 -22.80 -18.72
CA VAL D 273 20.70 -21.73 -18.35
C VAL D 273 21.47 -21.33 -19.59
N GLU D 274 21.23 -20.11 -20.03
CA GLU D 274 21.85 -19.55 -21.21
C GLU D 274 23.37 -19.50 -21.00
N PRO D 275 24.12 -19.98 -21.98
CA PRO D 275 25.56 -19.97 -21.84
C PRO D 275 26.10 -18.56 -21.98
N LEU D 276 27.21 -18.29 -21.31
CA LEU D 276 27.76 -16.95 -21.28
C LEU D 276 28.33 -16.66 -22.65
N PRO D 277 28.23 -15.41 -23.09
CA PRO D 277 28.76 -15.03 -24.39
C PRO D 277 30.27 -15.29 -24.43
N ASP D 278 30.77 -15.80 -25.56
CA ASP D 278 32.20 -15.98 -25.80
C ASP D 278 32.56 -15.42 -27.16
N TYR D 279 33.00 -14.16 -27.14
CA TYR D 279 33.30 -13.42 -28.33
C TYR D 279 34.80 -13.42 -28.65
N LYS D 280 35.62 -14.07 -27.83
CA LYS D 280 37.10 -14.04 -27.93
C LYS D 280 37.65 -15.48 -27.96
N ASP D 281 37.09 -16.30 -28.82
CA ASP D 281 37.51 -17.71 -28.94
C ASP D 281 38.78 -17.67 -29.76
N PRO D 282 39.90 -18.09 -29.18
CA PRO D 282 41.16 -17.99 -29.91
C PRO D 282 41.17 -18.75 -31.26
N ARG D 283 40.58 -19.93 -31.29
CA ARG D 283 40.61 -20.77 -32.47
C ARG D 283 39.83 -20.12 -33.61
N ARG D 284 38.57 -19.82 -33.37
CA ARG D 284 37.77 -19.16 -34.40
C ARG D 284 38.34 -17.83 -34.81
N THR D 285 39.01 -17.14 -33.89
CA THR D 285 39.50 -15.81 -34.24
C THR D 285 40.71 -15.89 -35.18
N GLU D 286 41.58 -16.86 -34.91
CA GLU D 286 42.73 -17.18 -35.76
C GLU D 286 42.26 -17.55 -37.16
N LEU D 287 41.32 -18.48 -37.22
CA LEU D 287 40.74 -18.88 -38.50
C LEU D 287 40.25 -17.70 -39.32
N MET D 288 39.58 -16.75 -38.67
CA MET D 288 39.02 -15.59 -39.36
C MET D 288 40.04 -14.59 -39.79
N VAL D 289 41.07 -14.39 -38.96
CA VAL D 289 42.17 -13.54 -39.31
C VAL D 289 42.89 -14.10 -40.56
N SER D 290 42.91 -15.42 -40.71
CA SER D 290 43.56 -16.06 -41.86
C SER D 290 42.68 -15.94 -43.08
N MET D 291 41.36 -15.82 -42.86
CA MET D 291 40.44 -15.49 -43.92
C MET D 291 40.58 -14.04 -44.32
N GLY D 292 41.25 -13.23 -43.51
CA GLY D 292 41.44 -11.83 -43.81
C GLY D 292 40.64 -10.86 -42.95
N TYR D 293 39.87 -11.34 -41.99
CA TYR D 293 39.22 -10.40 -41.06
C TYR D 293 40.23 -9.85 -40.05
N THR D 294 39.81 -8.84 -39.30
CA THR D 294 40.61 -8.30 -38.19
C THR D 294 39.93 -8.58 -36.85
N ARG D 295 40.72 -8.62 -35.77
CA ARG D 295 40.22 -8.88 -34.42
C ARG D 295 39.25 -7.80 -33.97
N GLU D 296 39.50 -6.61 -34.48
CA GLU D 296 38.80 -5.41 -34.09
C GLU D 296 37.40 -5.43 -34.72
N GLU D 297 37.30 -5.84 -35.99
CA GLU D 297 35.99 -5.91 -36.65
C GLU D 297 35.18 -7.11 -36.12
N ILE D 298 35.88 -8.15 -35.68
CA ILE D 298 35.21 -9.26 -35.06
C ILE D 298 34.63 -8.81 -33.71
N GLN D 299 35.43 -8.08 -32.93
CA GLN D 299 34.96 -7.59 -31.65
C GLN D 299 33.76 -6.65 -31.79
N ASP D 300 33.86 -5.68 -32.67
CA ASP D 300 32.80 -4.72 -32.97
C ASP D 300 31.53 -5.47 -33.35
N SER D 301 31.70 -6.51 -34.16
CA SER D 301 30.56 -7.26 -34.68
C SER D 301 29.82 -8.06 -33.63
N LEU D 302 30.57 -8.73 -32.76
CA LEU D 302 29.96 -9.61 -31.79
C LEU D 302 29.45 -8.82 -30.56
N VAL D 303 30.27 -7.91 -30.07
CA VAL D 303 29.88 -7.11 -28.89
C VAL D 303 28.61 -6.31 -29.25
N GLY D 304 28.60 -5.74 -30.46
CA GLY D 304 27.44 -5.01 -30.94
C GLY D 304 26.33 -5.91 -31.46
N GLN D 305 26.45 -7.23 -31.31
CA GLN D 305 25.49 -8.23 -31.84
C GLN D 305 24.87 -7.82 -33.18
N ARG D 306 25.71 -7.54 -34.16
CA ARG D 306 25.24 -6.94 -35.40
C ARG D 306 24.63 -7.93 -36.37
N TYR D 307 24.86 -9.22 -36.17
CA TYR D 307 24.42 -10.23 -37.16
C TYR D 307 24.76 -9.83 -38.60
N ASN D 308 25.95 -9.25 -38.79
CA ASN D 308 26.46 -8.89 -40.12
C ASN D 308 27.31 -10.06 -40.67
N GLU D 309 28.08 -9.84 -41.74
CA GLU D 309 28.84 -10.95 -42.38
C GLU D 309 29.91 -11.55 -41.47
N VAL D 310 30.52 -10.67 -40.66
CA VAL D 310 31.61 -11.03 -39.77
C VAL D 310 31.09 -11.94 -38.68
N MET D 311 30.06 -11.47 -37.99
CA MET D 311 29.47 -12.24 -36.90
C MET D 311 29.01 -13.59 -37.43
N ALA D 312 28.43 -13.60 -38.61
CA ALA D 312 27.89 -14.82 -39.18
C ALA D 312 29.01 -15.84 -39.38
N THR D 313 30.15 -15.39 -39.89
CA THR D 313 31.28 -16.28 -40.09
C THR D 313 31.76 -16.86 -38.74
N TYR D 314 31.86 -16.00 -37.72
CA TYR D 314 32.28 -16.45 -36.38
C TYR D 314 31.30 -17.53 -35.81
N LEU D 315 29.99 -17.29 -35.89
CA LEU D 315 28.97 -18.27 -35.41
C LEU D 315 29.00 -19.56 -36.24
N LEU D 316 29.16 -19.45 -37.56
CA LEU D 316 29.15 -20.66 -38.40
C LEU D 316 30.43 -21.49 -38.19
N LEU D 317 31.57 -20.86 -37.92
CA LEU D 317 32.76 -21.63 -37.51
C LEU D 317 32.52 -22.39 -36.20
N GLY D 318 31.51 -22.02 -35.42
CA GLY D 318 31.27 -22.67 -34.14
C GLY D 318 30.47 -23.94 -34.27
N TYR D 319 30.85 -24.78 -35.23
CA TYR D 319 30.14 -26.03 -35.56
C TYR D 319 31.11 -27.22 -35.65
N PHE E 68 25.67 20.35 3.67
CA PHE E 68 27.08 20.48 3.23
C PHE E 68 27.22 21.21 1.89
N PRO E 69 28.33 21.92 1.69
CA PRO E 69 28.55 22.64 0.42
C PRO E 69 28.42 21.79 -0.85
N LEU E 70 27.72 22.33 -1.83
CA LEU E 70 27.47 21.66 -3.06
C LEU E 70 28.80 21.51 -3.78
N LYS E 71 29.26 20.29 -4.01
CA LYS E 71 30.44 20.12 -4.85
C LYS E 71 30.41 18.82 -5.67
N ARG E 72 31.07 18.85 -6.81
CA ARG E 72 31.16 17.67 -7.69
C ARG E 72 31.96 16.57 -7.06
N HIS E 73 31.44 15.35 -7.14
CA HIS E 73 32.22 14.15 -6.81
C HIS E 73 32.38 13.28 -8.04
N ASP E 74 33.45 12.50 -8.09
CA ASP E 74 33.63 11.48 -9.12
C ASP E 74 32.54 10.40 -9.06
N LYS E 75 32.03 10.00 -10.22
CA LYS E 75 31.27 8.73 -10.39
C LYS E 75 32.14 7.57 -9.90
N VAL E 76 31.54 6.50 -9.39
CA VAL E 76 32.26 5.34 -8.91
C VAL E 76 31.56 4.07 -9.38
N ASP E 77 32.30 3.11 -9.94
CA ASP E 77 31.73 1.87 -10.45
C ASP E 77 31.29 0.92 -9.33
N ASP E 78 31.99 0.93 -8.19
CA ASP E 78 31.70 -0.02 -7.11
C ASP E 78 31.82 0.62 -5.74
N LEU E 79 30.71 1.17 -5.28
CA LEU E 79 30.67 1.95 -4.06
C LEU E 79 30.86 1.12 -2.80
N SER E 80 30.77 -0.20 -2.90
CA SER E 80 31.02 -1.07 -1.74
C SER E 80 32.48 -1.05 -1.23
N LYS E 81 33.34 -0.24 -1.85
CA LYS E 81 34.74 -0.06 -1.43
C LYS E 81 35.15 1.41 -1.33
N PHE F 68 -1.20 14.80 16.74
CA PHE F 68 -1.14 14.33 18.18
C PHE F 68 -2.47 14.14 18.90
N PRO F 69 -2.61 13.04 19.65
CA PRO F 69 -3.93 12.86 20.16
C PRO F 69 -4.34 13.72 21.35
N LEU F 70 -5.65 13.88 21.37
CA LEU F 70 -6.35 14.81 22.20
C LEU F 70 -6.21 14.34 23.60
N LYS F 71 -5.58 15.12 24.45
CA LYS F 71 -5.60 14.85 25.86
C LYS F 71 -5.64 16.18 26.61
N ARG F 72 -6.10 16.13 27.86
CA ARG F 72 -6.21 17.32 28.67
C ARG F 72 -4.85 17.66 29.22
N HIS F 73 -4.53 18.95 29.27
CA HIS F 73 -3.34 19.45 29.92
C HIS F 73 -3.75 20.45 30.98
N ASP F 74 -2.97 20.54 32.05
CA ASP F 74 -3.20 21.51 33.10
C ASP F 74 -3.12 22.96 32.58
N LYS F 75 -4.00 23.85 33.08
CA LYS F 75 -3.85 25.30 32.93
C LYS F 75 -2.53 25.67 33.59
N VAL F 76 -1.93 26.78 33.17
CA VAL F 76 -0.62 27.21 33.65
C VAL F 76 -0.63 28.75 33.83
N ASP F 77 -0.26 29.23 35.02
CA ASP F 77 -0.30 30.68 35.30
C ASP F 77 0.80 31.48 34.59
N ASP F 78 1.97 30.86 34.41
CA ASP F 78 3.13 31.50 33.78
C ASP F 78 3.83 30.52 32.83
N LEU F 79 3.48 30.62 31.55
CA LEU F 79 3.96 29.70 30.54
C LEU F 79 5.46 29.92 30.19
N SER F 80 6.04 31.04 30.60
CA SER F 80 7.48 31.27 30.40
C SER F 80 8.41 30.20 31.00
N LYS F 81 7.85 29.08 31.48
CA LYS F 81 8.58 27.79 31.67
C LYS F 81 7.79 26.54 31.17
N PHE G 68 -6.55 -40.29 34.57
CA PHE G 68 -6.11 -40.97 33.31
C PHE G 68 -5.09 -40.14 32.54
N PRO G 69 -4.10 -40.80 31.89
CA PRO G 69 -3.06 -40.04 31.18
C PRO G 69 -3.62 -39.11 30.13
N LEU G 70 -3.05 -37.93 30.03
CA LEU G 70 -3.53 -36.92 29.13
C LEU G 70 -3.13 -37.30 27.71
N LYS G 71 -4.10 -37.47 26.83
CA LYS G 71 -3.80 -37.79 25.43
C LYS G 71 -4.86 -37.21 24.51
N ARG G 72 -4.47 -36.89 23.28
CA ARG G 72 -5.44 -36.42 22.28
C ARG G 72 -6.45 -37.47 21.90
N HIS G 73 -7.70 -37.05 21.73
CA HIS G 73 -8.79 -37.88 21.20
C HIS G 73 -9.39 -37.16 20.02
N ASP G 74 -9.79 -37.87 19.00
CA ASP G 74 -10.41 -37.27 17.84
C ASP G 74 -11.74 -36.59 18.18
N LYS G 75 -12.04 -35.50 17.48
CA LYS G 75 -13.36 -34.89 17.53
C LYS G 75 -14.35 -35.88 16.90
N VAL G 76 -15.55 -35.93 17.46
CA VAL G 76 -16.61 -36.80 16.94
C VAL G 76 -17.84 -35.99 16.55
N ASP G 77 -18.36 -36.19 15.35
CA ASP G 77 -19.62 -35.54 14.97
C ASP G 77 -20.83 -36.08 15.78
N ASP G 78 -20.92 -37.40 15.98
CA ASP G 78 -22.09 -38.01 16.64
C ASP G 78 -21.73 -38.94 17.80
N LEU G 79 -21.66 -38.36 19.00
CA LEU G 79 -21.22 -39.07 20.19
C LEU G 79 -22.18 -40.19 20.64
N SER G 80 -23.39 -40.22 20.08
CA SER G 80 -24.33 -41.36 20.24
C SER G 80 -23.78 -42.74 19.83
N LYS G 81 -22.57 -42.76 19.25
CA LYS G 81 -21.73 -43.97 19.23
C LYS G 81 -20.34 -43.61 19.76
N PHE H 68 -9.91 -35.60 -33.70
CA PHE H 68 -10.03 -34.99 -35.06
C PHE H 68 -8.77 -35.08 -35.95
N PRO H 69 -8.96 -35.32 -37.26
CA PRO H 69 -7.79 -35.54 -38.15
C PRO H 69 -6.81 -34.36 -38.26
N LEU H 70 -5.52 -34.70 -38.20
CA LEU H 70 -4.44 -33.70 -38.27
C LEU H 70 -4.49 -32.98 -39.57
N LYS H 71 -4.68 -31.67 -39.51
CA LYS H 71 -4.96 -30.87 -40.70
C LYS H 71 -4.31 -29.50 -40.51
N ARG H 72 -3.71 -28.95 -41.57
CA ARG H 72 -3.14 -27.59 -41.51
C ARG H 72 -4.27 -26.58 -41.46
N HIS H 73 -4.07 -25.49 -40.72
CA HIS H 73 -5.03 -24.36 -40.66
C HIS H 73 -4.28 -23.06 -40.86
N ASP H 74 -4.90 -22.12 -41.56
CA ASP H 74 -4.30 -20.82 -41.80
C ASP H 74 -3.99 -20.13 -40.48
N LYS H 75 -2.88 -19.41 -40.42
CA LYS H 75 -2.60 -18.45 -39.34
C LYS H 75 -3.70 -17.38 -39.40
N VAL H 76 -4.00 -16.77 -38.25
CA VAL H 76 -5.06 -15.75 -38.16
C VAL H 76 -4.65 -14.57 -37.26
N ASP H 77 -4.82 -13.36 -37.77
CA ASP H 77 -4.35 -12.15 -37.07
C ASP H 77 -5.23 -11.81 -35.87
N ASP H 78 -6.55 -11.93 -36.06
CA ASP H 78 -7.50 -11.65 -35.01
C ASP H 78 -8.50 -12.79 -34.92
N LEU H 79 -8.35 -13.58 -33.85
CA LEU H 79 -9.15 -14.78 -33.65
C LEU H 79 -10.59 -14.49 -33.24
N SER H 80 -10.86 -13.29 -32.72
CA SER H 80 -12.25 -12.91 -32.36
C SER H 80 -13.14 -12.59 -33.57
N LYS H 81 -13.20 -13.54 -34.51
CA LYS H 81 -14.10 -13.50 -35.68
C LYS H 81 -14.44 -14.93 -36.09
#